data_7KIY
#
_entry.id   7KIY
#
_cell.length_a   1.00
_cell.length_b   1.00
_cell.length_c   1.00
_cell.angle_alpha   90.00
_cell.angle_beta   90.00
_cell.angle_gamma   90.00
#
_symmetry.space_group_name_H-M   'P 1'
#
loop_
_entity.id
_entity.type
_entity.pdbx_description
1 polymer 'Cytoadherence linked asexual protein 3'
2 polymer 'High molecular weight rhoptry protein-2'
3 polymer 'High molecular weight rhoptry protein 3'
#
loop_
_entity_poly.entity_id
_entity_poly.type
_entity_poly.pdbx_seq_one_letter_code
_entity_poly.pdbx_strand_id
1 'polypeptide(L)'
;MVSFFKTPIIIFFFLLCLNEKVLCSINENENLGENKNENANVNTPENLNKLLNEYDNIEQLKSMIGNDELHKNLTILEKL
ILESLEKDKLKYPLLKQGTEQLIDISKFNKKNITDADDETYIIPTVQSSFHDIVKYEHLIKEQSIEIYNSDISDKIKKKI
FIVRTLKTIKLMLIPLNSYKQNNDLKSALEELNNVFTNKEAQKESSPIGDHGTFFRKLLTHVRTIKENEDIENKGETLIL
GDNKIDVMNSNDFFFTTNSNVKFMENLDDITNQYGLGLINHLGPHLIALGHFTVLKLALKNYKNYFEAKSIKFFSWQKIL
EFSMSDRFKVLDMMCDHESVYYSEKKRRKTYLKVDRSNTSMECNILEYLLHYFNKYQLEIIKTTQDTDFDLHGMMEHKYI
KDYFFSFMCNDPKECIIYHTNQFKKEANEENTFPEQEEPNRQISAFNLYLNYYYFMKRYSSYGVKKTLYVHLLNLTGLLN
YDTRSYVTSLYLPGYYNAVEMSFTEEKEFSKLFESLIQCIEKCHSDQARQISKDSNLLNDITKCDLCKGAFLYSNMKFDE
VPSMLQKFYLYLTKGLKIQKVSSLIKTLDIYQDYSNFLSHDINWYTFLFLFRLTSFKEISKKNVAEAMYLNIKDEDTFNK
TIVTNYWYPSPIKKYYTLYVRKHIPNNLVDELEKLMKSGTLEKMKKSLTFLVHVNSFLQLDFFHQLNEPPLGLPRSYPLS
LVLEHKFKEWMDSSPAGFYFSNYQNPYVRKDLHDKVLSQKFEPPKMNQWNKVLKSLIECAYDMYFEQRHVKNLYKYHNIY
NINNKLMLMRDSIDLYKTHFDDVLFFADIFNMRKYMTATPVYKKVKDRVYHTLHSITGNSVNFYKYGIIYGFKVNKEILK
EVVDELYSIYNFNTDIFTDTSFLQTVYLLFRRIEETYRTQRRDDKISVNNVFFMNVANNYSKLNKEEREIEIHNSMASRY
YAKTMFAAFQMLFSTMLSNNVDNLDKAYGLSENIQVATSTSAFLTFAYVYNGSIMDSVTNSLLPPYAKKPITQLKYGKTF
VFSNYFMLASKMYDMLNYKNLSLLCEYQAVASANFYSAKKVGQFIGRKFLPITTYFLVMRISWTHAFTTGQHLIAAFDPL
NTNTSPKPNGGSGIYKSPESFFFTHALAAEASKYLFFYFFTNLYLDAYKSFPGGFGPAIKEQTQHVQEQTYERKPSVHSF
NRNFFMELANGFMYAFCFFAISQMYAYFENINFYITSNFRFLDRYYGVFNKYFINYARIKLKEITSDLLIKYEREAYLSM
KKYGYLGEVIAARLSPKDKIMNYVHETNDDVMSNLRRYDMENAFKNKMSTYVDDFAFFDDCGKNEQFLNERCDYCPVIEE
VEETELFTTTGDKNTNKTTEIKKQTSTYIDTEKMNEADSADSDDEKDSDTPDNELMIARFHGAGHHHHHHHHHHDYKDDD
DKGLVPRGSAAAAYPYDVPDYASAWSHPQFEKGGGSGGGSGGSAWSHPQFEKGPDRKAAVSHWQQ
;
A
2 'polypeptide(L)'
;MIKVTIFLLLSIFSFNLYGLELNEKVSIKYGAEQGVGSADSNTKLCSDILKYLYMDEYLSEGDKATFEKKCHNVIGNIRN
TFSNKNTIKEGNEFLMSILHMKSLYGNNNNNNAGSESDVTLKSLYLSLKGSQNTEGESEVPSDDEINKTIMNFVKFNKYL
LDNSNDIKKVHDFLVLTSQSNENLLPNKEKLFEQIVDQIKYFDEYFFASGGKIKVKKGYLKYNFLDIYKQPVCSAYLHLC
SRYYESVSIYIRLKKVFNGIPAFLDKNCRKVKGEEFKKLMDMELKHNHIVERFDKYIISDDLYYVNMKVFDLKNVDKIQV
SKIDDINNLNIYEHKETMHLSAKNLSRYIDIKKELNDEKAYKQLMSAIRKYVTTLTKADSDITYFVKQLDDEEIERFLID
LNFFLYNGFLRITEDKHLINADDVSPSYINLYRSNNIVALYILKTQYEENKLSEYRAHKFYRRKRVSNITNDMIKKDFTQ
TNALTNLPNLDNKKTTEYYLKEYENFVENFQPDLHDIMKLQLFFTMAFKDCNVNQNFTETSKKLWFDLLYAYDKFGWFYI
HPNEVINSINKTDFVRHVLVSRNFLLKNNDQLTFLETQVAKIVEIINLSLEVDKSPDSLDFSIPMNFFNHKNGYHVMNDD
KLKLLTSYEYIDSIANNYFFLSEYKNDVFRTGNNFKLYFNLPNIYSLAYQLFNELAININVITNVPLKKYLKYNASYAYF
TLMNMIGKNHDIYSKGSRFVYASYILGLVFFIESHIDIARLKPKDFFFMKQSLPIIDHVYHKDLKTLKKNCTLLTDFMKI
NKNSQNYSLTHTEEMIKILGLLTVTLWAKEGKKSVYYDDDVSLYRKLMVSCVFNGGETIQEKLANNIEKSCDISQYGIKS
KNLKDMIDINLSIHKWNPAEIEKLAYSFVLSCKMQKLMYKPMNVEKLPLEDYYKLPLAPDMVKTYHCYKLGKQAAKLLES
IILKKKFVRFRVTDAIDVYDFFYIKKVLSSHIKKEYNEFLQDKRAFEKKELETILNNSPFSEEQTMKLINSYECHWFTSY
ENFRILWMHASSNLGTGTYLKNFFSELWQNIRFLFKSKLKIRDMEYFSGDISQMNLLDYYSPMVHSESHCQEKMQVLFIT
LRDSKEENRSEIAQKVKSAYYQCKLDYYKNHHSDFIHRIHPNDFLNNKVYVLKQPYYLMSNVPLNNPKKVSRLFVTEGTL
EYLLLDKINIPECFGPCTKLHFNKVVIKESKQRIYDMTINNALVPEIQPYNRRKYMTIYINEAYIKNIVSDALTSEEIKR
HDIQKGNIKICMGKSTYLTEPILTEEHFNLTHKPVYDFSSVKHNLKVFHMKNEHLVSEDPNDDCFINYPLATINLDISDP
YKEISEDLIKNLYILKSS
;
B
3 'polypeptide(L)'
;MRSKHLVTLFIITFLSFSTVKVWGKDVFAGFVTKKLKTLLDCNFALYYNFKGNGPDAGSFLDFVDEPEQFYWFVEHFLSV
KFRVPKHLKDKNIHNFTPCLNRSWVSEFLKEYEEPFVNPVMKFLDKEQRLFFTYNFGDVEPQGKYTYFPVKEFHKYCILP
PLIKTNIKDGESGEFLKYQLNKEEYKVFLSSVGSQMTAIKNLYSTVEDEQRKQLLKVIIENESTNDISVQCPTYNIKLHY
TKECANSNNILKCIDEFLRKTCEKKTESKHPSADLCEHLQFLFESLKNPYLDNFKKFMTNSDFTLIKPQSVWNVPIFDIY
KPKNYLDSVQNLDTECFKKLNSKNLIFLSFHDDIPNNPYYNVELQEIVKLSTYTYSIFDKLYNFFFVFKKSGAPISPVSV
KELSHNITDFSFKEDNSEIQCQNVRKSLDLEVDVETMKGIAAEKLCKIIEKFILTKDDASKPEKSDIHRGFRILCILIST
HVEAYNIVRQLLNMESMISLTRYTSLYIHKFFKSVTLLKGNFLYKNNKAIRYSRACSKASLHVPSVLYRRNIYIPETFLS
LYLGLSNLVSSNPSSPFFEYAIIEFLVTYYNKGSEKFVLYFISIISVLYINEYYYEQLSCFYPKEFELIKSRMIHPNIVD
RILKGIDNLMKSTRYDKMRTMYLDFESSDIFSREKVFTALYNFDSFIKTNEQLKKKNLEEISEIPVQLETSNDGIGYRKQ
DVLYETDKPQTMDEASYEETVDEDAHHVNEKQHSAHFLDAIAEKDILEEKTKDQDLEIELYKYMGPLKEQSKSTSAASTS
DELAGSEGPSTESTSTGNQGEDKTTDNTYKEMEELEEAEGTSNLKKGLEFYKSSLKLDQLDKEKPKKKKSKRKKKRDSSS
DRILLEESKTFTSENEL
;
C
#
# COMPACT_ATOMS: atom_id res chain seq x y z
N ASP A 56 33.57 -6.23 42.39
CA ASP A 56 34.95 -5.90 42.67
C ASP A 56 35.74 -5.89 41.38
N ASN A 57 36.56 -4.86 41.18
CA ASN A 57 37.24 -4.68 39.90
C ASN A 57 38.16 -5.84 39.57
N ILE A 58 38.84 -6.40 40.57
CA ILE A 58 39.79 -7.47 40.31
C ILE A 58 39.07 -8.73 39.87
N GLU A 59 37.97 -9.08 40.55
CA GLU A 59 37.20 -10.25 40.15
C GLU A 59 36.49 -10.06 38.82
N GLN A 60 36.33 -8.82 38.37
CA GLN A 60 35.77 -8.57 37.05
C GLN A 60 36.82 -8.63 35.95
N LEU A 61 38.06 -8.23 36.26
CA LEU A 61 39.13 -8.41 35.28
C LEU A 61 39.51 -9.87 35.14
N LYS A 62 39.48 -10.62 36.24
CA LYS A 62 39.85 -12.03 36.17
C LYS A 62 38.90 -12.81 35.28
N SER A 63 37.70 -12.29 35.05
CA SER A 63 36.75 -12.99 34.19
C SER A 63 37.23 -12.99 32.74
N MET A 64 37.95 -11.95 32.33
CA MET A 64 38.36 -11.83 30.94
C MET A 64 39.69 -12.54 30.69
N ILE A 65 40.65 -12.40 31.59
CA ILE A 65 42.01 -12.86 31.35
C ILE A 65 42.46 -13.89 32.37
N GLY A 66 41.55 -14.39 33.21
CA GLY A 66 41.95 -15.37 34.20
C GLY A 66 40.93 -16.45 34.47
N ASN A 67 40.07 -16.73 33.48
CA ASN A 67 38.95 -17.64 33.66
C ASN A 67 39.35 -19.02 33.15
N ASP A 68 39.03 -20.06 33.94
CA ASP A 68 39.33 -21.42 33.53
C ASP A 68 38.24 -22.00 32.63
N GLU A 69 36.99 -21.63 32.88
CA GLU A 69 35.90 -22.12 32.04
C GLU A 69 36.00 -21.55 30.63
N LEU A 70 36.28 -20.27 30.51
CA LEU A 70 36.50 -19.66 29.20
C LEU A 70 37.66 -20.33 28.49
N HIS A 71 38.75 -20.61 29.22
CA HIS A 71 39.90 -21.30 28.66
C HIS A 71 39.52 -22.66 28.09
N LYS A 72 38.81 -23.46 28.89
CA LYS A 72 38.41 -24.80 28.45
C LYS A 72 37.53 -24.74 27.21
N ASN A 73 36.55 -23.83 27.21
CA ASN A 73 35.63 -23.76 26.08
C ASN A 73 36.35 -23.29 24.81
N LEU A 74 37.24 -22.30 24.93
CA LEU A 74 38.02 -21.86 23.77
C LEU A 74 38.88 -22.99 23.22
N THR A 75 39.46 -23.81 24.10
CA THR A 75 40.26 -24.93 23.62
C THR A 75 39.39 -25.95 22.88
N ILE A 76 38.20 -26.23 23.40
CA ILE A 76 37.29 -27.16 22.73
C ILE A 76 36.97 -26.66 21.33
N LEU A 77 36.61 -25.38 21.21
CA LEU A 77 36.23 -24.85 19.90
C LEU A 77 37.42 -24.84 18.94
N GLU A 78 38.62 -24.54 19.44
CA GLU A 78 39.80 -24.58 18.57
C GLU A 78 40.04 -25.98 18.03
N LYS A 79 39.95 -26.99 18.91
CA LYS A 79 40.11 -28.36 18.45
C LYS A 79 39.07 -28.71 17.39
N LEU A 80 37.83 -28.31 17.61
CA LEU A 80 36.77 -28.59 16.64
C LEU A 80 37.08 -27.97 15.29
N ILE A 81 37.51 -26.70 15.28
CA ILE A 81 37.78 -26.04 14.01
C ILE A 81 38.94 -26.69 13.28
N LEU A 82 40.01 -27.04 14.00
CA LEU A 82 41.13 -27.69 13.32
C LEU A 82 40.74 -29.06 12.76
N GLU A 83 40.02 -29.85 13.55
CA GLU A 83 39.59 -31.16 13.09
C GLU A 83 38.60 -31.07 11.93
N SER A 84 37.88 -29.96 11.81
CA SER A 84 37.04 -29.72 10.64
C SER A 84 37.83 -29.21 9.45
N LEU A 85 38.97 -28.56 9.68
CA LEU A 85 39.82 -28.13 8.58
C LEU A 85 40.55 -29.30 7.96
N GLU A 86 40.96 -30.29 8.75
CA GLU A 86 41.71 -31.41 8.16
C GLU A 86 40.79 -32.32 7.33
N LYS A 87 39.69 -32.78 7.91
CA LYS A 87 38.79 -33.68 7.23
C LYS A 87 37.81 -32.93 6.32
N ASP A 88 38.34 -32.23 5.33
CA ASP A 88 37.54 -31.41 4.43
C ASP A 88 37.32 -32.14 3.11
N LYS A 89 36.68 -31.45 2.17
CA LYS A 89 36.54 -31.94 0.81
C LYS A 89 37.37 -31.13 -0.18
N LEU A 90 37.32 -29.81 -0.09
CA LEU A 90 38.19 -28.94 -0.87
C LEU A 90 39.46 -28.69 -0.07
N LYS A 91 40.61 -28.91 -0.71
CA LYS A 91 41.90 -28.83 -0.04
C LYS A 91 42.83 -27.93 -0.84
N TYR A 92 42.72 -26.63 -0.60
CA TYR A 92 43.61 -25.55 -1.00
C TYR A 92 44.64 -25.34 0.12
N PRO A 93 45.26 -24.15 0.22
CA PRO A 93 46.70 -24.00 -0.04
C PRO A 93 47.57 -25.21 0.16
N LEU A 94 48.32 -25.47 -0.91
CA LEU A 94 49.34 -26.50 -1.03
C LEU A 94 50.67 -25.83 -1.33
N LEU A 95 51.72 -26.63 -1.39
CA LEU A 95 53.08 -26.09 -1.45
C LEU A 95 53.45 -25.56 -2.83
N LYS A 96 54.76 -25.38 -3.05
CA LYS A 96 55.46 -24.92 -4.25
C LYS A 96 55.41 -23.40 -4.39
N GLN A 97 54.74 -22.68 -3.49
CA GLN A 97 54.94 -21.24 -3.38
C GLN A 97 56.25 -21.02 -2.63
N GLY A 98 56.47 -19.80 -2.16
CA GLY A 98 57.57 -19.59 -1.24
C GLY A 98 57.49 -20.57 -0.08
N THR A 99 56.53 -20.37 0.82
CA THR A 99 56.03 -21.38 1.74
C THR A 99 57.09 -21.84 2.75
N GLU A 100 58.31 -21.37 2.58
CA GLU A 100 59.35 -21.50 3.60
C GLU A 100 59.90 -20.16 4.03
N GLN A 101 60.23 -19.28 3.07
CA GLN A 101 60.50 -17.89 3.41
C GLN A 101 59.22 -17.11 3.63
N LEU A 102 58.10 -17.58 3.07
CA LEU A 102 56.80 -16.96 3.27
C LEU A 102 56.16 -17.41 4.58
N ILE A 103 56.01 -18.72 4.77
CA ILE A 103 55.35 -19.26 5.95
C ILE A 103 56.27 -20.28 6.60
N ASP A 104 56.10 -20.46 7.91
CA ASP A 104 56.97 -21.35 8.67
C ASP A 104 56.33 -22.73 8.79
N ILE A 105 56.93 -23.72 8.11
CA ILE A 105 56.37 -25.07 8.10
C ILE A 105 56.63 -25.82 9.40
N SER A 106 57.53 -25.34 10.25
CA SER A 106 57.83 -26.05 11.48
C SER A 106 56.66 -26.03 12.46
N LYS A 107 55.72 -25.10 12.30
CA LYS A 107 54.55 -25.02 13.15
C LYS A 107 53.31 -25.65 12.53
N PHE A 108 53.35 -26.00 11.26
CA PHE A 108 52.20 -26.52 10.55
C PHE A 108 52.27 -28.04 10.44
N ASN A 109 51.29 -28.61 9.75
CA ASN A 109 51.12 -30.06 9.66
C ASN A 109 50.74 -30.39 8.23
N LYS A 110 51.61 -31.12 7.52
CA LYS A 110 51.37 -31.46 6.14
C LYS A 110 50.64 -32.80 6.01
N LYS A 111 49.72 -32.86 5.05
CA LYS A 111 49.02 -34.08 4.68
C LYS A 111 49.15 -34.27 3.18
N ASN A 112 48.83 -35.47 2.71
CA ASN A 112 49.03 -35.85 1.32
C ASN A 112 47.69 -36.08 0.64
N ILE A 113 47.57 -35.58 -0.58
CA ILE A 113 46.34 -35.72 -1.36
C ILE A 113 46.36 -37.06 -2.07
N THR A 114 45.26 -37.79 -2.00
CA THR A 114 45.12 -39.05 -2.71
C THR A 114 44.46 -38.83 -4.07
N ASP A 115 44.19 -39.95 -4.75
CA ASP A 115 43.60 -39.95 -6.10
C ASP A 115 44.52 -39.31 -7.13
N ALA A 116 45.60 -38.69 -6.66
CA ALA A 116 46.64 -38.09 -7.49
C ALA A 116 47.76 -37.61 -6.58
N ASP A 117 49.00 -37.77 -7.02
CA ASP A 117 50.17 -37.27 -6.29
C ASP A 117 50.54 -35.87 -6.74
N ASP A 118 49.60 -34.93 -6.68
CA ASP A 118 49.89 -33.56 -7.12
C ASP A 118 50.82 -32.86 -6.13
N GLU A 119 50.37 -32.66 -4.90
CA GLU A 119 51.20 -32.01 -3.89
C GLU A 119 50.57 -32.25 -2.53
N THR A 120 51.08 -31.53 -1.53
CA THR A 120 50.64 -31.65 -0.14
C THR A 120 50.14 -30.29 0.33
N TYR A 121 49.06 -30.29 1.10
CA TYR A 121 48.47 -29.05 1.59
C TYR A 121 48.76 -28.87 3.07
N ILE A 122 48.57 -27.64 3.54
CA ILE A 122 49.01 -27.22 4.85
C ILE A 122 47.83 -27.13 5.79
N ILE A 123 48.08 -27.37 7.08
CA ILE A 123 47.06 -27.33 8.12
C ILE A 123 47.69 -26.72 9.37
N PRO A 124 47.03 -25.77 10.04
CA PRO A 124 47.58 -25.23 11.29
C PRO A 124 47.55 -26.27 12.39
N THR A 125 48.21 -25.94 13.49
CA THR A 125 48.27 -26.85 14.62
C THR A 125 47.87 -26.12 15.90
N VAL A 126 47.93 -26.83 17.04
CA VAL A 126 47.60 -26.22 18.33
C VAL A 126 48.71 -25.30 18.81
N GLN A 127 49.92 -25.42 18.27
CA GLN A 127 51.05 -24.61 18.68
C GLN A 127 51.34 -23.46 17.73
N SER A 128 50.49 -23.22 16.74
CA SER A 128 50.69 -22.10 15.83
C SER A 128 50.34 -20.80 16.53
N SER A 129 51.15 -19.77 16.29
CA SER A 129 50.97 -18.49 16.93
C SER A 129 49.97 -17.63 16.15
N PHE A 130 49.88 -16.36 16.49
CA PHE A 130 48.89 -15.48 15.87
C PHE A 130 49.29 -15.11 14.45
N HIS A 131 50.56 -14.78 14.22
CA HIS A 131 50.97 -14.33 12.90
C HIS A 131 51.06 -15.49 11.90
N ASP A 132 51.33 -16.70 12.39
CA ASP A 132 51.19 -17.87 11.54
C ASP A 132 49.77 -17.95 10.98
N ILE A 133 48.77 -17.71 11.81
CA ILE A 133 47.39 -17.79 11.35
C ILE A 133 47.06 -16.62 10.43
N VAL A 134 47.66 -15.46 10.66
CA VAL A 134 47.48 -14.35 9.72
C VAL A 134 47.93 -14.76 8.32
N LYS A 135 49.15 -15.28 8.22
CA LYS A 135 49.66 -15.66 6.91
C LYS A 135 48.87 -16.82 6.30
N TYR A 136 48.43 -17.76 7.15
CA TYR A 136 47.61 -18.85 6.66
C TYR A 136 46.30 -18.34 6.07
N GLU A 137 45.72 -17.31 6.69
CA GLU A 137 44.49 -16.73 6.15
C GLU A 137 44.75 -16.02 4.82
N HIS A 138 45.90 -15.35 4.70
CA HIS A 138 46.28 -14.78 3.41
C HIS A 138 46.30 -15.85 2.31
N LEU A 139 46.92 -16.99 2.60
CA LEU A 139 47.01 -18.05 1.60
C LEU A 139 45.64 -18.64 1.29
N ILE A 140 44.81 -18.85 2.31
CA ILE A 140 43.44 -19.33 2.10
C ILE A 140 42.70 -18.40 1.14
N LYS A 141 42.81 -17.09 1.37
CA LYS A 141 42.06 -16.16 0.53
C LYS A 141 42.57 -16.17 -0.90
N GLU A 142 43.89 -16.20 -1.10
CA GLU A 142 44.41 -16.27 -2.46
C GLU A 142 43.90 -17.51 -3.19
N GLN A 143 44.01 -18.67 -2.54
CA GLN A 143 43.57 -19.91 -3.18
C GLN A 143 42.08 -19.92 -3.44
N SER A 144 41.28 -19.26 -2.59
CA SER A 144 39.84 -19.21 -2.83
C SER A 144 39.52 -18.30 -4.00
N ILE A 145 40.21 -17.16 -4.12
CA ILE A 145 39.95 -16.28 -5.26
C ILE A 145 40.35 -16.95 -6.56
N GLU A 146 41.38 -17.79 -6.54
CA GLU A 146 41.79 -18.47 -7.78
C GLU A 146 40.70 -19.39 -8.30
N ILE A 147 40.38 -20.45 -7.56
CA ILE A 147 39.39 -21.43 -8.00
C ILE A 147 38.01 -21.12 -7.46
N TYR A 148 37.24 -20.30 -8.18
CA TYR A 148 35.92 -19.87 -7.72
C TYR A 148 34.89 -20.20 -8.79
N ASN A 149 33.92 -21.03 -8.45
CA ASN A 149 32.75 -21.29 -9.27
C ASN A 149 31.50 -21.00 -8.44
N SER A 150 30.39 -20.80 -9.14
CA SER A 150 29.12 -20.60 -8.44
C SER A 150 28.60 -21.89 -7.83
N ASP A 151 29.08 -23.05 -8.30
CA ASP A 151 28.63 -24.32 -7.74
C ASP A 151 29.13 -24.50 -6.31
N ILE A 152 30.38 -24.14 -6.05
CA ILE A 152 31.00 -24.37 -4.76
C ILE A 152 31.04 -23.10 -3.92
N SER A 153 30.32 -22.06 -4.31
CA SER A 153 30.45 -20.77 -3.65
C SER A 153 29.91 -20.74 -2.23
N ASP A 154 29.45 -21.87 -1.68
CA ASP A 154 28.96 -21.91 -0.31
C ASP A 154 29.92 -22.60 0.65
N LYS A 155 30.94 -23.28 0.14
CA LYS A 155 31.98 -23.88 0.99
C LYS A 155 33.16 -22.95 1.17
N ILE A 156 33.46 -22.14 0.16
CA ILE A 156 34.49 -21.10 0.30
C ILE A 156 34.15 -20.15 1.43
N LYS A 157 32.87 -19.76 1.52
CA LYS A 157 32.46 -18.84 2.57
C LYS A 157 32.61 -19.47 3.96
N LYS A 158 32.25 -20.74 4.09
CA LYS A 158 32.43 -21.42 5.37
C LYS A 158 33.89 -21.49 5.77
N LYS A 159 34.76 -21.83 4.81
CA LYS A 159 36.19 -21.85 5.07
C LYS A 159 36.67 -20.50 5.60
N ILE A 160 36.28 -19.42 4.93
CA ILE A 160 36.74 -18.10 5.32
C ILE A 160 36.24 -17.73 6.72
N PHE A 161 34.98 -18.04 7.01
CA PHE A 161 34.41 -17.70 8.31
C PHE A 161 35.14 -18.42 9.44
N ILE A 162 35.35 -19.74 9.29
CA ILE A 162 35.98 -20.46 10.39
C ILE A 162 37.47 -20.12 10.52
N VAL A 163 38.13 -19.71 9.43
CA VAL A 163 39.52 -19.26 9.59
C VAL A 163 39.58 -17.95 10.36
N ARG A 164 38.64 -17.04 10.09
CA ARG A 164 38.58 -15.81 10.89
C ARG A 164 38.32 -16.14 12.36
N THR A 165 37.49 -17.14 12.63
CA THR A 165 37.24 -17.53 14.01
C THR A 165 38.49 -18.07 14.70
N LEU A 166 39.28 -18.87 13.99
CA LEU A 166 40.57 -19.30 14.54
C LEU A 166 41.46 -18.11 14.87
N LYS A 167 41.56 -17.16 13.93
CA LYS A 167 42.40 -15.99 14.17
C LYS A 167 41.96 -15.23 15.41
N THR A 168 40.66 -15.20 15.69
CA THR A 168 40.19 -14.53 16.90
C THR A 168 40.49 -15.35 18.16
N ILE A 169 40.33 -16.68 18.07
CA ILE A 169 40.52 -17.53 19.25
C ILE A 169 41.97 -17.48 19.73
N LYS A 170 42.92 -17.45 18.79
CA LYS A 170 44.33 -17.37 19.20
C LYS A 170 44.61 -16.12 20.02
N LEU A 171 44.15 -14.97 19.52
CA LEU A 171 44.36 -13.71 20.22
C LEU A 171 43.65 -13.70 21.56
N MET A 172 42.49 -14.34 21.66
CA MET A 172 41.82 -14.41 22.96
C MET A 172 42.57 -15.33 23.93
N LEU A 173 43.27 -16.33 23.41
CA LEU A 173 43.97 -17.28 24.27
C LEU A 173 45.32 -16.78 24.74
N ILE A 174 45.92 -15.80 24.06
CA ILE A 174 47.21 -15.27 24.49
C ILE A 174 47.23 -14.90 25.98
N PRO A 175 46.37 -13.98 26.47
CA PRO A 175 46.48 -13.58 27.88
C PRO A 175 46.11 -14.69 28.85
N LEU A 176 45.17 -15.56 28.49
CA LEU A 176 44.82 -16.65 29.38
C LEU A 176 45.98 -17.61 29.58
N ASN A 177 46.65 -17.97 28.50
CA ASN A 177 47.84 -18.81 28.61
C ASN A 177 48.95 -18.10 29.37
N SER A 178 49.07 -16.78 29.22
CA SER A 178 50.08 -16.05 29.99
C SER A 178 49.76 -16.08 31.49
N TYR A 179 48.48 -16.02 31.84
CA TYR A 179 48.11 -15.94 33.25
C TYR A 179 48.10 -17.30 33.93
N LYS A 180 47.82 -18.38 33.20
CA LYS A 180 47.65 -19.68 33.85
C LYS A 180 48.90 -20.12 34.58
N GLN A 181 50.07 -19.64 34.17
CA GLN A 181 51.33 -20.09 34.74
C GLN A 181 52.14 -18.97 35.39
N ASN A 182 51.55 -17.79 35.57
CA ASN A 182 52.23 -16.69 36.25
C ASN A 182 51.40 -16.10 37.38
N ASN A 183 50.08 -16.04 37.23
CA ASN A 183 49.18 -15.42 38.22
C ASN A 183 49.58 -13.97 38.46
N ASP A 184 49.48 -13.18 37.40
CA ASP A 184 49.78 -11.75 37.44
C ASP A 184 49.01 -11.06 36.33
N LEU A 185 48.08 -10.20 36.69
CA LEU A 185 47.18 -9.60 35.70
C LEU A 185 47.90 -8.56 34.85
N LYS A 186 48.73 -7.73 35.48
CA LYS A 186 49.45 -6.70 34.73
C LYS A 186 50.39 -7.33 33.71
N SER A 187 51.05 -8.42 34.09
CA SER A 187 51.95 -9.09 33.16
C SER A 187 51.19 -9.74 32.02
N ALA A 188 49.99 -10.28 32.29
CA ALA A 188 49.20 -10.85 31.21
C ALA A 188 48.76 -9.78 30.22
N LEU A 189 48.29 -8.65 30.72
CA LEU A 189 47.91 -7.56 29.82
C LEU A 189 49.11 -7.05 29.03
N GLU A 190 50.27 -6.96 29.69
CA GLU A 190 51.46 -6.49 28.98
C GLU A 190 51.97 -7.49 27.96
N GLU A 191 51.74 -8.79 28.19
CA GLU A 191 52.10 -9.79 27.19
C GLU A 191 51.18 -9.72 25.98
N LEU A 192 49.88 -9.56 26.21
CA LEU A 192 48.95 -9.29 25.12
C LEU A 192 49.40 -8.08 24.32
N ASN A 193 49.77 -7.01 25.00
CA ASN A 193 50.21 -5.80 24.29
C ASN A 193 51.51 -6.04 23.55
N ASN A 194 52.42 -6.81 24.14
CA ASN A 194 53.71 -7.06 23.51
C ASN A 194 53.54 -7.82 22.22
N VAL A 195 53.00 -9.04 22.26
CA VAL A 195 52.83 -9.72 20.99
C VAL A 195 51.47 -9.36 20.40
N PHE A 196 51.35 -8.12 19.95
CA PHE A 196 50.33 -7.71 19.00
C PHE A 196 50.96 -6.69 18.07
N THR A 197 51.95 -5.97 18.57
CA THR A 197 52.74 -4.99 17.82
C THR A 197 54.23 -5.18 18.00
N ASN A 198 54.69 -5.48 19.22
CA ASN A 198 56.11 -5.52 19.49
C ASN A 198 56.81 -6.70 18.84
N LYS A 199 56.07 -7.55 18.11
CA LYS A 199 56.74 -8.33 17.08
C LYS A 199 57.39 -7.29 16.18
N GLU A 200 58.72 -7.22 16.24
CA GLU A 200 59.48 -5.99 15.99
C GLU A 200 58.90 -5.13 14.88
N ALA A 201 58.63 -3.87 15.20
CA ALA A 201 58.08 -2.89 14.29
C ALA A 201 59.20 -1.95 13.85
N GLN A 202 58.83 -0.91 13.12
CA GLN A 202 59.76 0.03 12.48
C GLN A 202 60.64 -0.66 11.46
N LYS A 203 60.32 -1.90 11.10
CA LYS A 203 61.15 -2.71 10.21
C LYS A 203 60.38 -3.30 9.04
N GLU A 204 59.08 -3.53 9.18
CA GLU A 204 58.31 -4.17 8.12
C GLU A 204 56.94 -3.55 7.87
N SER A 205 56.36 -2.81 8.83
CA SER A 205 54.98 -2.34 8.69
C SER A 205 54.82 -0.83 8.86
N SER A 206 55.90 -0.08 9.09
CA SER A 206 55.72 1.35 9.30
C SER A 206 56.93 2.15 8.85
N PRO A 207 56.83 2.89 7.75
CA PRO A 207 57.85 3.89 7.43
C PRO A 207 57.49 5.24 8.03
N ILE A 208 58.34 6.25 7.85
CA ILE A 208 58.07 7.57 8.41
C ILE A 208 56.81 8.17 7.80
N GLY A 209 56.44 7.75 6.59
CA GLY A 209 55.21 8.19 5.97
C GLY A 209 55.42 9.10 4.78
N ASP A 210 55.31 8.53 3.58
CA ASP A 210 55.38 9.29 2.35
C ASP A 210 54.03 9.87 1.95
N HIS A 211 53.04 9.80 2.84
CA HIS A 211 51.67 10.19 2.51
C HIS A 211 51.43 11.68 2.63
N GLY A 212 52.41 12.46 3.06
CA GLY A 212 52.26 13.91 2.99
C GLY A 212 52.11 14.40 1.57
N THR A 213 53.02 13.99 0.68
CA THR A 213 52.90 14.33 -0.73
C THR A 213 51.63 13.76 -1.33
N PHE A 214 51.26 12.54 -0.94
CA PHE A 214 50.02 11.95 -1.42
C PHE A 214 48.82 12.82 -1.07
N PHE A 215 48.74 13.26 0.20
CA PHE A 215 47.60 14.05 0.63
C PHE A 215 47.60 15.42 -0.03
N ARG A 216 48.77 16.03 -0.19
CA ARG A 216 48.83 17.33 -0.86
C ARG A 216 48.36 17.22 -2.32
N LYS A 217 48.87 16.21 -3.04
CA LYS A 217 48.43 16.02 -4.42
C LYS A 217 46.94 15.71 -4.49
N LEU A 218 46.44 14.95 -3.52
CA LEU A 218 45.02 14.60 -3.53
C LEU A 218 44.14 15.83 -3.30
N LEU A 219 44.53 16.68 -2.36
CA LEU A 219 43.79 17.92 -2.16
C LEU A 219 43.85 18.80 -3.39
N THR A 220 45.02 18.88 -4.03
CA THR A 220 45.14 19.62 -5.28
C THR A 220 44.18 19.08 -6.32
N HIS A 221 44.11 17.75 -6.45
CA HIS A 221 43.23 17.14 -7.44
C HIS A 221 41.77 17.44 -7.13
N VAL A 222 41.35 17.25 -5.88
CA VAL A 222 39.94 17.43 -5.55
C VAL A 222 39.55 18.90 -5.66
N ARG A 223 40.48 19.82 -5.42
CA ARG A 223 40.18 21.23 -5.63
C ARG A 223 40.24 21.61 -7.10
N THR A 224 40.94 20.83 -7.91
CA THR A 224 40.88 21.02 -9.36
C THR A 224 39.54 20.57 -9.91
N ILE A 225 39.02 19.44 -9.42
CA ILE A 225 37.66 19.04 -9.80
C ILE A 225 36.64 20.00 -9.20
N LYS A 226 36.88 20.51 -8.00
CA LYS A 226 35.94 21.43 -7.37
C LYS A 226 36.13 22.82 -7.99
N GLU A 227 35.55 22.98 -9.18
CA GLU A 227 35.49 24.27 -9.86
C GLU A 227 34.16 24.33 -10.61
N ASN A 228 34.09 25.23 -11.59
CA ASN A 228 32.82 25.61 -12.19
C ASN A 228 32.13 24.42 -12.85
N GLU A 229 30.92 24.67 -13.34
CA GLU A 229 29.84 23.73 -13.62
C GLU A 229 30.14 22.76 -14.79
N ASP A 230 31.33 22.76 -15.40
CA ASP A 230 31.59 21.85 -16.51
C ASP A 230 31.38 20.40 -16.10
N ILE A 231 31.65 20.08 -14.83
CA ILE A 231 31.34 18.78 -14.24
C ILE A 231 30.51 19.03 -13.00
N GLU A 232 29.28 18.52 -13.00
CA GLU A 232 28.31 18.81 -11.95
C GLU A 232 28.26 17.77 -10.84
N ASN A 233 28.73 16.57 -11.11
CA ASN A 233 28.75 15.48 -10.13
C ASN A 233 30.15 15.37 -9.55
N LYS A 234 30.33 15.90 -8.34
CA LYS A 234 31.65 15.93 -7.72
C LYS A 234 32.09 14.55 -7.27
N GLY A 235 31.31 13.92 -6.39
CA GLY A 235 31.66 12.61 -5.87
C GLY A 235 31.31 11.48 -6.83
N GLU A 236 31.33 11.77 -8.13
CA GLU A 236 31.05 10.79 -9.16
C GLU A 236 32.15 10.68 -10.20
N THR A 237 32.97 11.71 -10.39
CA THR A 237 34.04 11.67 -11.36
C THR A 237 35.41 11.40 -10.74
N LEU A 238 35.62 11.76 -9.47
CA LEU A 238 36.87 11.46 -8.80
C LEU A 238 36.88 10.07 -8.16
N ILE A 239 35.74 9.39 -8.14
CA ILE A 239 35.72 7.98 -7.77
C ILE A 239 36.16 7.12 -8.95
N LEU A 240 35.47 7.27 -10.08
CA LEU A 240 35.80 6.54 -11.30
C LEU A 240 36.65 7.44 -12.19
N GLY A 241 37.94 7.47 -11.88
CA GLY A 241 38.87 8.29 -12.64
C GLY A 241 39.04 7.86 -14.08
N ASP A 242 39.59 6.67 -14.29
CA ASP A 242 39.91 6.18 -15.62
C ASP A 242 38.83 5.20 -16.07
N ASN A 243 38.32 5.42 -17.28
CA ASN A 243 37.27 4.58 -17.84
C ASN A 243 37.39 4.59 -19.36
N LYS A 244 37.03 3.46 -19.98
CA LYS A 244 36.50 2.30 -19.27
C LYS A 244 37.46 1.11 -19.39
N ILE A 245 37.88 0.62 -18.23
CA ILE A 245 38.82 -0.50 -18.11
C ILE A 245 38.17 -1.44 -17.11
N ASP A 246 38.90 -2.48 -16.70
CA ASP A 246 38.60 -3.34 -15.54
C ASP A 246 37.12 -3.77 -15.53
N VAL A 247 36.80 -4.59 -16.53
CA VAL A 247 35.46 -5.13 -16.74
C VAL A 247 34.88 -5.66 -15.44
N MET A 248 33.58 -5.50 -15.26
CA MET A 248 32.91 -5.84 -14.01
C MET A 248 33.20 -7.27 -13.57
N ASN A 249 32.78 -8.25 -14.34
CA ASN A 249 32.75 -9.64 -13.90
C ASN A 249 33.97 -10.37 -14.43
N SER A 250 35.01 -10.50 -13.58
CA SER A 250 36.01 -11.54 -13.81
C SER A 250 36.56 -11.98 -12.45
N ASN A 251 35.86 -12.93 -11.83
CA ASN A 251 36.40 -13.85 -10.83
C ASN A 251 36.92 -13.18 -9.56
N ASP A 252 36.98 -11.85 -9.52
CA ASP A 252 37.42 -11.18 -8.30
C ASP A 252 36.62 -9.91 -8.05
N PHE A 253 35.53 -9.72 -8.78
CA PHE A 253 34.63 -8.62 -8.51
C PHE A 253 33.96 -8.76 -7.14
N PHE A 254 33.92 -9.97 -6.59
CA PHE A 254 33.24 -10.23 -5.34
C PHE A 254 34.15 -10.07 -4.14
N PHE A 255 35.46 -9.98 -4.33
CA PHE A 255 36.42 -9.92 -3.23
C PHE A 255 37.07 -8.55 -3.20
N THR A 256 37.55 -8.16 -2.02
CA THR A 256 38.11 -6.84 -1.83
C THR A 256 39.50 -6.69 -2.43
N THR A 257 40.19 -7.79 -2.73
CA THR A 257 41.54 -7.76 -3.29
C THR A 257 41.62 -8.79 -4.40
N ASN A 258 42.73 -8.76 -5.13
CA ASN A 258 43.01 -9.76 -6.14
C ASN A 258 43.84 -10.88 -5.53
N SER A 259 44.39 -11.75 -6.37
CA SER A 259 45.08 -12.95 -5.93
C SER A 259 46.51 -12.70 -5.46
N ASN A 260 46.93 -11.45 -5.28
CA ASN A 260 48.30 -11.18 -4.86
C ASN A 260 48.36 -10.94 -3.37
N VAL A 261 49.24 -11.69 -2.69
CA VAL A 261 49.38 -11.56 -1.24
C VAL A 261 49.94 -10.21 -0.85
N LYS A 262 50.76 -9.60 -1.72
CA LYS A 262 51.37 -8.32 -1.38
C LYS A 262 50.33 -7.23 -1.22
N PHE A 263 49.18 -7.35 -1.90
CA PHE A 263 48.15 -6.34 -1.76
C PHE A 263 47.48 -6.41 -0.39
N MET A 264 47.18 -7.63 0.08
CA MET A 264 46.65 -7.81 1.42
C MET A 264 47.66 -7.35 2.47
N GLU A 265 48.94 -7.66 2.25
CA GLU A 265 49.98 -7.21 3.17
C GLU A 265 50.04 -5.68 3.21
N ASN A 266 49.90 -5.02 2.07
CA ASN A 266 49.91 -3.57 2.03
C ASN A 266 48.71 -2.98 2.77
N LEU A 267 47.54 -3.59 2.62
CA LEU A 267 46.38 -3.14 3.38
C LEU A 267 46.61 -3.25 4.88
N ASP A 268 47.14 -4.40 5.31
CA ASP A 268 47.50 -4.58 6.71
C ASP A 268 48.46 -3.49 7.18
N ASP A 269 49.48 -3.19 6.37
CA ASP A 269 50.47 -2.20 6.75
C ASP A 269 49.84 -0.82 6.89
N ILE A 270 48.99 -0.45 5.94
CA ILE A 270 48.38 0.88 5.99
C ILE A 270 47.51 1.03 7.22
N THR A 271 46.71 0.00 7.53
CA THR A 271 45.89 0.10 8.73
C THR A 271 46.73 0.11 9.99
N ASN A 272 47.82 -0.64 10.01
CA ASN A 272 48.64 -0.71 11.22
C ASN A 272 49.43 0.56 11.45
N GLN A 273 49.79 1.28 10.37
CA GLN A 273 50.56 2.51 10.53
C GLN A 273 49.78 3.55 11.31
N TYR A 274 48.53 3.79 10.93
CA TYR A 274 47.63 4.58 11.75
C TYR A 274 47.20 3.71 12.93
N GLY A 275 46.44 4.28 13.85
CA GLY A 275 46.21 3.54 15.07
C GLY A 275 45.19 2.44 14.99
N LEU A 276 44.69 2.10 13.81
CA LEU A 276 43.53 1.22 13.71
C LEU A 276 43.83 -0.14 14.30
N GLY A 277 44.67 -0.93 13.63
CA GLY A 277 45.26 -2.09 14.26
C GLY A 277 44.31 -3.22 14.58
N LEU A 278 43.43 -2.99 15.56
CA LEU A 278 42.52 -4.02 16.03
C LEU A 278 41.30 -4.17 15.13
N ILE A 279 40.80 -3.07 14.57
CA ILE A 279 39.62 -3.11 13.71
C ILE A 279 39.91 -3.78 12.38
N ASN A 280 41.17 -4.07 12.08
CA ASN A 280 41.51 -4.74 10.83
C ASN A 280 41.59 -6.25 10.99
N HIS A 281 42.10 -6.73 12.13
CA HIS A 281 42.21 -8.16 12.34
C HIS A 281 40.92 -8.77 12.86
N LEU A 282 40.23 -8.08 13.75
CA LEU A 282 38.85 -8.37 14.08
C LEU A 282 37.97 -7.53 13.16
N GLY A 283 36.86 -8.10 12.72
CA GLY A 283 35.92 -7.33 11.94
C GLY A 283 35.16 -6.37 12.84
N PRO A 284 34.00 -5.93 12.39
CA PRO A 284 33.10 -5.22 13.30
C PRO A 284 32.24 -6.20 14.09
N HIS A 285 32.85 -7.26 14.60
CA HIS A 285 32.12 -8.24 15.41
C HIS A 285 31.74 -7.59 16.74
N LEU A 286 30.46 -7.70 17.12
CA LEU A 286 30.01 -7.03 18.32
C LEU A 286 30.72 -7.57 19.56
N ILE A 287 30.68 -8.89 19.75
CA ILE A 287 31.19 -9.50 20.98
C ILE A 287 32.70 -9.36 21.07
N ALA A 288 33.42 -9.72 20.00
CA ALA A 288 34.88 -9.74 20.05
C ALA A 288 35.48 -8.35 20.14
N LEU A 289 34.96 -7.41 19.34
CA LEU A 289 35.46 -6.05 19.41
C LEU A 289 35.14 -5.42 20.76
N GLY A 290 33.98 -5.72 21.33
CA GLY A 290 33.68 -5.25 22.68
C GLY A 290 34.68 -5.78 23.70
N HIS A 291 34.93 -7.09 23.66
CA HIS A 291 35.89 -7.72 24.55
C HIS A 291 37.25 -7.03 24.50
N PHE A 292 37.80 -6.87 23.30
CA PHE A 292 39.16 -6.35 23.20
C PHE A 292 39.22 -4.85 23.44
N THR A 293 38.15 -4.10 23.13
CA THR A 293 38.16 -2.68 23.46
C THR A 293 38.07 -2.45 24.96
N VAL A 294 37.35 -3.32 25.67
CA VAL A 294 37.35 -3.22 27.13
C VAL A 294 38.71 -3.59 27.70
N LEU A 295 39.38 -4.58 27.12
CA LEU A 295 40.74 -4.89 27.57
C LEU A 295 41.69 -3.71 27.36
N LYS A 296 41.61 -3.06 26.20
CA LYS A 296 42.43 -1.88 25.95
C LYS A 296 42.12 -0.78 26.94
N LEU A 297 40.84 -0.53 27.20
CA LEU A 297 40.44 0.47 28.19
C LEU A 297 41.02 0.15 29.57
N ALA A 298 41.02 -1.12 29.94
CA ALA A 298 41.55 -1.51 31.24
C ALA A 298 43.06 -1.37 31.31
N LEU A 299 43.75 -1.53 30.18
CA LEU A 299 45.20 -1.36 30.21
C LEU A 299 45.59 0.11 30.25
N LYS A 300 44.84 0.99 29.59
CA LYS A 300 45.25 2.39 29.57
C LYS A 300 45.03 3.12 30.88
N ASN A 301 44.16 2.62 31.76
CA ASN A 301 43.89 3.26 33.04
C ASN A 301 44.05 2.28 34.19
N TYR A 302 45.17 1.56 34.23
CA TYR A 302 45.29 0.45 35.15
C TYR A 302 45.27 0.90 36.61
N LYS A 303 45.98 1.99 36.93
CA LYS A 303 46.14 2.37 38.32
C LYS A 303 44.82 2.82 38.93
N ASN A 304 44.01 3.55 38.17
CA ASN A 304 42.73 4.02 38.67
C ASN A 304 41.79 2.85 38.94
N TYR A 305 41.75 1.88 38.03
CA TYR A 305 40.82 0.78 38.17
C TYR A 305 41.26 -0.18 39.27
N PHE A 306 42.48 -0.70 39.19
CA PHE A 306 42.87 -1.86 39.96
C PHE A 306 43.89 -1.58 41.06
N GLU A 307 44.38 -0.36 41.17
CA GLU A 307 45.27 0.01 42.28
C GLU A 307 44.64 1.02 43.21
N ALA A 308 44.21 2.17 42.68
CA ALA A 308 43.55 3.17 43.52
C ALA A 308 42.10 2.82 43.77
N LYS A 309 41.46 2.10 42.84
CA LYS A 309 40.09 1.64 42.98
C LYS A 309 39.12 2.81 43.23
N SER A 310 39.24 3.84 42.40
CA SER A 310 38.36 4.98 42.48
C SER A 310 37.24 4.96 41.44
N ILE A 311 37.33 4.11 40.43
CA ILE A 311 36.32 4.01 39.40
C ILE A 311 35.85 2.56 39.32
N LYS A 312 34.66 2.37 38.79
CA LYS A 312 34.08 1.05 38.65
C LYS A 312 34.45 0.43 37.31
N PHE A 313 34.58 -0.89 37.28
CA PHE A 313 35.00 -1.62 36.10
C PHE A 313 34.14 -2.85 35.92
N PHE A 314 33.51 -2.98 34.76
CA PHE A 314 32.73 -4.16 34.41
C PHE A 314 33.31 -4.81 33.16
N SER A 315 33.19 -6.12 33.07
CA SER A 315 33.59 -6.84 31.88
C SER A 315 32.50 -6.71 30.80
N TRP A 316 32.86 -7.04 29.57
CA TRP A 316 31.92 -6.91 28.47
C TRP A 316 30.84 -7.99 28.53
N GLN A 317 31.16 -9.16 29.07
CA GLN A 317 30.16 -10.20 29.23
C GLN A 317 29.13 -9.87 30.29
N LYS A 318 29.44 -8.95 31.21
CA LYS A 318 28.50 -8.52 32.24
C LYS A 318 27.60 -7.40 31.79
N ILE A 319 28.08 -6.54 30.89
CA ILE A 319 27.26 -5.43 30.41
C ILE A 319 26.08 -5.94 29.60
N LEU A 320 26.28 -7.00 28.82
CA LEU A 320 25.21 -7.58 28.02
C LEU A 320 24.12 -8.22 28.86
N GLU A 321 24.27 -8.28 30.18
CA GLU A 321 23.30 -8.92 31.04
C GLU A 321 22.35 -7.93 31.71
N PHE A 322 22.65 -6.63 31.63
CA PHE A 322 21.74 -5.60 32.09
C PHE A 322 20.64 -5.36 31.06
N SER A 323 19.61 -4.63 31.47
CA SER A 323 18.59 -4.23 30.52
C SER A 323 19.10 -3.09 29.65
N MET A 324 18.49 -2.93 28.48
CA MET A 324 19.08 -2.07 27.47
C MET A 324 19.05 -0.59 27.81
N SER A 325 18.39 -0.20 28.90
CA SER A 325 18.49 1.16 29.39
C SER A 325 19.54 1.32 30.48
N ASP A 326 19.84 0.24 31.21
CA ASP A 326 20.90 0.27 32.22
C ASP A 326 22.28 0.08 31.62
N ARG A 327 22.37 -0.51 30.43
CA ARG A 327 23.68 -0.74 29.81
C ARG A 327 24.42 0.57 29.60
N PHE A 328 23.71 1.60 29.17
CA PHE A 328 24.37 2.89 28.95
C PHE A 328 24.78 3.57 30.24
N LYS A 329 23.97 3.46 31.30
CA LYS A 329 24.35 4.01 32.59
C LYS A 329 25.58 3.30 33.14
N VAL A 330 25.64 1.97 33.00
CA VAL A 330 26.79 1.20 33.44
C VAL A 330 28.03 1.54 32.61
N LEU A 331 27.85 1.87 31.34
CA LEU A 331 28.98 2.34 30.54
C LEU A 331 29.42 3.75 30.95
N ASP A 332 28.49 4.56 31.46
CA ASP A 332 28.83 5.91 31.88
C ASP A 332 29.67 5.91 33.16
N MET A 333 29.34 5.05 34.12
CA MET A 333 30.07 4.99 35.37
C MET A 333 31.32 4.13 35.28
N MET A 334 31.79 3.88 34.05
CA MET A 334 33.04 3.18 33.81
C MET A 334 34.01 4.00 32.97
N CYS A 335 33.50 4.89 32.20
CA CYS A 335 34.24 5.77 31.44
C CYS A 335 34.30 7.11 32.20
N ASP A 336 33.87 7.21 33.47
CA ASP A 336 33.92 8.36 34.39
C ASP A 336 33.40 9.62 33.72
N HIS A 337 32.13 9.61 33.38
CA HIS A 337 31.45 10.77 32.84
C HIS A 337 30.30 11.18 33.75
N GLU A 338 29.96 12.45 33.74
CA GLU A 338 28.93 13.00 34.60
C GLU A 338 27.59 13.01 33.88
N SER A 339 26.58 12.44 34.52
CA SER A 339 25.23 12.43 33.96
C SER A 339 24.27 11.94 35.03
N VAL A 340 23.04 12.45 34.98
CA VAL A 340 22.00 12.00 35.89
C VAL A 340 21.58 10.57 35.53
N TYR A 341 21.14 9.82 36.53
CA TYR A 341 20.81 8.42 36.31
C TYR A 341 19.45 8.27 35.64
N TYR A 342 18.40 8.80 36.26
CA TYR A 342 17.05 8.65 35.73
C TYR A 342 16.86 9.61 34.54
N SER A 343 16.34 9.08 33.45
CA SER A 343 16.28 9.80 32.18
C SER A 343 14.85 10.04 31.69
N GLU A 344 14.07 8.97 31.54
CA GLU A 344 12.68 8.95 31.08
C GLU A 344 12.57 9.16 29.57
N LYS A 345 13.66 9.44 28.87
CA LYS A 345 13.67 9.66 27.43
C LYS A 345 14.52 8.59 26.74
N LYS A 346 14.70 8.74 25.43
CA LYS A 346 15.53 7.84 24.65
C LYS A 346 16.99 8.27 24.72
N ARG A 347 17.90 7.33 24.48
CA ARG A 347 19.32 7.61 24.63
C ARG A 347 19.81 8.60 23.58
N ARG A 348 19.28 8.52 22.36
CA ARG A 348 19.72 9.41 21.30
C ARG A 348 19.31 10.86 21.54
N LYS A 349 18.47 11.13 22.54
CA LYS A 349 18.11 12.48 22.92
C LYS A 349 18.71 12.91 24.26
N THR A 350 19.08 11.97 25.10
CA THR A 350 19.71 12.29 26.38
C THR A 350 21.21 12.46 26.22
N TYR A 351 21.82 11.72 25.28
CA TYR A 351 23.26 11.81 25.07
C TYR A 351 23.70 13.23 24.75
N LEU A 352 22.86 13.97 24.04
CA LEU A 352 23.20 15.30 23.54
C LEU A 352 22.93 16.41 24.54
N LYS A 353 22.80 16.12 25.83
CA LYS A 353 22.49 17.14 26.83
C LYS A 353 23.66 17.48 27.73
N VAL A 354 24.85 16.94 27.47
CA VAL A 354 26.06 17.27 28.19
C VAL A 354 27.14 17.62 27.18
N ASP A 355 28.37 17.82 27.67
CA ASP A 355 29.44 18.31 26.80
C ASP A 355 29.72 17.35 25.66
N ARG A 356 30.17 16.13 25.97
CA ARG A 356 30.47 15.09 24.99
C ARG A 356 31.45 15.58 23.93
N SER A 357 32.27 16.57 24.29
CA SER A 357 33.50 16.86 23.55
C SER A 357 34.54 15.93 24.14
N ASN A 358 34.34 14.64 23.85
CA ASN A 358 34.72 13.56 24.75
C ASN A 358 36.23 13.32 24.78
N THR A 359 36.61 12.42 25.67
CA THR A 359 37.95 11.87 25.77
C THR A 359 38.05 10.75 24.74
N SER A 360 39.02 9.85 24.90
CA SER A 360 39.47 8.90 23.89
C SER A 360 38.37 8.11 23.19
N MET A 361 38.72 7.57 22.02
CA MET A 361 37.79 6.98 21.06
C MET A 361 37.17 5.66 21.53
N GLU A 362 37.73 5.01 22.54
CA GLU A 362 37.14 3.75 23.01
C GLU A 362 35.72 3.98 23.51
N CYS A 363 35.54 5.09 24.11
CA CYS A 363 34.28 5.37 24.55
C CYS A 363 33.25 5.62 23.46
N ASN A 364 33.55 6.12 22.27
CA ASN A 364 32.67 6.21 21.10
C ASN A 364 32.48 4.86 20.44
N ILE A 365 33.54 4.05 20.39
CA ILE A 365 33.41 2.71 19.82
C ILE A 365 32.43 1.88 20.62
N LEU A 366 32.55 1.92 21.95
CA LEU A 366 31.63 1.15 22.79
C LEU A 366 30.20 1.67 22.70
N GLU A 367 30.03 2.99 22.54
CA GLU A 367 28.69 3.53 22.36
C GLU A 367 28.05 3.00 21.08
N TYR A 368 28.80 3.02 19.98
CA TYR A 368 28.30 2.46 18.72
C TYR A 368 27.94 0.99 18.88
N LEU A 369 28.81 0.22 19.55
CA LEU A 369 28.57 -1.20 19.69
C LEU A 369 27.32 -1.48 20.52
N LEU A 370 27.11 -0.71 21.60
CA LEU A 370 25.90 -0.91 22.40
C LEU A 370 24.64 -0.54 21.62
N HIS A 371 24.68 0.57 20.89
CA HIS A 371 23.54 0.95 20.07
C HIS A 371 23.16 -0.17 19.11
N TYR A 372 24.14 -0.75 18.44
CA TYR A 372 23.78 -1.76 17.44
C TYR A 372 23.51 -3.14 18.03
N PHE A 373 24.03 -3.44 19.23
CA PHE A 373 23.58 -4.65 19.91
C PHE A 373 22.12 -4.54 20.35
N ASN A 374 21.71 -3.35 20.81
CA ASN A 374 20.30 -3.13 21.10
C ASN A 374 19.43 -3.29 19.86
N LYS A 375 19.88 -2.73 18.74
CA LYS A 375 19.14 -2.89 17.49
C LYS A 375 19.02 -4.37 17.10
N TYR A 376 20.11 -5.11 17.21
CA TYR A 376 20.10 -6.54 16.87
C TYR A 376 19.11 -7.30 17.74
N GLN A 377 19.12 -7.05 19.05
CA GLN A 377 18.19 -7.70 19.95
C GLN A 377 16.75 -7.41 19.57
N LEU A 378 16.44 -6.14 19.31
CA LEU A 378 15.06 -5.76 18.98
C LEU A 378 14.63 -6.39 17.66
N GLU A 379 15.53 -6.47 16.68
CA GLU A 379 15.16 -7.09 15.41
C GLU A 379 14.88 -8.58 15.57
N ILE A 380 15.70 -9.28 16.35
CA ILE A 380 15.43 -10.70 16.57
C ILE A 380 14.06 -10.88 17.21
N ILE A 381 13.79 -10.11 18.27
CA ILE A 381 12.53 -10.27 19.00
C ILE A 381 11.34 -9.95 18.10
N LYS A 382 11.46 -8.91 17.27
CA LYS A 382 10.35 -8.53 16.40
C LYS A 382 10.15 -9.49 15.24
N THR A 383 11.20 -10.13 14.74
CA THR A 383 11.04 -11.00 13.59
C THR A 383 10.73 -12.44 13.94
N THR A 384 10.93 -12.88 15.19
CA THR A 384 10.50 -14.25 15.49
C THR A 384 8.97 -14.33 15.59
N GLN A 385 8.40 -13.74 16.63
CA GLN A 385 7.01 -13.27 16.69
C GLN A 385 5.99 -14.10 15.93
N ASP A 386 5.84 -15.37 16.26
CA ASP A 386 4.79 -16.19 15.67
C ASP A 386 3.45 -15.83 16.33
N THR A 387 2.38 -16.50 15.93
CA THR A 387 1.08 -16.32 16.56
C THR A 387 0.97 -17.05 17.89
N ASP A 388 2.04 -17.69 18.34
CA ASP A 388 2.05 -18.41 19.61
C ASP A 388 3.15 -17.95 20.56
N PHE A 389 4.13 -17.19 20.08
CA PHE A 389 5.32 -16.90 20.87
C PHE A 389 5.19 -15.54 21.57
N ASP A 390 5.13 -14.46 20.79
CA ASP A 390 4.68 -13.14 21.21
C ASP A 390 5.62 -12.34 22.11
N LEU A 391 6.61 -12.97 22.75
CA LEU A 391 7.92 -12.40 23.04
C LEU A 391 7.97 -10.88 23.25
N HIS A 392 7.42 -10.37 24.35
CA HIS A 392 7.27 -8.93 24.55
C HIS A 392 8.62 -8.26 24.86
N GLY A 393 8.57 -7.03 25.36
CA GLY A 393 9.74 -6.17 25.42
C GLY A 393 10.63 -6.46 26.60
N MET A 394 10.94 -5.46 27.44
CA MET A 394 11.88 -5.73 28.52
C MET A 394 11.27 -6.71 29.52
N MET A 395 11.64 -7.97 29.41
CA MET A 395 10.84 -9.07 29.94
C MET A 395 11.69 -10.09 30.69
N GLU A 396 12.56 -9.62 31.59
CA GLU A 396 13.12 -10.53 32.59
C GLU A 396 13.86 -11.72 32.01
N HIS A 397 15.07 -11.51 31.48
CA HIS A 397 15.83 -12.49 30.70
C HIS A 397 15.63 -13.95 31.09
N LYS A 398 15.60 -14.25 32.39
CA LYS A 398 15.29 -15.60 32.84
C LYS A 398 13.97 -16.08 32.27
N TYR A 399 12.94 -15.23 32.32
CA TYR A 399 11.64 -15.59 31.79
C TYR A 399 11.67 -15.72 30.27
N ILE A 400 12.54 -14.95 29.60
CA ILE A 400 12.69 -15.11 28.16
C ILE A 400 13.18 -16.50 27.83
N LYS A 401 14.18 -16.99 28.57
CA LYS A 401 14.69 -18.33 28.32
C LYS A 401 13.65 -19.39 28.63
N ASP A 402 12.98 -19.26 29.79
CA ASP A 402 11.93 -20.21 30.16
C ASP A 402 10.86 -20.28 29.09
N TYR A 403 10.39 -19.13 28.63
CA TYR A 403 9.30 -19.08 27.66
C TYR A 403 9.74 -19.57 26.29
N PHE A 404 11.01 -19.37 25.92
CA PHE A 404 11.48 -19.88 24.65
C PHE A 404 11.59 -21.40 24.65
N PHE A 405 12.01 -21.97 25.78
CA PHE A 405 12.09 -23.43 25.84
C PHE A 405 10.74 -24.08 26.05
N SER A 406 9.78 -23.38 26.62
CA SER A 406 8.42 -23.91 26.77
C SER A 406 7.59 -23.80 25.50
N PHE A 407 8.19 -23.41 24.39
CA PHE A 407 7.48 -23.26 23.12
C PHE A 407 8.02 -24.15 22.02
N MET A 408 9.31 -24.51 22.06
CA MET A 408 9.85 -25.44 21.09
C MET A 408 9.50 -26.88 21.43
N CYS A 409 9.56 -27.24 22.72
CA CYS A 409 9.32 -28.61 23.14
C CYS A 409 8.39 -28.68 24.35
N ASN A 410 7.50 -27.70 24.49
CA ASN A 410 6.39 -27.72 25.43
C ASN A 410 6.77 -28.12 26.85
N ASP A 411 7.88 -27.59 27.35
CA ASP A 411 8.28 -27.79 28.74
C ASP A 411 9.41 -26.81 29.05
N PRO A 412 9.35 -26.09 30.17
CA PRO A 412 10.35 -25.04 30.42
C PRO A 412 11.77 -25.54 30.63
N LYS A 413 12.00 -26.86 30.61
CA LYS A 413 13.34 -27.39 30.72
C LYS A 413 14.03 -27.40 29.36
N GLU A 414 15.36 -27.36 29.39
CA GLU A 414 16.14 -27.32 28.16
C GLU A 414 16.00 -28.61 27.37
N CYS A 415 15.92 -28.47 26.05
CA CYS A 415 15.83 -29.59 25.15
C CYS A 415 16.63 -29.26 23.89
N ILE A 416 16.96 -30.29 23.13
CA ILE A 416 17.68 -30.10 21.87
C ILE A 416 16.68 -29.62 20.83
N ILE A 417 16.83 -28.36 20.40
CA ILE A 417 15.85 -27.76 19.50
C ILE A 417 15.92 -28.29 18.09
N TYR A 418 16.99 -28.98 17.71
CA TYR A 418 17.11 -29.49 16.35
C TYR A 418 16.28 -30.75 16.12
N HIS A 419 15.67 -31.31 17.16
CA HIS A 419 14.89 -32.53 17.05
C HIS A 419 13.41 -32.30 17.27
N THR A 420 12.99 -31.07 17.55
CA THR A 420 11.60 -30.79 17.88
C THR A 420 10.76 -30.63 16.61
N ASN A 421 9.44 -30.67 16.80
CA ASN A 421 8.52 -30.55 15.67
C ASN A 421 8.28 -29.10 15.28
N GLN A 422 8.38 -28.17 16.24
CA GLN A 422 8.23 -26.76 15.90
C GLN A 422 9.40 -26.25 15.05
N PHE A 423 10.58 -26.81 15.25
CA PHE A 423 11.75 -26.41 14.47
C PHE A 423 11.56 -26.77 13.01
N LYS A 424 10.84 -27.85 12.73
CA LYS A 424 10.75 -28.38 11.38
C LYS A 424 9.32 -28.30 10.83
N LYS A 425 8.67 -27.15 11.04
CA LYS A 425 7.35 -26.94 10.46
C LYS A 425 7.41 -26.50 9.00
N GLU A 426 8.43 -25.73 8.61
CA GLU A 426 8.51 -25.24 7.24
C GLU A 426 9.19 -26.25 6.31
N ALA A 427 10.31 -26.79 6.73
CA ALA A 427 11.00 -27.87 6.04
C ALA A 427 10.98 -29.10 6.94
N ASN A 428 11.68 -30.14 6.52
CA ASN A 428 11.76 -31.37 7.30
C ASN A 428 13.21 -31.67 7.64
N GLU A 429 13.44 -32.10 8.87
CA GLU A 429 14.76 -32.35 9.41
C GLU A 429 14.95 -33.83 9.70
N GLU A 430 16.21 -34.21 9.88
CA GLU A 430 16.57 -35.56 10.29
C GLU A 430 17.50 -35.47 11.50
N ASN A 431 17.36 -36.44 12.41
CA ASN A 431 18.16 -36.44 13.63
C ASN A 431 19.65 -36.46 13.32
N THR A 432 20.11 -37.52 12.64
CA THR A 432 21.46 -37.68 12.09
C THR A 432 22.57 -37.10 12.96
N PHE A 433 22.46 -37.26 14.26
CA PHE A 433 23.54 -36.86 15.14
C PHE A 433 24.22 -38.10 15.73
N PRO A 434 25.49 -38.01 16.06
CA PRO A 434 26.14 -39.11 16.79
C PRO A 434 25.60 -39.23 18.20
N GLU A 435 24.48 -39.94 18.34
CA GLU A 435 23.72 -40.02 19.58
C GLU A 435 24.52 -40.58 20.75
N GLN A 436 25.76 -41.01 20.47
CA GLN A 436 26.65 -41.48 21.53
C GLN A 436 26.79 -40.43 22.61
N GLU A 437 26.85 -40.89 23.87
CA GLU A 437 26.71 -40.00 25.02
C GLU A 437 27.81 -38.95 25.06
N GLU A 438 29.06 -39.40 25.23
CA GLU A 438 30.24 -38.55 25.32
C GLU A 438 30.08 -37.45 26.37
N PRO A 439 30.15 -37.79 27.67
CA PRO A 439 30.25 -39.14 28.23
C PRO A 439 28.99 -39.55 28.99
N ASN A 440 27.92 -38.76 28.86
CA ASN A 440 26.71 -38.99 29.64
C ASN A 440 25.50 -38.56 28.81
N ARG A 441 24.32 -38.94 29.30
CA ARG A 441 23.07 -38.61 28.63
C ARG A 441 22.73 -37.14 28.79
N GLN A 442 21.62 -36.75 28.15
CA GLN A 442 20.98 -35.45 28.36
C GLN A 442 21.94 -34.29 28.03
N ILE A 443 22.26 -34.21 26.74
CA ILE A 443 23.00 -33.08 26.18
C ILE A 443 22.25 -31.80 26.54
N SER A 444 22.98 -30.71 26.77
CA SER A 444 22.48 -29.56 27.52
C SER A 444 21.88 -28.47 26.65
N ALA A 445 21.70 -28.70 25.35
CA ALA A 445 21.06 -27.76 24.43
C ALA A 445 21.91 -26.53 24.18
N PHE A 446 22.99 -26.36 24.94
CA PHE A 446 23.98 -25.35 24.70
C PHE A 446 25.34 -25.95 24.41
N ASN A 447 25.41 -27.28 24.30
CA ASN A 447 26.65 -28.00 24.01
C ASN A 447 27.37 -27.39 22.83
N LEU A 448 28.70 -27.40 22.89
CA LEU A 448 29.48 -26.86 21.79
C LEU A 448 29.51 -27.81 20.60
N TYR A 449 29.66 -29.12 20.87
CA TYR A 449 29.73 -30.09 19.79
C TYR A 449 28.46 -30.11 18.95
N LEU A 450 27.31 -30.15 19.62
CA LEU A 450 26.03 -30.24 18.91
C LEU A 450 25.81 -29.03 18.01
N ASN A 451 25.96 -27.83 18.58
CA ASN A 451 25.73 -26.62 17.81
C ASN A 451 26.72 -26.50 16.66
N TYR A 452 28.00 -26.74 16.92
CA TYR A 452 28.98 -26.61 15.84
C TYR A 452 28.73 -27.63 14.74
N TYR A 453 28.36 -28.86 15.11
CA TYR A 453 28.09 -29.90 14.13
C TYR A 453 26.94 -29.51 13.23
N TYR A 454 25.81 -29.10 13.83
CA TYR A 454 24.66 -28.76 13.00
C TYR A 454 24.92 -27.52 12.15
N PHE A 455 25.64 -26.54 12.68
CA PHE A 455 26.01 -25.38 11.88
C PHE A 455 26.79 -25.85 10.65
N MET A 456 27.98 -26.39 10.87
CA MET A 456 28.86 -26.75 9.75
C MET A 456 28.23 -27.74 8.79
N LYS A 457 27.28 -28.55 9.26
CA LYS A 457 26.70 -29.53 8.36
C LYS A 457 25.55 -28.97 7.52
N ARG A 458 24.64 -28.19 8.12
CA ARG A 458 23.44 -27.88 7.37
C ARG A 458 22.92 -26.46 7.55
N TYR A 459 23.72 -25.51 8.04
CA TYR A 459 23.18 -24.16 8.18
C TYR A 459 22.93 -23.51 6.83
N SER A 460 23.64 -23.93 5.79
CA SER A 460 23.56 -23.28 4.50
C SER A 460 22.31 -23.64 3.71
N SER A 461 21.54 -24.62 4.15
CA SER A 461 20.33 -25.04 3.47
C SER A 461 19.10 -24.89 4.37
N TYR A 462 19.11 -23.89 5.25
CA TYR A 462 18.00 -23.63 6.14
C TYR A 462 17.06 -22.59 5.53
N GLY A 463 15.86 -22.52 6.09
CA GLY A 463 14.94 -21.45 5.77
C GLY A 463 15.39 -20.16 6.42
N VAL A 464 14.41 -19.32 6.73
CA VAL A 464 14.71 -18.12 7.50
C VAL A 464 14.36 -18.32 8.97
N LYS A 465 13.27 -19.05 9.24
CA LYS A 465 12.87 -19.30 10.60
C LYS A 465 13.91 -20.10 11.36
N LYS A 466 14.65 -20.97 10.67
CA LYS A 466 15.63 -21.79 11.36
C LYS A 466 16.88 -21.00 11.72
N THR A 467 17.33 -20.12 10.83
CA THR A 467 18.45 -19.24 11.20
C THR A 467 18.04 -18.30 12.34
N LEU A 468 16.79 -17.82 12.31
CA LEU A 468 16.33 -16.97 13.40
C LEU A 468 16.25 -17.74 14.71
N TYR A 469 15.84 -19.01 14.67
CA TYR A 469 15.79 -19.80 15.89
C TYR A 469 17.18 -20.08 16.44
N VAL A 470 18.16 -20.31 15.56
CA VAL A 470 19.53 -20.53 16.02
C VAL A 470 20.06 -19.29 16.72
N HIS A 471 19.87 -18.12 16.09
CA HIS A 471 20.36 -16.89 16.70
C HIS A 471 19.59 -16.54 17.97
N LEU A 472 18.31 -16.91 18.06
CA LEU A 472 17.55 -16.65 19.28
C LEU A 472 18.00 -17.54 20.42
N LEU A 473 18.33 -18.81 20.15
CA LEU A 473 18.91 -19.66 21.17
C LEU A 473 20.22 -19.09 21.69
N ASN A 474 21.09 -18.65 20.78
CA ASN A 474 22.34 -18.06 21.22
C ASN A 474 22.11 -16.79 22.04
N LEU A 475 21.13 -15.98 21.66
CA LEU A 475 20.87 -14.74 22.39
C LEU A 475 20.31 -15.00 23.78
N THR A 476 19.43 -15.99 23.91
CA THR A 476 18.96 -16.34 25.25
C THR A 476 20.08 -16.89 26.10
N GLY A 477 21.08 -17.51 25.48
CA GLY A 477 22.28 -17.84 26.23
C GLY A 477 23.05 -16.61 26.69
N LEU A 478 23.20 -15.63 25.81
CA LEU A 478 24.02 -14.45 26.13
C LEU A 478 23.35 -13.51 27.13
N LEU A 479 22.02 -13.49 27.19
CA LEU A 479 21.36 -12.56 28.09
C LEU A 479 21.50 -12.99 29.54
N ASN A 480 21.56 -14.29 29.78
CA ASN A 480 22.05 -14.84 31.03
C ASN A 480 23.57 -14.85 30.94
N TYR A 481 24.26 -15.58 31.81
CA TYR A 481 25.72 -15.44 31.81
C TYR A 481 26.34 -16.43 30.82
N ASP A 482 26.22 -17.73 31.09
CA ASP A 482 26.43 -18.80 30.10
C ASP A 482 27.63 -18.64 29.19
N THR A 483 28.84 -18.80 29.71
CA THR A 483 30.07 -18.67 28.92
C THR A 483 30.02 -19.44 27.60
N ARG A 484 29.30 -20.57 27.54
CA ARG A 484 29.28 -21.36 26.32
C ARG A 484 28.65 -20.61 25.16
N SER A 485 27.65 -19.78 25.43
CA SER A 485 27.09 -18.93 24.37
C SER A 485 28.04 -17.81 23.98
N TYR A 486 28.78 -17.28 24.96
CA TYR A 486 29.82 -16.31 24.66
C TYR A 486 30.84 -16.87 23.69
N VAL A 487 31.14 -18.16 23.80
CA VAL A 487 32.10 -18.77 22.88
C VAL A 487 31.43 -19.11 21.55
N THR A 488 30.20 -19.62 21.59
CA THR A 488 29.51 -20.00 20.35
C THR A 488 29.27 -18.78 19.45
N SER A 489 29.07 -17.60 20.03
CA SER A 489 28.77 -16.43 19.22
C SER A 489 29.97 -15.94 18.42
N LEU A 490 31.07 -16.68 18.39
CA LEU A 490 32.25 -16.24 17.65
C LEU A 490 32.24 -16.69 16.19
N TYR A 491 31.40 -17.66 15.83
CA TYR A 491 31.30 -18.10 14.45
C TYR A 491 29.91 -17.91 13.84
N LEU A 492 28.95 -17.42 14.60
CA LEU A 492 27.62 -17.21 14.03
C LEU A 492 27.62 -15.95 13.17
N PRO A 493 27.05 -16.01 11.96
CA PRO A 493 27.23 -14.91 11.01
C PRO A 493 26.44 -13.66 11.32
N GLY A 494 25.43 -13.73 12.18
CA GLY A 494 24.62 -12.56 12.45
C GLY A 494 25.27 -11.48 13.29
N TYR A 495 26.46 -11.72 13.83
CA TYR A 495 27.17 -10.70 14.60
C TYR A 495 28.19 -9.94 13.77
N TYR A 496 28.36 -10.31 12.50
CA TYR A 496 29.18 -9.55 11.57
C TYR A 496 28.37 -8.54 10.79
N ASN A 497 27.20 -8.95 10.27
CA ASN A 497 26.44 -8.12 9.35
C ASN A 497 25.41 -7.24 10.05
N ALA A 498 25.64 -6.89 11.30
CA ALA A 498 24.78 -5.91 11.94
C ALA A 498 25.11 -4.48 11.50
N VAL A 499 26.13 -4.29 10.68
CA VAL A 499 26.44 -2.97 10.16
C VAL A 499 25.49 -2.57 9.04
N GLU A 500 24.80 -3.52 8.42
CA GLU A 500 23.87 -3.21 7.35
C GLU A 500 22.70 -2.35 7.83
N MET A 501 22.42 -2.35 9.12
CA MET A 501 21.41 -1.46 9.68
C MET A 501 21.89 -0.05 9.84
N SER A 502 23.08 0.29 9.36
CA SER A 502 23.68 1.59 9.63
C SER A 502 23.32 2.65 8.58
N PHE A 503 22.83 2.25 7.42
CA PHE A 503 22.60 3.16 6.30
C PHE A 503 21.11 3.32 6.08
N THR A 504 20.57 4.45 6.56
CA THR A 504 19.15 4.75 6.43
C THR A 504 18.86 6.12 5.83
N GLU A 505 19.84 7.01 5.76
CA GLU A 505 19.63 8.32 5.18
C GLU A 505 19.42 8.22 3.67
N GLU A 506 18.61 9.14 3.13
CA GLU A 506 18.23 9.11 1.73
C GLU A 506 19.17 9.91 0.84
N LYS A 507 20.40 10.15 1.29
CA LYS A 507 21.40 10.75 0.42
C LYS A 507 21.88 9.71 -0.58
N GLU A 508 22.83 10.12 -1.42
CA GLU A 508 23.44 9.23 -2.40
C GLU A 508 24.90 8.96 -2.03
N PHE A 509 25.44 7.89 -2.59
CA PHE A 509 26.79 7.46 -2.24
C PHE A 509 27.82 8.57 -2.46
N SER A 510 27.60 9.40 -3.47
CA SER A 510 28.54 10.48 -3.76
C SER A 510 28.57 11.50 -2.62
N LYS A 511 27.41 11.80 -2.03
CA LYS A 511 27.38 12.74 -0.91
C LYS A 511 28.09 12.15 0.31
N LEU A 512 27.93 10.85 0.55
CA LEU A 512 28.62 10.20 1.65
C LEU A 512 30.12 10.16 1.43
N PHE A 513 30.58 10.12 0.18
CA PHE A 513 32.02 10.24 -0.06
C PHE A 513 32.50 11.68 0.11
N GLU A 514 31.66 12.65 -0.28
CA GLU A 514 32.05 14.05 -0.14
C GLU A 514 32.19 14.46 1.31
N SER A 515 31.33 13.92 2.19
CA SER A 515 31.48 14.22 3.61
C SER A 515 32.83 13.75 4.13
N LEU A 516 33.26 12.54 3.73
CA LEU A 516 34.55 12.02 4.15
C LEU A 516 35.68 12.89 3.63
N ILE A 517 35.61 13.29 2.36
CA ILE A 517 36.67 14.12 1.78
C ILE A 517 36.74 15.46 2.50
N GLN A 518 35.66 15.90 3.02
CA GLN A 518 35.75 17.12 3.65
C GLN A 518 36.16 17.10 5.05
N CYS A 519 36.38 15.96 5.64
CA CYS A 519 36.87 15.91 7.02
C CYS A 519 38.32 15.64 6.99
N ILE A 520 38.87 15.29 5.87
CA ILE A 520 40.24 15.06 5.77
C ILE A 520 40.70 16.37 5.41
N GLU A 521 40.04 17.01 4.47
CA GLU A 521 40.71 18.29 4.22
C GLU A 521 40.59 19.23 5.40
N LYS A 522 39.64 18.96 6.31
CA LYS A 522 39.53 19.77 7.52
C LYS A 522 40.78 19.68 8.41
N CYS A 523 41.47 18.53 8.40
CA CYS A 523 42.68 18.36 9.20
C CYS A 523 43.91 18.24 8.31
N HIS A 524 44.01 19.08 7.28
CA HIS A 524 45.29 19.20 6.58
C HIS A 524 45.99 20.52 6.92
N SER A 525 45.58 21.16 8.01
CA SER A 525 46.10 22.45 8.40
C SER A 525 46.91 22.39 9.69
N ASP A 526 46.36 21.81 10.75
CA ASP A 526 47.04 21.78 12.04
C ASP A 526 48.25 20.87 12.00
N GLN A 527 49.19 21.12 12.91
CA GLN A 527 50.45 20.36 12.91
C GLN A 527 50.23 18.92 13.39
N ALA A 528 49.54 18.75 14.50
CA ALA A 528 49.31 17.44 15.09
C ALA A 528 47.91 16.96 14.74
N ARG A 529 47.79 15.68 14.37
CA ARG A 529 48.94 14.80 14.27
C ARG A 529 49.21 14.44 12.81
N GLN A 530 50.47 14.52 12.39
CA GLN A 530 50.81 14.16 11.03
C GLN A 530 50.74 12.65 10.83
N ILE A 531 51.23 11.87 11.80
CA ILE A 531 51.25 10.42 11.69
C ILE A 531 51.39 9.82 13.08
N SER A 532 50.87 8.61 13.24
CA SER A 532 51.16 7.76 14.39
C SER A 532 52.02 6.61 13.90
N LYS A 533 52.81 6.00 14.80
CA LYS A 533 53.79 5.02 14.37
C LYS A 533 53.18 3.62 14.27
N ASP A 534 52.45 3.19 15.29
CA ASP A 534 52.00 1.80 15.34
C ASP A 534 50.74 1.72 16.19
N SER A 535 50.36 0.49 16.52
CA SER A 535 49.14 0.17 17.26
C SER A 535 49.41 -0.19 18.70
N ASN A 536 50.33 0.54 19.36
CA ASN A 536 50.89 0.17 20.66
C ASN A 536 49.85 -0.10 21.73
N LEU A 537 48.57 0.15 21.45
CA LEU A 537 47.43 -0.14 22.32
C LEU A 537 47.41 0.79 23.53
N LEU A 538 48.39 1.66 23.69
CA LEU A 538 48.34 2.82 24.58
C LEU A 538 48.45 4.10 23.77
N ASN A 539 47.90 4.09 22.56
CA ASN A 539 48.30 5.02 21.52
C ASN A 539 47.35 6.21 21.35
N ASP A 540 46.15 6.15 21.92
CA ASP A 540 45.23 7.31 21.94
C ASP A 540 44.89 7.77 20.52
N ILE A 541 44.14 6.91 19.82
CA ILE A 541 43.69 7.23 18.47
C ILE A 541 42.86 8.50 18.48
N THR A 542 43.08 9.36 17.48
CA THR A 542 42.32 10.58 17.30
C THR A 542 41.31 10.40 16.17
N LYS A 543 40.64 11.49 15.78
CA LYS A 543 39.52 11.40 14.86
C LYS A 543 39.91 11.39 13.38
N CYS A 544 40.68 12.38 12.92
CA CYS A 544 41.02 12.38 11.51
C CYS A 544 42.22 11.49 11.21
N ASP A 545 42.88 10.97 12.24
CA ASP A 545 43.64 9.73 12.04
C ASP A 545 42.74 8.63 11.53
N LEU A 546 41.59 8.44 12.18
CA LEU A 546 40.60 7.49 11.70
C LEU A 546 40.12 7.84 10.30
N CYS A 547 40.07 9.12 10.01
CA CYS A 547 39.63 9.64 8.76
C CYS A 547 40.50 9.32 7.68
N LYS A 548 41.79 9.54 7.82
CA LYS A 548 42.82 9.20 6.84
C LYS A 548 42.99 7.68 6.72
N GLY A 549 42.86 6.96 7.82
CA GLY A 549 42.96 5.51 7.74
C GLY A 549 41.85 4.91 6.90
N ALA A 550 40.61 5.31 7.16
CA ALA A 550 39.49 4.81 6.37
C ALA A 550 39.64 5.16 4.90
N PHE A 551 40.10 6.38 4.60
CA PHE A 551 40.30 6.77 3.21
C PHE A 551 41.34 5.90 2.54
N LEU A 552 42.56 5.87 3.11
CA LEU A 552 43.63 5.10 2.50
C LEU A 552 43.26 3.62 2.37
N TYR A 553 42.46 3.10 3.30
CA TYR A 553 42.04 1.71 3.22
C TYR A 553 41.05 1.49 2.09
N SER A 554 40.09 2.41 1.91
CA SER A 554 39.06 2.22 0.91
C SER A 554 39.55 2.54 -0.50
N ASN A 555 40.61 3.33 -0.63
CA ASN A 555 40.98 3.88 -1.94
C ASN A 555 42.38 3.48 -2.36
N MET A 556 42.73 2.21 -2.23
CA MET A 556 44.05 1.73 -2.64
C MET A 556 43.91 0.80 -3.84
N LYS A 557 44.86 0.90 -4.76
CA LYS A 557 44.88 0.11 -5.97
C LYS A 557 46.23 -0.61 -6.08
N PHE A 558 46.28 -1.67 -6.89
CA PHE A 558 47.53 -2.39 -7.12
C PHE A 558 47.79 -2.47 -8.62
N ASP A 559 48.31 -1.37 -9.16
CA ASP A 559 48.98 -1.28 -10.45
C ASP A 559 48.06 -1.48 -11.65
N GLU A 560 46.91 -2.13 -11.48
CA GLU A 560 45.85 -2.01 -12.45
C GLU A 560 44.47 -2.25 -11.84
N VAL A 561 44.36 -2.56 -10.56
CA VAL A 561 43.17 -3.19 -10.01
C VAL A 561 42.32 -2.14 -9.31
N PRO A 562 40.99 -2.17 -9.48
CA PRO A 562 40.14 -1.20 -8.78
C PRO A 562 40.22 -1.36 -7.27
N SER A 563 39.82 -0.31 -6.58
CA SER A 563 39.82 -0.30 -5.12
C SER A 563 38.58 -1.02 -4.62
N MET A 564 38.28 -0.88 -3.33
CA MET A 564 37.00 -1.37 -2.84
C MET A 564 35.87 -0.41 -3.21
N LEU A 565 36.13 0.90 -3.12
CA LEU A 565 35.12 1.87 -3.49
C LEU A 565 34.63 1.67 -4.91
N GLN A 566 35.55 1.41 -5.85
CA GLN A 566 35.15 1.30 -7.24
C GLN A 566 34.36 0.02 -7.49
N LYS A 567 34.79 -1.11 -6.93
CA LYS A 567 34.02 -2.33 -7.07
C LYS A 567 32.63 -2.17 -6.46
N PHE A 568 32.55 -1.59 -5.27
CA PHE A 568 31.27 -1.41 -4.60
C PHE A 568 30.36 -0.49 -5.39
N TYR A 569 30.90 0.62 -5.90
CA TYR A 569 30.08 1.58 -6.64
C TYR A 569 29.61 1.00 -7.97
N LEU A 570 30.47 0.22 -8.64
CA LEU A 570 30.05 -0.42 -9.87
C LEU A 570 28.95 -1.45 -9.61
N TYR A 571 29.09 -2.23 -8.54
CA TYR A 571 28.03 -3.17 -8.21
C TYR A 571 26.74 -2.44 -7.88
N LEU A 572 26.84 -1.29 -7.23
CA LEU A 572 25.65 -0.60 -6.75
C LEU A 572 24.91 0.09 -7.89
N THR A 573 25.64 0.65 -8.85
CA THR A 573 24.99 1.41 -9.91
C THR A 573 24.77 0.62 -11.19
N LYS A 574 25.71 -0.22 -11.61
CA LYS A 574 25.52 -1.02 -12.81
C LYS A 574 24.86 -2.36 -12.51
N GLY A 575 25.15 -2.96 -11.36
CA GLY A 575 24.54 -4.22 -10.99
C GLY A 575 23.11 -4.08 -10.53
N LEU A 576 22.90 -3.38 -9.42
CA LEU A 576 21.56 -3.23 -8.85
C LEU A 576 20.82 -2.02 -9.41
N LYS A 577 21.53 -1.04 -9.96
CA LYS A 577 20.93 0.16 -10.55
C LYS A 577 20.14 0.94 -9.49
N ILE A 578 20.84 1.33 -8.44
CA ILE A 578 20.26 2.06 -7.32
C ILE A 578 21.14 3.24 -6.96
N GLN A 579 20.59 4.44 -7.03
CA GLN A 579 21.14 5.60 -6.34
C GLN A 579 20.32 5.87 -5.09
N LYS A 580 20.71 6.89 -4.33
CA LYS A 580 20.02 7.19 -3.07
C LYS A 580 20.08 6.00 -2.13
N VAL A 581 21.26 5.73 -1.55
CA VAL A 581 21.45 4.45 -0.88
C VAL A 581 20.75 4.49 0.48
N SER A 582 19.46 4.22 0.45
CA SER A 582 18.70 3.71 1.57
C SER A 582 17.68 2.69 1.09
N SER A 583 17.65 2.40 -0.21
CA SER A 583 16.80 1.39 -0.80
C SER A 583 17.45 0.02 -0.80
N LEU A 584 18.69 -0.09 -0.33
CA LEU A 584 19.28 -1.41 -0.15
C LEU A 584 18.50 -2.22 0.86
N ILE A 585 17.96 -1.55 1.88
CA ILE A 585 17.02 -2.20 2.79
C ILE A 585 15.66 -1.53 2.67
N LYS A 586 14.91 -1.86 1.62
CA LYS A 586 13.52 -1.42 1.55
C LYS A 586 12.68 -2.49 0.85
N THR A 587 13.33 -3.43 0.18
CA THR A 587 12.67 -4.48 -0.56
C THR A 587 13.41 -5.79 -0.32
N LEU A 588 12.68 -6.91 -0.39
CA LEU A 588 13.29 -8.18 -0.03
C LEU A 588 14.35 -8.62 -1.04
N ASP A 589 14.05 -8.55 -2.33
CA ASP A 589 14.96 -9.12 -3.32
C ASP A 589 16.27 -8.34 -3.38
N ILE A 590 16.19 -7.01 -3.38
CA ILE A 590 17.40 -6.19 -3.35
C ILE A 590 18.23 -6.51 -2.11
N TYR A 591 17.58 -6.59 -0.96
CA TYR A 591 18.29 -6.84 0.28
C TYR A 591 18.96 -8.21 0.26
N GLN A 592 18.28 -9.21 -0.26
CA GLN A 592 18.85 -10.55 -0.27
C GLN A 592 20.03 -10.66 -1.22
N ASP A 593 19.95 -10.02 -2.39
CA ASP A 593 21.11 -10.01 -3.28
C ASP A 593 22.27 -9.24 -2.65
N TYR A 594 21.97 -8.12 -1.99
CA TYR A 594 23.01 -7.34 -1.33
C TYR A 594 23.72 -8.15 -0.24
N SER A 595 22.96 -8.88 0.56
CA SER A 595 23.56 -9.65 1.64
C SER A 595 24.24 -10.92 1.13
N ASN A 596 23.82 -11.47 -0.01
CA ASN A 596 24.57 -12.55 -0.61
C ASN A 596 25.86 -12.08 -1.25
N PHE A 597 25.90 -10.83 -1.71
CA PHE A 597 27.15 -10.29 -2.24
C PHE A 597 28.15 -10.03 -1.13
N LEU A 598 27.71 -9.38 -0.05
CA LEU A 598 28.63 -8.98 1.00
C LEU A 598 29.30 -10.16 1.69
N SER A 599 28.73 -11.36 1.57
CA SER A 599 29.16 -12.51 2.36
C SER A 599 30.34 -13.24 1.76
N HIS A 600 30.95 -12.74 0.67
CA HIS A 600 32.10 -13.40 0.09
C HIS A 600 33.36 -13.14 0.89
N ASP A 601 33.47 -11.96 1.48
CA ASP A 601 34.65 -11.52 2.19
C ASP A 601 34.22 -10.84 3.47
N ILE A 602 35.03 -11.01 4.52
CA ILE A 602 34.77 -10.31 5.78
C ILE A 602 35.38 -8.92 5.79
N ASN A 603 36.31 -8.62 4.89
CA ASN A 603 36.78 -7.26 4.75
C ASN A 603 35.71 -6.32 4.21
N TRP A 604 34.63 -6.86 3.63
CA TRP A 604 33.52 -6.01 3.22
C TRP A 604 32.85 -5.37 4.42
N TYR A 605 32.72 -6.12 5.52
CA TYR A 605 32.13 -5.57 6.73
C TYR A 605 33.03 -4.53 7.37
N THR A 606 34.35 -4.76 7.34
CA THR A 606 35.28 -3.76 7.84
C THR A 606 35.24 -2.50 6.98
N PHE A 607 35.08 -2.65 5.67
CA PHE A 607 34.95 -1.50 4.79
C PHE A 607 33.71 -0.69 5.12
N LEU A 608 32.57 -1.38 5.28
CA LEU A 608 31.33 -0.67 5.64
C LEU A 608 31.45 0.02 6.99
N PHE A 609 32.09 -0.65 7.96
CA PHE A 609 32.28 -0.05 9.28
C PHE A 609 33.11 1.22 9.20
N LEU A 610 34.31 1.14 8.62
CA LEU A 610 35.19 2.30 8.56
C LEU A 610 34.61 3.39 7.67
N PHE A 611 33.76 3.04 6.70
CA PHE A 611 33.18 4.05 5.85
C PHE A 611 32.01 4.76 6.51
N ARG A 612 31.20 4.03 7.28
CA ARG A 612 30.09 4.67 7.97
C ARG A 612 30.59 5.54 9.12
N LEU A 613 31.64 5.11 9.81
CA LEU A 613 32.10 5.88 10.96
C LEU A 613 32.55 7.28 10.59
N THR A 614 33.01 7.50 9.36
CA THR A 614 33.56 8.78 8.97
C THR A 614 32.77 9.48 7.89
N SER A 615 31.58 8.99 7.53
CA SER A 615 30.77 9.63 6.49
C SER A 615 29.50 10.23 7.06
N PHE A 616 29.46 10.44 8.38
CA PHE A 616 28.33 11.15 8.96
C PHE A 616 28.32 12.60 8.47
N LYS A 617 27.16 13.24 8.59
CA LYS A 617 27.01 14.59 8.08
C LYS A 617 27.83 15.59 8.89
N GLU A 618 27.55 15.68 10.19
CA GLU A 618 28.24 16.64 11.06
C GLU A 618 29.47 15.99 11.70
N ILE A 619 30.33 15.44 10.85
CA ILE A 619 31.53 14.77 11.34
C ILE A 619 32.73 15.72 11.38
N SER A 620 32.72 16.79 10.59
CA SER A 620 33.84 17.73 10.56
C SER A 620 33.87 18.64 11.77
N LYS A 621 32.76 18.79 12.49
CA LYS A 621 32.68 19.66 13.66
C LYS A 621 32.63 18.90 14.98
N LYS A 622 31.96 17.76 15.01
CA LYS A 622 31.67 17.06 16.26
C LYS A 622 32.37 15.70 16.28
N ASN A 623 32.14 14.95 17.35
CA ASN A 623 32.77 13.66 17.53
C ASN A 623 32.07 12.57 16.73
N VAL A 624 32.38 11.32 17.01
CA VAL A 624 31.82 10.21 16.25
C VAL A 624 30.43 9.83 16.78
N ALA A 625 30.31 9.53 18.07
CA ALA A 625 29.01 9.16 18.60
C ALA A 625 28.03 10.32 18.56
N GLU A 626 28.53 11.55 18.73
CA GLU A 626 27.67 12.71 18.64
C GLU A 626 27.08 12.86 17.24
N ALA A 627 27.92 12.72 16.22
CA ALA A 627 27.41 12.76 14.85
C ALA A 627 26.48 11.59 14.57
N MET A 628 26.77 10.43 15.15
CA MET A 628 25.89 9.28 14.95
C MET A 628 24.50 9.56 15.47
N TYR A 629 24.41 10.20 16.64
CA TYR A 629 23.09 10.48 17.18
C TYR A 629 22.43 11.67 16.52
N LEU A 630 23.21 12.63 16.01
CA LEU A 630 22.62 13.71 15.22
C LEU A 630 22.06 13.20 13.91
N ASN A 631 22.61 12.12 13.37
CA ASN A 631 22.21 11.65 12.05
C ASN A 631 20.81 11.07 12.03
N ILE A 632 20.32 10.56 13.16
CA ILE A 632 19.02 9.90 13.18
C ILE A 632 18.02 10.72 13.98
N LYS A 633 18.21 12.03 14.02
CA LYS A 633 17.29 12.90 14.74
C LYS A 633 15.88 12.88 14.16
N ASP A 634 15.71 12.33 12.96
CA ASP A 634 14.43 12.35 12.25
C ASP A 634 13.91 10.93 12.05
N GLU A 635 14.15 10.05 13.01
CA GLU A 635 13.76 8.66 12.86
C GLU A 635 12.32 8.39 13.27
N ASP A 636 11.70 9.30 14.03
CA ASP A 636 10.37 9.10 14.57
C ASP A 636 9.34 10.01 13.93
N THR A 637 9.54 10.37 12.66
CA THR A 637 8.58 11.18 11.94
C THR A 637 7.57 10.26 11.25
N PHE A 638 6.74 10.83 10.38
CA PHE A 638 5.73 10.04 9.69
C PHE A 638 6.29 9.37 8.44
N ASN A 639 7.28 9.99 7.79
CA ASN A 639 7.85 9.41 6.58
C ASN A 639 8.85 8.31 6.86
N LYS A 640 9.35 8.23 8.10
CA LYS A 640 10.29 7.18 8.47
C LYS A 640 9.62 6.02 9.19
N THR A 641 8.33 6.14 9.50
CA THR A 641 7.61 5.12 10.26
C THR A 641 6.88 4.11 9.38
N ILE A 642 6.38 4.53 8.22
CA ILE A 642 5.56 3.68 7.39
C ILE A 642 6.39 2.87 6.41
N VAL A 643 7.70 2.85 6.59
CA VAL A 643 8.59 2.12 5.71
C VAL A 643 9.08 0.85 6.41
N THR A 644 9.46 -0.14 5.62
CA THR A 644 10.00 -1.40 6.10
C THR A 644 11.52 -1.39 5.96
N ASN A 645 12.19 -2.30 6.68
CA ASN A 645 13.63 -2.26 6.70
C ASN A 645 14.33 -3.61 6.46
N TYR A 646 13.69 -4.72 6.83
CA TYR A 646 14.16 -6.03 6.38
C TYR A 646 15.60 -6.37 6.74
N TRP A 647 15.92 -6.60 8.02
CA TRP A 647 17.21 -7.13 8.40
C TRP A 647 17.07 -8.59 8.83
N TYR A 648 17.95 -9.45 8.32
CA TYR A 648 18.02 -10.85 8.68
C TYR A 648 19.47 -11.28 8.81
N PRO A 649 19.77 -12.23 9.69
CA PRO A 649 21.13 -12.77 9.76
C PRO A 649 21.54 -13.37 8.42
N SER A 650 22.79 -13.14 8.06
CA SER A 650 23.26 -13.51 6.73
C SER A 650 23.29 -15.02 6.57
N PRO A 651 22.54 -15.58 5.63
CA PRO A 651 22.73 -16.98 5.28
C PRO A 651 23.94 -17.15 4.38
N ILE A 652 24.41 -18.38 4.29
CA ILE A 652 25.58 -18.71 3.48
C ILE A 652 25.07 -19.56 2.32
N LYS A 653 24.71 -18.91 1.23
CA LYS A 653 24.09 -19.57 0.09
C LYS A 653 24.92 -19.33 -1.16
N LYS A 654 24.74 -20.21 -2.14
CA LYS A 654 25.42 -20.02 -3.42
C LYS A 654 24.96 -18.72 -4.05
N TYR A 655 25.90 -18.00 -4.67
CA TYR A 655 25.59 -16.70 -5.24
C TYR A 655 25.13 -16.87 -6.68
N TYR A 656 23.81 -16.88 -6.87
CA TYR A 656 23.19 -16.72 -8.17
C TYR A 656 22.36 -15.44 -8.13
N THR A 657 22.37 -14.69 -9.22
CA THR A 657 21.75 -13.38 -9.24
C THR A 657 20.72 -13.30 -10.36
N LEU A 658 19.60 -12.64 -10.07
CA LEU A 658 18.57 -12.34 -11.06
C LEU A 658 18.73 -10.97 -11.69
N TYR A 659 19.77 -10.22 -11.34
CA TYR A 659 19.77 -8.80 -11.65
C TYR A 659 20.39 -8.46 -12.99
N VAL A 660 21.67 -8.66 -13.21
CA VAL A 660 22.06 -8.48 -14.61
C VAL A 660 22.83 -9.64 -15.22
N ARG A 661 24.15 -9.69 -14.98
CA ARG A 661 25.09 -10.27 -15.95
C ARG A 661 26.51 -10.06 -15.41
N LYS A 662 27.57 -10.61 -16.00
CA LYS A 662 27.65 -11.60 -17.10
C LYS A 662 29.01 -12.27 -17.00
N HIS A 663 29.46 -12.83 -18.12
CA HIS A 663 30.78 -13.44 -18.27
C HIS A 663 31.01 -14.58 -17.29
N ILE A 664 30.01 -14.90 -16.48
CA ILE A 664 30.11 -15.88 -15.40
C ILE A 664 28.74 -16.52 -15.29
N PRO A 665 28.63 -17.83 -15.40
CA PRO A 665 27.30 -18.46 -15.33
C PRO A 665 26.71 -18.40 -13.93
N ASN A 666 26.28 -17.22 -13.49
CA ASN A 666 25.53 -17.06 -12.25
C ASN A 666 24.24 -16.31 -12.58
N ASN A 667 23.22 -17.06 -12.96
CA ASN A 667 21.93 -16.48 -13.32
C ASN A 667 20.86 -17.48 -12.88
N LEU A 668 19.87 -17.00 -12.14
CA LEU A 668 18.89 -17.93 -11.57
C LEU A 668 18.03 -18.57 -12.63
N VAL A 669 17.65 -17.83 -13.68
CA VAL A 669 16.78 -18.41 -14.69
C VAL A 669 17.51 -19.47 -15.48
N ASP A 670 18.77 -19.20 -15.85
CA ASP A 670 19.56 -20.21 -16.55
C ASP A 670 19.78 -21.44 -15.67
N GLU A 671 20.03 -21.23 -14.39
CA GLU A 671 20.19 -22.36 -13.48
C GLU A 671 18.91 -23.19 -13.39
N LEU A 672 17.77 -22.53 -13.31
CA LEU A 672 16.50 -23.25 -13.24
C LEU A 672 16.25 -24.04 -14.50
N GLU A 673 16.54 -23.45 -15.67
CA GLU A 673 16.40 -24.21 -16.91
C GLU A 673 17.37 -25.38 -16.95
N LYS A 674 18.53 -25.25 -16.32
CA LYS A 674 19.49 -26.35 -16.29
C LYS A 674 19.10 -27.45 -15.31
N LEU A 675 18.35 -27.12 -14.27
CA LEU A 675 17.93 -28.10 -13.27
C LEU A 675 16.70 -28.90 -13.69
N MET A 676 16.13 -28.60 -14.85
CA MET A 676 14.89 -29.25 -15.27
C MET A 676 15.19 -30.54 -16.02
N LYS A 677 14.15 -31.36 -16.18
CA LYS A 677 14.27 -32.58 -16.95
C LYS A 677 14.35 -32.26 -18.44
N SER A 678 14.50 -33.31 -19.24
CA SER A 678 14.67 -33.15 -20.67
C SER A 678 13.46 -32.48 -21.31
N GLY A 679 12.31 -33.18 -21.32
CA GLY A 679 11.10 -32.58 -21.84
C GLY A 679 10.24 -31.95 -20.77
N THR A 680 10.38 -30.64 -20.59
CA THR A 680 9.51 -29.88 -19.69
C THR A 680 9.08 -28.54 -20.27
N LEU A 681 9.90 -27.92 -21.14
CA LEU A 681 9.48 -26.70 -21.81
C LEU A 681 8.28 -26.97 -22.71
N GLU A 682 8.34 -28.04 -23.51
CA GLU A 682 7.21 -28.38 -24.35
C GLU A 682 6.01 -28.81 -23.53
N LYS A 683 6.24 -29.38 -22.34
CA LYS A 683 5.13 -29.63 -21.43
C LYS A 683 4.58 -28.34 -20.86
N MET A 684 5.43 -27.32 -20.71
CA MET A 684 4.96 -26.03 -20.22
C MET A 684 4.14 -25.30 -21.28
N LYS A 685 4.47 -25.52 -22.56
CA LYS A 685 3.73 -24.84 -23.63
C LYS A 685 2.41 -25.52 -23.94
N LYS A 686 2.30 -26.83 -23.71
CA LYS A 686 1.12 -27.59 -24.10
C LYS A 686 -0.04 -27.45 -23.13
N SER A 687 0.06 -26.57 -22.14
CA SER A 687 -1.08 -26.17 -21.34
C SER A 687 -1.73 -24.95 -21.99
N LEU A 688 -2.86 -24.51 -21.44
CA LEU A 688 -3.41 -23.19 -21.74
C LEU A 688 -3.67 -23.01 -23.24
N THR A 689 -4.65 -23.75 -23.75
CA THR A 689 -5.05 -23.58 -25.14
C THR A 689 -6.00 -22.40 -25.27
N PHE A 690 -5.69 -21.48 -26.19
CA PHE A 690 -6.46 -20.28 -26.38
C PHE A 690 -7.49 -20.50 -27.48
N LEU A 691 -8.73 -20.06 -27.24
CA LEU A 691 -9.84 -20.37 -28.15
C LEU A 691 -10.49 -19.14 -28.74
N VAL A 692 -10.80 -18.14 -27.94
CA VAL A 692 -11.53 -16.96 -28.39
C VAL A 692 -10.54 -15.80 -28.47
N HIS A 693 -10.21 -15.39 -29.69
CA HIS A 693 -9.30 -14.28 -29.92
C HIS A 693 -9.87 -13.00 -29.32
N VAL A 694 -8.98 -12.02 -29.09
CA VAL A 694 -9.42 -10.74 -28.56
C VAL A 694 -10.13 -9.93 -29.64
N ASN A 695 -9.61 -9.97 -30.87
CA ASN A 695 -10.23 -9.23 -31.95
C ASN A 695 -11.61 -9.76 -32.30
N SER A 696 -11.89 -11.02 -32.00
CA SER A 696 -13.21 -11.58 -32.26
C SER A 696 -14.22 -11.21 -31.19
N PHE A 697 -13.76 -10.89 -29.99
CA PHE A 697 -14.66 -10.53 -28.90
C PHE A 697 -14.76 -9.02 -28.72
N LEU A 698 -13.83 -8.25 -29.27
CA LEU A 698 -13.95 -6.79 -29.21
C LEU A 698 -15.07 -6.31 -30.12
N GLN A 699 -15.12 -6.81 -31.35
CA GLN A 699 -16.07 -6.36 -32.36
C GLN A 699 -17.52 -6.42 -31.88
N LEU A 700 -17.75 -7.06 -30.74
CA LEU A 700 -19.09 -7.15 -30.16
C LEU A 700 -19.24 -6.45 -28.82
N ASP A 701 -18.16 -5.96 -28.22
CA ASP A 701 -18.26 -5.35 -26.89
C ASP A 701 -17.58 -3.98 -26.87
N PHE A 702 -16.47 -3.85 -27.58
CA PHE A 702 -15.71 -2.62 -27.70
C PHE A 702 -15.60 -2.35 -29.19
N PHE A 703 -16.09 -1.18 -29.63
CA PHE A 703 -16.39 -0.89 -31.03
C PHE A 703 -17.68 -1.56 -31.46
N HIS A 704 -18.58 -1.82 -30.52
CA HIS A 704 -19.90 -2.31 -30.91
C HIS A 704 -20.67 -1.25 -31.68
N GLN A 705 -20.35 0.02 -31.47
CA GLN A 705 -21.05 1.09 -32.15
C GLN A 705 -20.84 1.07 -33.65
N LEU A 706 -19.79 0.40 -34.13
CA LEU A 706 -19.51 0.29 -35.56
C LEU A 706 -20.19 -0.93 -36.17
N ASN A 707 -21.48 -1.10 -35.91
CA ASN A 707 -22.22 -2.24 -36.40
C ASN A 707 -23.57 -1.77 -36.90
N GLU A 708 -23.86 -2.02 -38.17
CA GLU A 708 -25.17 -1.71 -38.72
C GLU A 708 -26.22 -2.56 -38.03
N PRO A 709 -27.20 -1.96 -37.35
CA PRO A 709 -28.28 -2.74 -36.77
C PRO A 709 -29.10 -3.39 -37.87
N PRO A 710 -29.34 -4.70 -37.77
CA PRO A 710 -30.05 -5.40 -38.86
C PRO A 710 -31.42 -4.79 -39.09
N LEU A 711 -31.98 -5.07 -40.28
CA LEU A 711 -33.27 -4.52 -40.66
C LEU A 711 -34.32 -4.88 -39.61
N GLY A 712 -34.86 -3.87 -38.94
CA GLY A 712 -35.75 -4.11 -37.82
C GLY A 712 -35.28 -3.48 -36.53
N LEU A 713 -34.84 -4.32 -35.59
CA LEU A 713 -34.48 -3.97 -34.23
C LEU A 713 -33.56 -2.75 -34.15
N PRO A 714 -33.63 -1.99 -33.06
CA PRO A 714 -32.66 -0.91 -32.84
C PRO A 714 -31.35 -1.43 -32.25
N ARG A 715 -30.47 -0.52 -31.85
CA ARG A 715 -29.18 -0.89 -31.27
C ARG A 715 -29.37 -1.85 -30.10
N SER A 716 -28.53 -2.88 -30.05
CA SER A 716 -28.51 -3.85 -28.95
C SER A 716 -27.24 -3.62 -28.14
N TYR A 717 -27.41 -3.10 -26.91
CA TYR A 717 -26.27 -2.67 -26.11
C TYR A 717 -25.26 -3.81 -25.94
N PRO A 718 -23.98 -3.48 -25.71
CA PRO A 718 -22.89 -4.43 -25.97
C PRO A 718 -22.98 -5.69 -25.11
N LEU A 719 -22.09 -6.63 -25.43
CA LEU A 719 -22.12 -7.98 -24.89
C LEU A 719 -21.61 -8.08 -23.47
N SER A 720 -21.41 -6.96 -22.77
CA SER A 720 -21.07 -7.04 -21.36
C SER A 720 -22.27 -6.72 -20.48
N LEU A 721 -23.01 -5.66 -20.83
CA LEU A 721 -24.24 -5.35 -20.12
C LEU A 721 -25.25 -6.47 -20.27
N VAL A 722 -25.38 -7.01 -21.50
CA VAL A 722 -26.29 -8.12 -21.72
C VAL A 722 -25.91 -9.30 -20.83
N LEU A 723 -24.61 -9.58 -20.72
CA LEU A 723 -24.15 -10.71 -19.92
C LEU A 723 -24.50 -10.52 -18.45
N GLU A 724 -24.17 -9.35 -17.89
CA GLU A 724 -24.41 -9.16 -16.47
C GLU A 724 -25.89 -9.13 -16.15
N HIS A 725 -26.70 -8.51 -17.01
CA HIS A 725 -28.15 -8.48 -16.77
C HIS A 725 -28.74 -9.88 -16.88
N LYS A 726 -28.39 -10.65 -17.91
CA LYS A 726 -28.91 -12.00 -18.00
C LYS A 726 -28.45 -12.86 -16.84
N PHE A 727 -27.24 -12.62 -16.33
CA PHE A 727 -26.76 -13.35 -15.16
C PHE A 727 -27.64 -13.05 -13.95
N LYS A 728 -27.84 -11.76 -13.65
CA LYS A 728 -28.63 -11.39 -12.48
C LYS A 728 -30.06 -11.90 -12.60
N GLU A 729 -30.65 -11.81 -13.79
CA GLU A 729 -32.03 -12.26 -13.96
C GLU A 729 -32.14 -13.78 -14.01
N TRP A 730 -31.06 -14.49 -14.34
CA TRP A 730 -31.09 -15.94 -14.23
C TRP A 730 -31.01 -16.39 -12.79
N MET A 731 -30.18 -15.72 -11.98
CA MET A 731 -30.06 -16.16 -10.58
C MET A 731 -31.32 -15.83 -9.80
N ASP A 732 -31.86 -14.63 -9.98
CA ASP A 732 -33.06 -14.23 -9.27
C ASP A 732 -34.33 -14.89 -9.81
N SER A 733 -34.19 -15.86 -10.70
CA SER A 733 -35.31 -16.67 -11.15
C SER A 733 -35.11 -18.14 -10.83
N SER A 734 -34.04 -18.49 -10.14
CA SER A 734 -33.79 -19.87 -9.74
C SER A 734 -34.82 -20.32 -8.72
N PRO A 735 -35.01 -21.64 -8.56
CA PRO A 735 -35.95 -22.11 -7.52
C PRO A 735 -35.54 -21.71 -6.12
N ALA A 736 -34.26 -21.40 -5.89
CA ALA A 736 -33.78 -20.95 -4.59
C ALA A 736 -33.50 -19.46 -4.55
N GLY A 737 -34.04 -18.69 -5.49
CA GLY A 737 -33.85 -17.26 -5.48
C GLY A 737 -35.08 -16.50 -5.04
N PHE A 738 -36.24 -17.13 -5.23
CA PHE A 738 -37.50 -16.49 -4.83
C PHE A 738 -37.53 -16.24 -3.33
N TYR A 739 -37.20 -17.25 -2.53
CA TYR A 739 -37.37 -17.13 -1.08
C TYR A 739 -36.40 -16.14 -0.48
N PHE A 740 -35.12 -16.21 -0.86
CA PHE A 740 -34.13 -15.29 -0.34
C PHE A 740 -34.38 -13.84 -0.74
N SER A 741 -35.34 -13.61 -1.63
CA SER A 741 -35.84 -12.27 -1.92
C SER A 741 -37.11 -11.96 -1.15
N ASN A 742 -37.53 -12.83 -0.24
CA ASN A 742 -38.78 -12.70 0.51
C ASN A 742 -38.44 -12.74 1.99
N TYR A 743 -38.18 -11.56 2.57
CA TYR A 743 -37.95 -11.43 4.00
C TYR A 743 -39.15 -10.91 4.76
N GLN A 744 -40.07 -10.22 4.08
CA GLN A 744 -41.37 -9.88 4.64
C GLN A 744 -42.30 -11.05 4.39
N ASN A 745 -42.55 -11.84 5.44
CA ASN A 745 -43.07 -13.21 5.33
C ASN A 745 -44.48 -13.29 4.74
N PRO A 746 -44.63 -13.72 3.48
CA PRO A 746 -45.93 -14.11 2.94
C PRO A 746 -46.22 -15.60 3.15
N TYR A 747 -46.03 -16.07 4.39
CA TYR A 747 -46.11 -17.49 4.71
C TYR A 747 -45.07 -18.28 3.92
N VAL A 748 -43.86 -17.73 3.80
CA VAL A 748 -42.84 -18.33 2.95
C VAL A 748 -41.86 -19.13 3.80
N ARG A 749 -41.73 -18.77 5.08
CA ARG A 749 -40.82 -19.50 5.96
C ARG A 749 -41.26 -20.95 6.10
N LYS A 750 -42.57 -21.20 6.19
CA LYS A 750 -43.04 -22.54 6.47
C LYS A 750 -42.80 -23.49 5.30
N ASP A 751 -43.15 -23.07 4.09
CA ASP A 751 -42.90 -23.96 2.95
C ASP A 751 -41.42 -24.03 2.61
N LEU A 752 -40.68 -22.93 2.84
CA LEU A 752 -39.22 -23.03 2.78
C LEU A 752 -38.72 -24.14 3.70
N HIS A 753 -39.24 -24.20 4.92
CA HIS A 753 -38.68 -25.11 5.92
C HIS A 753 -39.10 -26.55 5.66
N ASP A 754 -40.29 -26.77 5.11
CA ASP A 754 -40.64 -28.15 4.81
C ASP A 754 -40.05 -28.60 3.47
N LYS A 755 -39.67 -27.64 2.61
CA LYS A 755 -38.84 -27.98 1.46
C LYS A 755 -37.41 -28.33 1.87
N VAL A 756 -36.90 -27.70 2.92
CA VAL A 756 -35.52 -28.01 3.32
C VAL A 756 -35.44 -29.22 4.24
N LEU A 757 -36.44 -29.42 5.10
CA LEU A 757 -36.36 -30.51 6.08
C LEU A 757 -36.55 -31.86 5.42
N SER A 758 -37.63 -32.03 4.66
CA SER A 758 -37.92 -33.31 4.00
C SER A 758 -37.47 -33.32 2.55
N GLN A 759 -37.94 -32.37 1.76
CA GLN A 759 -37.59 -32.28 0.35
C GLN A 759 -36.11 -31.94 0.19
N LYS A 760 -35.59 -32.19 -1.00
CA LYS A 760 -34.19 -31.90 -1.29
C LYS A 760 -34.04 -30.49 -1.83
N PHE A 761 -33.37 -29.63 -1.06
CA PHE A 761 -33.15 -28.24 -1.42
C PHE A 761 -31.75 -28.10 -1.99
N GLU A 762 -31.66 -27.52 -3.19
CA GLU A 762 -30.39 -27.46 -3.89
C GLU A 762 -30.09 -26.03 -4.32
N PRO A 763 -28.83 -25.62 -4.23
CA PRO A 763 -28.43 -24.33 -4.79
C PRO A 763 -28.26 -24.45 -6.30
N PRO A 764 -28.33 -23.34 -7.04
CA PRO A 764 -28.15 -23.42 -8.49
C PRO A 764 -26.73 -23.86 -8.85
N LYS A 765 -26.64 -24.69 -9.88
CA LYS A 765 -25.35 -25.15 -10.39
C LYS A 765 -24.90 -24.27 -11.54
N MET A 766 -23.59 -23.99 -11.59
CA MET A 766 -23.04 -23.24 -12.70
C MET A 766 -23.19 -23.98 -14.02
N ASN A 767 -23.31 -25.31 -13.97
CA ASN A 767 -23.57 -26.08 -15.19
C ASN A 767 -24.83 -25.62 -15.88
N GLN A 768 -25.84 -25.19 -15.12
CA GLN A 768 -27.06 -24.66 -15.72
C GLN A 768 -26.79 -23.34 -16.42
N TRP A 769 -25.97 -22.49 -15.82
CA TRP A 769 -25.69 -21.18 -16.41
C TRP A 769 -24.83 -21.29 -17.65
N ASN A 770 -24.03 -22.35 -17.77
CA ASN A 770 -23.17 -22.51 -18.94
C ASN A 770 -23.99 -22.58 -20.23
N LYS A 771 -25.11 -23.31 -20.20
CA LYS A 771 -25.91 -23.47 -21.42
C LYS A 771 -26.59 -22.16 -21.81
N VAL A 772 -27.08 -21.41 -20.83
CA VAL A 772 -27.65 -20.10 -21.12
C VAL A 772 -26.59 -19.18 -21.73
N LEU A 773 -25.40 -19.19 -21.14
CA LEU A 773 -24.30 -18.39 -21.67
C LEU A 773 -24.02 -18.75 -23.13
N LYS A 774 -23.89 -20.05 -23.41
CA LYS A 774 -23.62 -20.48 -24.78
C LYS A 774 -24.72 -20.04 -25.73
N SER A 775 -25.98 -20.21 -25.32
CA SER A 775 -27.09 -19.84 -26.19
C SER A 775 -27.05 -18.36 -26.55
N LEU A 776 -26.88 -17.51 -25.54
CA LEU A 776 -26.94 -16.08 -25.85
C LEU A 776 -25.68 -15.60 -26.59
N ILE A 777 -24.53 -16.24 -26.37
CA ILE A 777 -23.34 -15.85 -27.12
C ILE A 777 -23.50 -16.22 -28.59
N GLU A 778 -23.98 -17.43 -28.88
CA GLU A 778 -24.18 -17.79 -30.28
C GLU A 778 -25.28 -16.95 -30.90
N CYS A 779 -26.25 -16.50 -30.10
CA CYS A 779 -27.25 -15.56 -30.59
C CYS A 779 -26.62 -14.23 -30.99
N ALA A 780 -25.71 -13.71 -30.16
CA ALA A 780 -25.04 -12.46 -30.50
C ALA A 780 -24.20 -12.60 -31.77
N TYR A 781 -23.53 -13.73 -31.93
CA TYR A 781 -22.77 -13.96 -33.16
C TYR A 781 -23.70 -14.02 -34.38
N ASP A 782 -24.82 -14.75 -34.26
CA ASP A 782 -25.76 -14.83 -35.37
C ASP A 782 -26.34 -13.46 -35.70
N MET A 783 -26.52 -12.60 -34.70
CA MET A 783 -26.96 -11.24 -34.97
C MET A 783 -25.89 -10.44 -35.67
N TYR A 784 -24.61 -10.70 -35.36
CA TYR A 784 -23.54 -10.02 -36.08
C TYR A 784 -23.49 -10.43 -37.54
N PHE A 785 -23.68 -11.71 -37.83
CA PHE A 785 -23.43 -12.18 -39.18
C PHE A 785 -24.49 -11.76 -40.18
N GLU A 786 -25.67 -11.35 -39.74
CA GLU A 786 -26.73 -10.92 -40.67
C GLU A 786 -26.80 -9.40 -40.75
N GLN A 787 -25.75 -8.80 -41.31
CA GLN A 787 -25.75 -7.38 -41.66
C GLN A 787 -25.63 -7.26 -43.17
N ARG A 788 -25.87 -6.05 -43.68
CA ARG A 788 -25.76 -5.83 -45.12
C ARG A 788 -24.34 -6.10 -45.61
N HIS A 789 -23.38 -5.34 -45.07
CA HIS A 789 -22.01 -5.43 -45.54
C HIS A 789 -21.35 -6.74 -45.19
N VAL A 790 -21.96 -7.58 -44.35
CA VAL A 790 -21.41 -8.90 -44.08
C VAL A 790 -22.01 -9.95 -45.01
N LYS A 791 -23.32 -9.87 -45.27
CA LYS A 791 -23.94 -10.79 -46.21
C LYS A 791 -23.39 -10.59 -47.61
N ASN A 792 -23.35 -9.34 -48.07
CA ASN A 792 -22.91 -9.07 -49.43
C ASN A 792 -21.47 -9.49 -49.69
N LEU A 793 -20.67 -9.65 -48.64
CA LEU A 793 -19.30 -10.12 -48.78
C LEU A 793 -19.20 -11.62 -48.59
N TYR A 794 -20.01 -12.19 -47.70
CA TYR A 794 -19.97 -13.63 -47.49
C TYR A 794 -20.56 -14.41 -48.65
N LYS A 795 -21.39 -13.76 -49.48
CA LYS A 795 -21.90 -14.43 -50.67
C LYS A 795 -20.75 -15.03 -51.49
N TYR A 796 -19.67 -14.28 -51.65
CA TYR A 796 -18.49 -14.75 -52.40
C TYR A 796 -17.46 -15.28 -51.41
N HIS A 797 -17.81 -16.40 -50.77
CA HIS A 797 -16.98 -16.95 -49.71
C HIS A 797 -15.59 -17.29 -50.21
N ASN A 798 -15.48 -18.27 -51.10
CA ASN A 798 -14.22 -18.56 -51.79
C ASN A 798 -14.50 -18.64 -53.29
N ILE A 799 -14.61 -17.48 -53.92
CA ILE A 799 -14.52 -17.33 -55.36
C ILE A 799 -13.63 -16.12 -55.58
N TYR A 800 -13.20 -15.51 -54.48
CA TYR A 800 -12.45 -14.26 -54.50
C TYR A 800 -11.65 -14.17 -53.20
N ASN A 801 -11.15 -12.98 -52.91
CA ASN A 801 -10.40 -12.76 -51.69
C ASN A 801 -11.34 -12.45 -50.53
N ILE A 802 -10.83 -12.65 -49.31
CA ILE A 802 -11.62 -12.47 -48.09
C ILE A 802 -10.96 -11.39 -47.24
N ASN A 803 -11.76 -10.72 -46.41
CA ASN A 803 -11.25 -9.64 -45.58
C ASN A 803 -10.35 -10.13 -44.46
N ASN A 804 -10.22 -11.45 -44.26
CA ASN A 804 -9.33 -12.02 -43.25
C ASN A 804 -9.84 -11.72 -41.84
N LYS A 805 -10.99 -11.07 -41.74
CA LYS A 805 -11.61 -10.75 -40.46
C LYS A 805 -12.91 -11.51 -40.21
N LEU A 806 -13.67 -11.81 -41.26
CA LEU A 806 -14.86 -12.64 -41.08
C LEU A 806 -14.48 -14.08 -40.77
N MET A 807 -13.40 -14.56 -41.38
CA MET A 807 -12.95 -15.92 -41.11
C MET A 807 -12.55 -16.09 -39.66
N LEU A 808 -11.99 -15.05 -39.05
CA LEU A 808 -11.64 -15.12 -37.64
C LEU A 808 -12.88 -15.29 -36.77
N MET A 809 -13.95 -14.55 -37.07
CA MET A 809 -15.17 -14.68 -36.28
C MET A 809 -15.80 -16.05 -36.47
N ARG A 810 -15.82 -16.56 -37.70
CA ARG A 810 -16.33 -17.90 -37.95
C ARG A 810 -15.56 -18.95 -37.14
N ASP A 811 -14.22 -18.87 -37.20
CA ASP A 811 -13.39 -19.83 -36.47
C ASP A 811 -13.62 -19.72 -34.97
N SER A 812 -13.73 -18.50 -34.46
CA SER A 812 -13.93 -18.32 -33.02
C SER A 812 -15.25 -18.94 -32.57
N ILE A 813 -16.33 -18.71 -33.33
CA ILE A 813 -17.60 -19.27 -32.88
C ILE A 813 -17.61 -20.79 -33.00
N ASP A 814 -16.94 -21.36 -34.01
CA ASP A 814 -16.87 -22.81 -34.10
C ASP A 814 -16.10 -23.39 -32.92
N LEU A 815 -14.90 -22.86 -32.66
CA LEU A 815 -14.09 -23.35 -31.55
C LEU A 815 -14.80 -23.20 -30.22
N TYR A 816 -15.58 -22.13 -30.04
CA TYR A 816 -16.32 -21.99 -28.79
C TYR A 816 -17.44 -23.02 -28.69
N LYS A 817 -18.20 -23.20 -29.77
CA LYS A 817 -19.28 -24.18 -29.74
C LYS A 817 -18.77 -25.59 -29.52
N THR A 818 -17.51 -25.86 -29.85
CA THR A 818 -16.96 -27.18 -29.54
C THR A 818 -16.64 -27.33 -28.05
N HIS A 819 -15.76 -26.48 -27.53
CA HIS A 819 -15.33 -26.56 -26.14
C HIS A 819 -16.14 -25.59 -25.26
N PHE A 820 -17.45 -25.72 -25.27
CA PHE A 820 -18.28 -24.70 -24.64
C PHE A 820 -18.38 -24.85 -23.13
N ASP A 821 -17.88 -25.94 -22.56
CA ASP A 821 -18.02 -26.18 -21.13
C ASP A 821 -16.75 -25.95 -20.34
N ASP A 822 -15.62 -25.71 -21.00
CA ASP A 822 -14.34 -25.55 -20.31
C ASP A 822 -13.83 -24.12 -20.31
N VAL A 823 -14.23 -23.30 -21.30
CA VAL A 823 -13.60 -22.00 -21.48
C VAL A 823 -13.78 -21.12 -20.26
N LEU A 824 -12.83 -20.19 -20.09
CA LEU A 824 -12.91 -19.14 -19.09
C LEU A 824 -12.54 -17.82 -19.75
N PHE A 825 -13.11 -16.73 -19.24
CA PHE A 825 -12.91 -15.40 -19.79
C PHE A 825 -12.37 -14.49 -18.70
N PHE A 826 -11.14 -14.00 -18.85
CA PHE A 826 -10.66 -13.21 -17.73
C PHE A 826 -10.79 -11.69 -17.85
N ALA A 827 -9.85 -11.05 -18.55
CA ALA A 827 -9.71 -9.61 -18.52
C ALA A 827 -8.42 -9.18 -19.20
N ASP A 828 -8.20 -7.86 -19.33
CA ASP A 828 -6.85 -7.34 -19.50
C ASP A 828 -6.86 -5.91 -18.98
N ILE A 829 -6.48 -5.74 -17.71
CA ILE A 829 -6.59 -4.45 -17.04
C ILE A 829 -5.22 -3.93 -16.64
N PHE A 830 -4.54 -4.68 -15.77
CA PHE A 830 -3.25 -4.24 -15.24
C PHE A 830 -2.11 -4.63 -16.18
N PHE A 863 -3.59 0.67 -17.35
CA PHE A 863 -4.87 0.48 -16.70
C PHE A 863 -6.02 0.80 -17.65
N TYR A 864 -6.92 -0.17 -17.84
CA TYR A 864 -8.10 0.00 -18.67
C TYR A 864 -9.35 0.14 -17.82
N LYS A 865 -10.36 0.78 -18.39
CA LYS A 865 -11.64 0.95 -17.74
C LYS A 865 -12.75 0.15 -18.40
N TYR A 866 -12.49 -0.48 -19.53
CA TYR A 866 -13.43 -1.34 -20.22
C TYR A 866 -12.86 -2.75 -20.31
N GLY A 867 -13.57 -3.62 -21.02
CA GLY A 867 -13.23 -5.03 -21.09
C GLY A 867 -12.37 -5.37 -22.30
N ILE A 868 -11.36 -6.20 -22.05
CA ILE A 868 -10.53 -6.77 -23.11
C ILE A 868 -10.60 -8.29 -22.98
N ILE A 869 -11.79 -8.79 -22.61
CA ILE A 869 -12.00 -10.22 -22.38
C ILE A 869 -11.48 -11.07 -23.54
N TYR A 870 -10.84 -12.19 -23.20
CA TYR A 870 -10.43 -13.23 -24.14
C TYR A 870 -10.80 -14.58 -23.56
N GLY A 871 -10.53 -15.65 -24.31
CA GLY A 871 -10.96 -16.97 -23.89
C GLY A 871 -9.93 -18.08 -24.00
N PHE A 872 -9.82 -18.89 -22.94
CA PHE A 872 -8.82 -19.94 -22.89
C PHE A 872 -9.38 -21.11 -22.11
N LYS A 873 -8.68 -22.25 -22.19
CA LYS A 873 -8.99 -23.40 -21.37
C LYS A 873 -7.69 -24.03 -20.88
N VAL A 874 -7.75 -24.64 -19.71
CA VAL A 874 -6.59 -25.20 -19.02
C VAL A 874 -6.64 -26.72 -19.14
N ASN A 875 -5.52 -27.31 -19.55
CA ASN A 875 -5.39 -28.76 -19.64
C ASN A 875 -4.86 -29.28 -18.31
N LYS A 876 -5.80 -29.61 -17.41
CA LYS A 876 -5.41 -29.94 -16.05
C LYS A 876 -4.95 -31.38 -15.91
N GLU A 877 -4.06 -31.81 -16.80
CA GLU A 877 -3.28 -33.02 -16.62
C GLU A 877 -1.80 -32.83 -16.92
N ILE A 878 -1.44 -31.83 -17.72
CA ILE A 878 -0.05 -31.46 -17.89
C ILE A 878 0.34 -30.38 -16.88
N LEU A 879 -0.59 -29.51 -16.52
CA LEU A 879 -0.33 -28.52 -15.50
C LEU A 879 0.07 -29.17 -14.18
N LYS A 880 -0.59 -30.27 -13.82
CA LYS A 880 -0.25 -30.95 -12.58
C LYS A 880 1.16 -31.49 -12.61
N GLU A 881 1.57 -32.08 -13.74
CA GLU A 881 2.92 -32.61 -13.86
C GLU A 881 3.95 -31.50 -13.79
N VAL A 882 3.69 -30.37 -14.46
CA VAL A 882 4.63 -29.26 -14.42
C VAL A 882 4.77 -28.72 -13.01
N VAL A 883 3.65 -28.56 -12.30
CA VAL A 883 3.73 -28.02 -10.94
C VAL A 883 4.43 -29.00 -10.02
N ASP A 884 4.23 -30.30 -10.20
CA ASP A 884 4.94 -31.28 -9.38
C ASP A 884 6.45 -31.22 -9.63
N GLU A 885 6.84 -31.12 -10.90
CA GLU A 885 8.25 -31.00 -11.23
C GLU A 885 8.86 -29.77 -10.56
N LEU A 886 8.17 -28.64 -10.64
CA LEU A 886 8.71 -27.41 -10.05
C LEU A 886 8.78 -27.51 -8.53
N TYR A 887 7.78 -28.15 -7.92
CA TYR A 887 7.81 -28.33 -6.47
C TYR A 887 9.00 -29.18 -6.05
N SER A 888 9.30 -30.23 -6.81
CA SER A 888 10.47 -31.05 -6.51
C SER A 888 11.75 -30.25 -6.65
N ILE A 889 11.90 -29.54 -7.77
CA ILE A 889 13.10 -28.73 -7.99
C ILE A 889 13.30 -27.74 -6.85
N TYR A 890 12.22 -27.17 -6.33
CA TYR A 890 12.36 -26.23 -5.23
C TYR A 890 12.74 -26.94 -3.94
N ASN A 891 12.10 -28.07 -3.65
CA ASN A 891 12.37 -28.75 -2.38
C ASN A 891 13.78 -29.31 -2.32
N PHE A 892 14.40 -29.59 -3.46
CA PHE A 892 15.74 -30.16 -3.41
C PHE A 892 16.85 -29.13 -3.36
N ASN A 893 16.57 -27.88 -3.72
CA ASN A 893 17.60 -26.84 -3.77
C ASN A 893 17.17 -25.67 -2.89
N THR A 894 17.45 -25.75 -1.60
CA THR A 894 17.20 -24.65 -0.67
C THR A 894 18.47 -23.93 -0.27
N ASP A 895 19.63 -24.37 -0.77
CA ASP A 895 20.83 -23.56 -0.76
C ASP A 895 20.80 -22.48 -1.84
N ILE A 896 19.73 -22.43 -2.61
CA ILE A 896 19.35 -21.28 -3.44
C ILE A 896 17.86 -21.11 -3.20
N PHE A 897 17.20 -20.21 -3.94
CA PHE A 897 15.74 -20.21 -3.95
C PHE A 897 15.14 -19.91 -2.58
N THR A 898 15.23 -18.66 -2.14
CA THR A 898 14.80 -18.25 -0.81
C THR A 898 13.29 -18.05 -0.67
N ASP A 899 12.49 -18.71 -1.51
CA ASP A 899 11.03 -18.78 -1.48
C ASP A 899 10.37 -17.53 -2.05
N THR A 900 11.11 -16.46 -2.29
CA THR A 900 10.64 -15.35 -3.12
C THR A 900 11.50 -15.15 -4.34
N SER A 901 12.63 -15.85 -4.43
CA SER A 901 13.39 -15.94 -5.65
C SER A 901 12.86 -17.01 -6.58
N PHE A 902 12.18 -18.02 -6.04
CA PHE A 902 11.60 -19.06 -6.90
C PHE A 902 10.45 -18.51 -7.72
N LEU A 903 9.57 -17.72 -7.12
CA LEU A 903 8.46 -17.16 -7.86
C LEU A 903 8.93 -16.18 -8.94
N GLN A 904 9.89 -15.32 -8.61
CA GLN A 904 10.43 -14.40 -9.60
C GLN A 904 11.14 -15.15 -10.73
N THR A 905 11.89 -16.19 -10.39
CA THR A 905 12.56 -16.98 -11.41
C THR A 905 11.55 -17.65 -12.33
N VAL A 906 10.48 -18.23 -11.77
CA VAL A 906 9.47 -18.87 -12.59
C VAL A 906 8.77 -17.84 -13.48
N TYR A 907 8.51 -16.65 -12.94
CA TYR A 907 7.85 -15.61 -13.72
C TYR A 907 8.72 -15.19 -14.91
N LEU A 908 10.02 -15.01 -14.69
CA LEU A 908 10.89 -14.64 -15.79
C LEU A 908 11.04 -15.77 -16.80
N LEU A 909 11.03 -17.01 -16.34
CA LEU A 909 11.06 -18.14 -17.27
C LEU A 909 9.81 -18.16 -18.13
N PHE A 910 8.65 -17.87 -17.54
CA PHE A 910 7.42 -17.79 -18.32
C PHE A 910 7.47 -16.65 -19.32
N ARG A 911 8.06 -15.52 -18.93
CA ARG A 911 8.19 -14.41 -19.88
C ARG A 911 9.09 -14.77 -21.06
N ARG A 912 10.13 -15.57 -20.82
CA ARG A 912 10.97 -15.99 -21.94
C ARG A 912 10.24 -17.01 -22.82
N ILE A 913 9.52 -17.96 -22.21
CA ILE A 913 8.67 -18.87 -22.97
C ILE A 913 7.67 -18.09 -23.82
N GLU A 914 7.22 -16.94 -23.33
CA GLU A 914 6.28 -16.14 -24.10
C GLU A 914 6.96 -15.41 -25.25
N GLU A 915 8.06 -14.72 -24.97
CA GLU A 915 8.74 -13.96 -26.02
C GLU A 915 9.43 -14.85 -27.04
N THR A 916 9.46 -16.17 -26.83
CA THR A 916 9.89 -17.03 -27.93
C THR A 916 8.81 -17.23 -28.99
N TYR A 917 7.67 -16.53 -28.89
CA TYR A 917 6.56 -16.69 -29.82
C TYR A 917 6.47 -15.60 -30.86
N ARG A 918 7.12 -14.46 -30.64
CA ARG A 918 6.96 -13.29 -31.48
C ARG A 918 7.79 -13.40 -32.75
N THR A 919 7.20 -13.00 -33.87
CA THR A 919 7.83 -13.05 -35.18
C THR A 919 7.84 -11.66 -35.79
N GLN A 920 8.59 -11.50 -36.88
CA GLN A 920 8.66 -10.19 -37.52
C GLN A 920 7.39 -9.89 -38.32
N ARG A 921 6.91 -10.84 -39.11
CA ARG A 921 5.52 -10.77 -39.54
C ARG A 921 4.66 -10.67 -38.30
N ARG A 922 3.56 -9.91 -38.38
CA ARG A 922 2.82 -9.51 -37.18
C ARG A 922 3.74 -8.67 -36.28
N ASP A 923 4.03 -7.47 -36.77
CA ASP A 923 5.23 -6.70 -36.48
C ASP A 923 5.42 -6.31 -35.01
N ASP A 924 6.53 -5.62 -34.73
CA ASP A 924 6.97 -5.29 -33.38
C ASP A 924 5.98 -4.40 -32.62
N LYS A 925 5.77 -3.17 -33.11
CA LYS A 925 4.92 -2.22 -32.39
C LYS A 925 3.49 -2.70 -32.26
N ILE A 926 3.11 -3.72 -33.03
CA ILE A 926 1.85 -4.45 -32.92
C ILE A 926 1.84 -5.23 -31.60
N SER A 927 2.92 -5.10 -30.83
CA SER A 927 2.93 -5.55 -29.44
C SER A 927 2.14 -4.52 -28.63
N VAL A 928 2.28 -4.53 -27.31
CA VAL A 928 1.24 -4.08 -26.39
C VAL A 928 0.60 -2.76 -26.84
N ASN A 929 1.36 -1.67 -26.88
CA ASN A 929 0.99 -0.41 -27.52
C ASN A 929 -0.50 -0.09 -27.47
N ASN A 930 -1.09 -0.08 -26.27
CA ASN A 930 -2.51 0.24 -26.08
C ASN A 930 -3.36 -0.50 -27.12
N VAL A 931 -3.37 -1.84 -26.99
CA VAL A 931 -3.54 -2.73 -28.12
C VAL A 931 -4.79 -2.44 -28.94
N PHE A 932 -4.58 -1.93 -30.14
CA PHE A 932 -5.56 -1.96 -31.21
C PHE A 932 -4.88 -2.21 -32.54
N PHE A 933 -3.58 -2.46 -32.55
CA PHE A 933 -2.78 -2.75 -33.74
C PHE A 933 -2.65 -4.25 -34.00
N MET A 934 -3.27 -5.09 -33.18
CA MET A 934 -3.00 -6.53 -33.24
C MET A 934 -3.81 -7.20 -34.34
N ASN A 935 -3.16 -8.10 -35.07
CA ASN A 935 -3.80 -8.93 -36.08
C ASN A 935 -3.14 -10.29 -36.07
N VAL A 936 -3.63 -11.17 -36.94
CA VAL A 936 -3.17 -12.56 -36.96
C VAL A 936 -2.02 -12.74 -37.94
N ALA A 937 -2.28 -12.52 -39.24
CA ALA A 937 -1.28 -12.71 -40.28
C ALA A 937 -1.86 -12.15 -41.57
N ASN A 938 -0.96 -11.86 -42.51
CA ASN A 938 -1.41 -11.27 -43.77
C ASN A 938 -2.13 -12.27 -44.65
N ASN A 939 -1.85 -13.56 -44.49
CA ASN A 939 -2.54 -14.62 -45.21
C ASN A 939 -3.09 -15.64 -44.24
N TYR A 940 -3.80 -15.15 -43.22
CA TYR A 940 -4.47 -16.04 -42.28
C TYR A 940 -5.41 -16.99 -43.02
N SER A 941 -6.27 -16.44 -43.87
CA SER A 941 -7.07 -17.28 -44.75
C SER A 941 -6.18 -17.97 -45.77
N LYS A 942 -6.74 -18.97 -46.44
CA LYS A 942 -6.07 -19.81 -47.43
C LYS A 942 -5.09 -20.78 -46.78
N LEU A 943 -4.85 -20.64 -45.48
CA LEU A 943 -3.92 -21.54 -44.81
C LEU A 943 -4.44 -22.97 -44.80
N ASN A 944 -5.51 -23.18 -44.03
CA ASN A 944 -6.12 -24.50 -43.86
C ASN A 944 -7.37 -24.34 -43.02
N LYS A 945 -8.00 -25.44 -42.63
CA LYS A 945 -9.02 -25.42 -41.61
C LYS A 945 -8.46 -25.77 -40.23
N GLU A 946 -7.24 -26.29 -40.17
CA GLU A 946 -6.65 -26.71 -38.90
C GLU A 946 -5.35 -26.02 -38.56
N GLU A 947 -4.64 -25.41 -39.51
CA GLU A 947 -3.48 -24.60 -39.15
C GLU A 947 -3.90 -23.20 -38.72
N ARG A 948 -5.04 -22.72 -39.18
CA ARG A 948 -5.49 -21.38 -38.82
C ARG A 948 -6.25 -21.35 -37.49
N GLU A 949 -6.14 -22.41 -36.69
CA GLU A 949 -6.44 -22.34 -35.27
C GLU A 949 -5.19 -22.45 -34.41
N ILE A 950 -4.19 -23.19 -34.88
CA ILE A 950 -2.85 -23.07 -34.32
C ILE A 950 -2.36 -21.64 -34.44
N GLU A 951 -2.73 -20.96 -35.53
CA GLU A 951 -2.36 -19.56 -35.69
C GLU A 951 -3.07 -18.68 -34.65
N ILE A 952 -4.33 -18.99 -34.34
CA ILE A 952 -5.02 -18.24 -33.28
C ILE A 952 -4.32 -18.45 -31.95
N HIS A 953 -3.98 -19.71 -31.65
CA HIS A 953 -3.28 -20.00 -30.40
C HIS A 953 -1.97 -19.25 -30.30
N ASN A 954 -1.18 -19.25 -31.38
CA ASN A 954 0.11 -18.57 -31.34
C ASN A 954 -0.07 -17.07 -31.23
N SER A 955 -1.02 -16.49 -31.96
CA SER A 955 -1.24 -15.06 -31.90
C SER A 955 -1.66 -14.62 -30.51
N MET A 956 -2.48 -15.42 -29.83
CA MET A 956 -2.88 -15.07 -28.48
C MET A 956 -1.75 -15.27 -27.49
N ALA A 957 -1.06 -16.41 -27.57
CA ALA A 957 -0.02 -16.73 -26.59
C ALA A 957 1.16 -15.79 -26.71
N SER A 958 1.38 -15.21 -27.88
CA SER A 958 2.45 -14.23 -28.06
C SER A 958 2.27 -12.98 -27.21
N ARG A 959 1.12 -12.80 -26.57
CA ARG A 959 0.86 -11.58 -25.83
C ARG A 959 0.29 -11.89 -24.45
N TYR A 960 -0.41 -13.01 -24.31
CA TYR A 960 -1.10 -13.31 -23.07
C TYR A 960 -0.73 -14.67 -22.50
N TYR A 961 0.55 -15.02 -22.47
CA TYR A 961 0.94 -16.31 -21.93
C TYR A 961 1.40 -16.23 -20.48
N ALA A 962 2.27 -15.28 -20.16
CA ALA A 962 2.76 -15.18 -18.79
C ALA A 962 1.65 -14.76 -17.84
N LYS A 963 0.83 -13.80 -18.26
CA LYS A 963 -0.20 -13.24 -17.37
C LYS A 963 -1.18 -14.30 -16.90
N THR A 964 -1.57 -15.21 -17.80
CA THR A 964 -2.57 -16.21 -17.46
C THR A 964 -2.00 -17.51 -16.96
N MET A 965 -0.72 -17.79 -17.21
CA MET A 965 -0.10 -18.98 -16.65
C MET A 965 0.42 -18.75 -15.24
N PHE A 966 0.94 -17.56 -14.96
CA PHE A 966 1.47 -17.29 -13.63
C PHE A 966 0.37 -17.32 -12.58
N ALA A 967 -0.84 -16.86 -12.91
CA ALA A 967 -1.93 -16.89 -11.96
C ALA A 967 -2.21 -18.31 -11.47
N ALA A 968 -2.46 -19.22 -12.41
CA ALA A 968 -2.71 -20.61 -12.07
C ALA A 968 -1.53 -21.20 -11.31
N PHE A 969 -0.31 -21.02 -11.83
CA PHE A 969 0.84 -21.61 -11.17
C PHE A 969 0.96 -21.14 -9.73
N GLN A 970 0.85 -19.84 -9.49
CA GLN A 970 1.13 -19.34 -8.16
C GLN A 970 0.00 -19.69 -7.20
N MET A 971 -1.24 -19.77 -7.66
CA MET A 971 -2.29 -20.18 -6.73
C MET A 971 -2.21 -21.67 -6.43
N LEU A 972 -1.62 -22.47 -7.32
CA LEU A 972 -1.37 -23.86 -6.98
C LEU A 972 -0.17 -24.00 -6.05
N PHE A 973 0.86 -23.19 -6.28
CA PHE A 973 2.12 -23.33 -5.54
C PHE A 973 1.96 -22.85 -4.11
N SER A 974 1.29 -21.71 -3.91
CA SER A 974 1.06 -21.25 -2.55
C SER A 974 0.15 -22.18 -1.77
N THR A 975 -0.53 -23.10 -2.45
CA THR A 975 -1.37 -24.08 -1.77
C THR A 975 -0.61 -25.34 -1.44
N MET A 976 0.24 -25.83 -2.36
CA MET A 976 1.07 -26.98 -2.02
C MET A 976 2.07 -26.63 -0.92
N LEU A 977 2.46 -25.37 -0.83
CA LEU A 977 3.49 -24.90 0.10
C LEU A 977 2.90 -24.40 1.41
N SER A 978 2.08 -25.23 2.07
CA SER A 978 1.50 -24.86 3.36
C SER A 978 1.22 -26.13 4.16
N ASN A 979 0.65 -25.93 5.35
CA ASN A 979 0.50 -27.03 6.29
C ASN A 979 -0.94 -27.19 6.77
N ASN A 980 -1.73 -26.13 6.71
CA ASN A 980 -3.05 -26.13 7.32
C ASN A 980 -4.17 -25.92 6.31
N VAL A 981 -4.11 -26.59 5.17
CA VAL A 981 -5.21 -26.56 4.22
C VAL A 981 -6.05 -27.81 4.39
N ASP A 982 -5.40 -28.91 4.75
CA ASP A 982 -6.15 -30.14 5.01
C ASP A 982 -7.05 -29.99 6.22
N ASN A 983 -6.63 -29.19 7.21
CA ASN A 983 -7.46 -28.92 8.36
C ASN A 983 -8.70 -28.13 7.96
N LEU A 984 -8.52 -27.12 7.10
CA LEU A 984 -9.67 -26.40 6.56
C LEU A 984 -10.58 -27.32 5.77
N ASP A 985 -10.01 -28.29 5.07
CA ASP A 985 -10.81 -29.21 4.27
C ASP A 985 -11.65 -30.12 5.16
N LYS A 986 -11.05 -30.68 6.21
CA LYS A 986 -11.75 -31.65 7.05
C LYS A 986 -12.79 -31.00 7.95
N ALA A 987 -12.92 -29.67 7.93
CA ALA A 987 -13.79 -29.01 8.90
C ALA A 987 -15.24 -28.90 8.44
N TYR A 988 -15.53 -29.20 7.17
CA TYR A 988 -16.85 -28.95 6.62
C TYR A 988 -17.66 -30.24 6.55
N GLY A 989 -18.83 -30.23 7.18
CA GLY A 989 -19.85 -31.23 6.97
C GLY A 989 -19.47 -32.69 7.07
N LEU A 990 -19.15 -33.15 8.28
CA LEU A 990 -18.92 -34.57 8.51
C LEU A 990 -20.24 -35.33 8.45
N SER A 991 -20.26 -36.45 7.73
CA SER A 991 -21.42 -37.34 7.74
C SER A 991 -21.68 -37.80 9.17
N GLU A 992 -22.80 -37.37 9.75
CA GLU A 992 -22.93 -37.36 11.20
C GLU A 992 -22.83 -38.75 11.83
N ASN A 993 -23.89 -39.56 11.70
CA ASN A 993 -23.76 -40.99 11.94
C ASN A 993 -24.32 -41.78 10.76
N ILE A 994 -25.61 -41.56 10.52
CA ILE A 994 -26.38 -42.11 9.40
C ILE A 994 -27.21 -40.95 8.89
N GLN A 995 -27.08 -39.80 9.55
CA GLN A 995 -28.10 -38.76 9.62
C GLN A 995 -28.23 -37.97 8.33
N VAL A 996 -28.94 -36.83 8.42
CA VAL A 996 -29.36 -36.02 7.27
C VAL A 996 -28.23 -35.77 6.28
N ALA A 997 -26.98 -35.92 6.73
CA ALA A 997 -25.79 -35.77 5.89
C ALA A 997 -25.67 -34.35 5.35
N THR A 998 -25.79 -33.38 6.26
CA THR A 998 -25.46 -31.98 6.04
C THR A 998 -26.32 -31.31 4.98
N SER A 999 -27.51 -31.85 4.71
CA SER A 999 -28.42 -31.19 3.78
C SER A 999 -28.83 -29.81 4.31
N THR A 1000 -29.31 -29.77 5.55
CA THR A 1000 -29.56 -28.48 6.19
C THR A 1000 -28.28 -27.66 6.29
N SER A 1001 -27.13 -28.32 6.43
CA SER A 1001 -25.86 -27.62 6.40
C SER A 1001 -25.57 -27.06 5.01
N ALA A 1002 -25.91 -27.83 3.97
CA ALA A 1002 -25.78 -27.31 2.61
C ALA A 1002 -26.61 -26.05 2.43
N PHE A 1003 -27.87 -26.10 2.87
CA PHE A 1003 -28.73 -24.93 2.78
C PHE A 1003 -28.14 -23.75 3.54
N LEU A 1004 -27.67 -23.99 4.77
CA LEU A 1004 -27.18 -22.90 5.60
C LEU A 1004 -25.91 -22.28 5.02
N THR A 1005 -24.99 -23.10 4.53
CA THR A 1005 -23.78 -22.57 3.93
C THR A 1005 -24.07 -21.83 2.64
N PHE A 1006 -25.00 -22.34 1.83
CA PHE A 1006 -25.36 -21.61 0.62
C PHE A 1006 -25.99 -20.26 0.96
N ALA A 1007 -26.85 -20.24 1.98
CA ALA A 1007 -27.44 -18.97 2.43
C ALA A 1007 -26.37 -18.00 2.90
N TYR A 1008 -25.37 -18.51 3.63
CA TYR A 1008 -24.32 -17.62 4.12
C TYR A 1008 -23.47 -17.10 2.97
N VAL A 1009 -23.13 -17.95 2.00
CA VAL A 1009 -22.44 -17.46 0.80
C VAL A 1009 -23.24 -16.33 0.17
N TYR A 1010 -24.53 -16.61 -0.09
CA TYR A 1010 -25.41 -15.64 -0.72
C TYR A 1010 -25.38 -14.30 -0.01
N ASN A 1011 -25.56 -14.30 1.32
CA ASN A 1011 -25.67 -13.02 2.01
C ASN A 1011 -24.30 -12.36 2.23
N GLY A 1012 -23.32 -13.12 2.75
CA GLY A 1012 -21.99 -12.58 2.98
C GLY A 1012 -21.33 -12.06 1.73
N SER A 1013 -21.73 -12.53 0.55
CA SER A 1013 -21.24 -11.91 -0.68
C SER A 1013 -21.59 -10.43 -0.72
N ILE A 1014 -22.89 -10.12 -0.64
CA ILE A 1014 -23.33 -8.72 -0.57
C ILE A 1014 -22.69 -8.01 0.61
N MET A 1015 -22.55 -8.71 1.74
CA MET A 1015 -22.01 -8.08 2.94
C MET A 1015 -20.57 -7.59 2.73
N ASP A 1016 -19.68 -8.49 2.35
CA ASP A 1016 -18.29 -8.12 2.14
C ASP A 1016 -18.11 -7.21 0.92
N SER A 1017 -19.02 -7.29 -0.07
CA SER A 1017 -18.90 -6.38 -1.19
C SER A 1017 -19.27 -4.95 -0.81
N VAL A 1018 -20.34 -4.76 -0.03
CA VAL A 1018 -20.67 -3.40 0.41
C VAL A 1018 -19.65 -2.92 1.44
N THR A 1019 -19.01 -3.85 2.17
CA THR A 1019 -17.88 -3.46 2.99
C THR A 1019 -16.73 -2.94 2.13
N ASN A 1020 -16.47 -3.62 1.01
CA ASN A 1020 -15.43 -3.19 0.08
C ASN A 1020 -15.79 -1.90 -0.65
N SER A 1021 -17.08 -1.56 -0.70
CA SER A 1021 -17.51 -0.41 -1.49
C SER A 1021 -16.83 0.88 -1.04
N LEU A 1022 -16.83 1.16 0.26
CA LEU A 1022 -16.25 2.40 0.79
C LEU A 1022 -14.85 2.09 1.32
N LEU A 1023 -13.88 2.10 0.40
CA LEU A 1023 -12.49 1.87 0.70
C LEU A 1023 -11.63 2.86 -0.05
N PRO A 1024 -10.38 3.06 0.38
CA PRO A 1024 -9.45 3.86 -0.41
C PRO A 1024 -8.98 3.08 -1.62
N PRO A 1025 -8.11 3.65 -2.45
CA PRO A 1025 -7.43 2.83 -3.47
C PRO A 1025 -6.48 1.84 -2.84
N TYR A 1026 -5.74 1.10 -3.66
CA TYR A 1026 -4.69 0.16 -3.25
C TYR A 1026 -5.25 -0.97 -2.39
N ALA A 1027 -6.54 -0.95 -2.11
CA ALA A 1027 -7.17 -1.97 -1.29
C ALA A 1027 -8.22 -2.77 -2.07
N LYS A 1028 -8.29 -2.57 -3.38
CA LYS A 1028 -9.28 -3.23 -4.21
C LYS A 1028 -8.60 -3.82 -5.44
N LYS A 1029 -9.31 -4.71 -6.09
CA LYS A 1029 -8.79 -5.40 -7.25
C LYS A 1029 -9.07 -4.61 -8.51
N PRO A 1030 -8.31 -4.84 -9.59
CA PRO A 1030 -8.63 -4.19 -10.87
C PRO A 1030 -10.00 -4.58 -11.42
N ILE A 1031 -10.62 -5.61 -10.87
CA ILE A 1031 -11.89 -6.11 -11.35
C ILE A 1031 -13.01 -5.32 -10.69
N THR A 1032 -12.65 -4.22 -10.03
CA THR A 1032 -13.61 -3.40 -9.32
C THR A 1032 -13.85 -2.03 -9.96
N GLN A 1033 -12.91 -1.55 -10.78
CA GLN A 1033 -13.02 -0.22 -11.36
C GLN A 1033 -13.73 -0.20 -12.71
N LEU A 1034 -13.64 -1.28 -13.49
CA LEU A 1034 -14.28 -1.30 -14.79
C LEU A 1034 -15.80 -1.27 -14.64
N LYS A 1035 -16.46 -0.59 -15.57
CA LYS A 1035 -17.89 -0.31 -15.41
C LYS A 1035 -18.75 -1.49 -15.83
N TYR A 1036 -18.67 -1.89 -17.09
CA TYR A 1036 -19.56 -2.91 -17.64
C TYR A 1036 -18.92 -4.28 -17.53
N GLY A 1037 -19.74 -5.28 -17.23
CA GLY A 1037 -19.27 -6.65 -17.14
C GLY A 1037 -18.37 -6.88 -15.94
N LYS A 1038 -18.77 -6.34 -14.80
CA LYS A 1038 -17.99 -6.47 -13.58
C LYS A 1038 -18.35 -7.71 -12.77
N THR A 1039 -19.60 -8.15 -12.81
CA THR A 1039 -20.03 -9.35 -12.11
C THR A 1039 -19.92 -10.60 -12.96
N PHE A 1040 -19.33 -10.49 -14.14
CA PHE A 1040 -19.11 -11.64 -15.01
C PHE A 1040 -17.67 -12.12 -14.99
N VAL A 1041 -16.73 -11.28 -14.55
CA VAL A 1041 -15.34 -11.70 -14.45
C VAL A 1041 -15.11 -12.47 -13.16
N PHE A 1042 -15.72 -12.02 -12.06
CA PHE A 1042 -15.58 -12.74 -10.80
C PHE A 1042 -16.07 -14.17 -10.91
N SER A 1043 -17.14 -14.40 -11.67
CA SER A 1043 -17.63 -15.76 -11.86
C SER A 1043 -16.52 -16.66 -12.40
N ASN A 1044 -15.83 -16.21 -13.44
CA ASN A 1044 -14.81 -17.04 -14.06
C ASN A 1044 -13.57 -17.15 -13.20
N TYR A 1045 -13.21 -16.10 -12.48
CA TYR A 1045 -12.06 -16.20 -11.57
C TYR A 1045 -12.33 -17.22 -10.47
N PHE A 1046 -13.53 -17.20 -9.89
CA PHE A 1046 -13.87 -18.18 -8.87
C PHE A 1046 -13.99 -19.58 -9.43
N MET A 1047 -14.48 -19.72 -10.66
CA MET A 1047 -14.51 -21.04 -11.28
C MET A 1047 -13.10 -21.58 -11.48
N LEU A 1048 -12.15 -20.72 -11.85
CA LEU A 1048 -10.76 -21.14 -11.96
C LEU A 1048 -10.22 -21.58 -10.61
N ALA A 1049 -10.50 -20.81 -9.56
CA ALA A 1049 -10.03 -21.18 -8.23
C ALA A 1049 -10.62 -22.53 -7.79
N SER A 1050 -11.90 -22.77 -8.10
CA SER A 1050 -12.50 -24.04 -7.73
C SER A 1050 -11.88 -25.20 -8.52
N LYS A 1051 -11.58 -24.97 -9.80
CA LYS A 1051 -10.89 -25.99 -10.57
C LYS A 1051 -9.53 -26.31 -9.97
N MET A 1052 -8.79 -25.28 -9.55
CA MET A 1052 -7.47 -25.51 -8.98
C MET A 1052 -7.55 -26.23 -7.64
N TYR A 1053 -8.55 -25.91 -6.82
CA TYR A 1053 -8.70 -26.62 -5.55
C TYR A 1053 -9.11 -28.06 -5.77
N ASP A 1054 -10.03 -28.31 -6.70
CA ASP A 1054 -10.41 -29.68 -7.03
C ASP A 1054 -9.21 -30.47 -7.53
N MET A 1055 -8.33 -29.81 -8.29
CA MET A 1055 -7.23 -30.52 -8.94
C MET A 1055 -6.34 -31.24 -7.94
N LEU A 1056 -6.21 -30.75 -6.72
CA LEU A 1056 -5.29 -31.43 -5.82
C LEU A 1056 -5.94 -32.62 -5.15
N ASN A 1057 -6.75 -32.40 -4.10
CA ASN A 1057 -7.68 -33.40 -3.60
C ASN A 1057 -8.89 -32.80 -2.90
N TYR A 1058 -8.95 -31.48 -2.78
CA TYR A 1058 -9.82 -30.84 -1.80
C TYR A 1058 -11.19 -30.61 -2.42
N LYS A 1059 -12.04 -31.62 -2.32
CA LYS A 1059 -13.38 -31.56 -2.89
C LYS A 1059 -14.36 -30.75 -2.04
N ASN A 1060 -13.98 -30.35 -0.83
CA ASN A 1060 -14.83 -29.52 0.00
C ASN A 1060 -14.48 -28.04 -0.06
N LEU A 1061 -13.31 -27.70 -0.59
CA LEU A 1061 -12.95 -26.31 -0.80
C LEU A 1061 -13.33 -25.81 -2.18
N SER A 1062 -13.59 -26.72 -3.13
CA SER A 1062 -14.06 -26.32 -4.44
C SER A 1062 -15.56 -26.04 -4.44
N LEU A 1063 -16.32 -26.72 -3.58
CA LEU A 1063 -17.75 -26.44 -3.48
C LEU A 1063 -17.99 -25.04 -2.94
N LEU A 1064 -17.15 -24.59 -2.00
CA LEU A 1064 -17.30 -23.24 -1.48
C LEU A 1064 -17.08 -22.20 -2.56
N CYS A 1065 -16.08 -22.43 -3.43
CA CYS A 1065 -15.86 -21.50 -4.52
C CYS A 1065 -16.95 -21.57 -5.58
N GLU A 1066 -17.53 -22.76 -5.79
CA GLU A 1066 -18.69 -22.86 -6.68
C GLU A 1066 -19.86 -22.04 -6.14
N TYR A 1067 -20.10 -22.12 -4.83
CA TYR A 1067 -21.13 -21.30 -4.23
C TYR A 1067 -20.82 -19.82 -4.39
N GLN A 1068 -19.57 -19.42 -4.14
CA GLN A 1068 -19.19 -18.02 -4.20
C GLN A 1068 -19.15 -17.50 -5.62
N ALA A 1069 -19.11 -18.39 -6.61
CA ALA A 1069 -19.22 -18.00 -8.02
C ALA A 1069 -20.67 -17.94 -8.49
N VAL A 1070 -21.53 -18.81 -7.95
CA VAL A 1070 -22.95 -18.74 -8.24
C VAL A 1070 -23.52 -17.45 -7.66
N ALA A 1071 -23.09 -17.08 -6.46
CA ALA A 1071 -23.62 -15.91 -5.77
C ALA A 1071 -22.90 -14.62 -6.13
N SER A 1072 -22.31 -14.56 -7.31
CA SER A 1072 -21.62 -13.34 -7.77
C SER A 1072 -22.55 -12.41 -8.52
N ALA A 1073 -23.81 -12.80 -8.73
CA ALA A 1073 -24.74 -11.97 -9.48
C ALA A 1073 -25.07 -10.69 -8.72
N ASN A 1074 -25.44 -10.81 -7.45
CA ASN A 1074 -25.89 -9.66 -6.65
C ASN A 1074 -24.67 -9.03 -5.98
N PHE A 1075 -24.03 -8.09 -6.67
CA PHE A 1075 -22.94 -7.32 -6.09
C PHE A 1075 -23.21 -5.83 -6.11
N TYR A 1076 -24.42 -5.42 -5.69
CA TYR A 1076 -24.76 -4.00 -5.61
C TYR A 1076 -24.45 -3.46 -4.21
N LEU A 1147 -15.96 -6.85 13.42
CA LEU A 1147 -17.05 -6.18 12.73
C LEU A 1147 -17.81 -7.15 11.81
N ALA A 1148 -17.10 -8.19 11.36
CA ALA A 1148 -17.72 -9.15 10.45
C ALA A 1148 -18.24 -10.37 11.20
N ALA A 1149 -17.47 -10.89 12.16
CA ALA A 1149 -17.92 -12.04 12.92
C ALA A 1149 -19.22 -11.77 13.65
N GLU A 1150 -19.48 -10.50 13.98
CA GLU A 1150 -20.79 -10.10 14.49
C GLU A 1150 -21.89 -10.56 13.55
N ALA A 1151 -21.79 -10.16 12.27
CA ALA A 1151 -22.81 -10.52 11.29
C ALA A 1151 -22.80 -12.03 11.05
N SER A 1152 -21.63 -12.66 11.09
CA SER A 1152 -21.56 -14.11 10.89
C SER A 1152 -22.39 -14.84 11.92
N LYS A 1153 -22.11 -14.60 13.21
CA LYS A 1153 -22.84 -15.28 14.26
C LYS A 1153 -24.31 -14.89 14.27
N TYR A 1154 -24.61 -13.62 13.97
CA TYR A 1154 -26.00 -13.20 13.92
C TYR A 1154 -26.76 -13.99 12.87
N LEU A 1155 -26.21 -14.08 11.66
CA LEU A 1155 -26.90 -14.79 10.58
C LEU A 1155 -27.01 -16.28 10.90
N PHE A 1156 -25.96 -16.87 11.47
CA PHE A 1156 -26.01 -18.28 11.82
C PHE A 1156 -27.14 -18.57 12.80
N PHE A 1157 -27.15 -17.87 13.93
CA PHE A 1157 -28.21 -18.05 14.91
C PHE A 1157 -29.58 -17.77 14.30
N TYR A 1158 -29.69 -16.70 13.52
CA TYR A 1158 -30.96 -16.32 12.92
C TYR A 1158 -31.53 -17.46 12.07
N PHE A 1159 -30.76 -17.93 11.10
CA PHE A 1159 -31.27 -18.95 10.19
C PHE A 1159 -31.49 -20.27 10.93
N PHE A 1160 -30.63 -20.62 11.88
CA PHE A 1160 -30.80 -21.87 12.60
C PHE A 1160 -32.10 -21.88 13.39
N THR A 1161 -32.34 -20.82 14.16
CA THR A 1161 -33.57 -20.74 14.95
C THR A 1161 -34.79 -20.63 14.05
N ASN A 1162 -34.68 -19.92 12.93
CA ASN A 1162 -35.81 -19.82 12.02
C ASN A 1162 -36.13 -21.17 11.39
N LEU A 1163 -35.12 -22.04 11.21
CA LEU A 1163 -35.37 -23.32 10.58
C LEU A 1163 -35.91 -24.34 11.57
N TYR A 1164 -35.39 -24.36 12.79
CA TYR A 1164 -35.87 -25.31 13.80
C TYR A 1164 -37.04 -24.77 14.62
N LEU A 1165 -37.75 -23.76 14.11
CA LEU A 1165 -39.02 -23.34 14.71
C LEU A 1165 -40.09 -23.22 13.63
N PHE A 1200 -32.75 -32.48 22.73
CA PHE A 1200 -32.24 -31.61 21.68
C PHE A 1200 -30.84 -32.00 21.25
N ASN A 1201 -30.68 -32.29 19.96
CA ASN A 1201 -29.39 -32.71 19.42
C ASN A 1201 -28.40 -31.55 19.51
N ARG A 1202 -27.28 -31.78 20.19
CA ARG A 1202 -26.29 -30.74 20.42
C ARG A 1202 -25.04 -30.87 19.57
N ASN A 1203 -24.74 -32.08 19.07
CA ASN A 1203 -23.57 -32.26 18.21
C ASN A 1203 -23.74 -31.50 16.89
N PHE A 1204 -24.90 -31.69 16.24
CA PHE A 1204 -25.17 -31.01 14.97
C PHE A 1204 -24.85 -29.54 15.07
N PHE A 1205 -25.30 -28.89 16.15
CA PHE A 1205 -25.02 -27.47 16.33
C PHE A 1205 -23.53 -27.19 16.29
N MET A 1206 -22.73 -28.03 16.95
CA MET A 1206 -21.30 -27.77 17.03
C MET A 1206 -20.62 -27.95 15.68
N GLU A 1207 -20.91 -29.04 14.97
CA GLU A 1207 -20.23 -29.20 13.68
C GLU A 1207 -20.70 -28.17 12.65
N LEU A 1208 -21.99 -27.82 12.64
CA LEU A 1208 -22.42 -26.78 11.70
C LEU A 1208 -21.84 -25.42 12.07
N ALA A 1209 -21.72 -25.11 13.35
CA ALA A 1209 -21.09 -23.84 13.74
C ALA A 1209 -19.63 -23.81 13.31
N ASN A 1210 -18.92 -24.92 13.51
CA ASN A 1210 -17.53 -24.98 13.07
C ASN A 1210 -17.42 -24.79 11.56
N GLY A 1211 -18.26 -25.49 10.80
CA GLY A 1211 -18.24 -25.36 9.36
C GLY A 1211 -18.53 -23.94 8.88
N PHE A 1212 -19.56 -23.32 9.48
CA PHE A 1212 -19.91 -21.95 9.13
C PHE A 1212 -18.75 -20.99 9.40
N MET A 1213 -18.21 -21.04 10.62
CA MET A 1213 -17.16 -20.09 10.98
C MET A 1213 -15.90 -20.30 10.16
N TYR A 1214 -15.57 -21.55 9.84
CA TYR A 1214 -14.41 -21.78 8.98
C TYR A 1214 -14.69 -21.36 7.54
N ALA A 1215 -15.94 -21.49 7.10
CA ALA A 1215 -16.31 -21.07 5.75
C ALA A 1215 -16.13 -19.57 5.57
N PHE A 1216 -16.36 -18.79 6.63
CA PHE A 1216 -16.14 -17.34 6.52
C PHE A 1216 -14.67 -17.03 6.21
N CYS A 1217 -13.76 -17.57 7.03
CA CYS A 1217 -12.34 -17.36 6.78
C CYS A 1217 -11.93 -17.90 5.42
N PHE A 1218 -12.58 -18.98 4.97
CA PHE A 1218 -12.29 -19.48 3.63
C PHE A 1218 -12.70 -18.49 2.56
N PHE A 1219 -13.86 -17.83 2.73
CA PHE A 1219 -14.24 -16.76 1.81
C PHE A 1219 -13.14 -15.71 1.73
N ALA A 1220 -12.68 -15.27 2.90
CA ALA A 1220 -11.63 -14.25 2.94
C ALA A 1220 -10.39 -14.70 2.16
N ILE A 1221 -9.83 -15.86 2.53
CA ILE A 1221 -8.58 -16.32 1.94
C ILE A 1221 -8.75 -16.57 0.44
N SER A 1222 -9.92 -17.06 0.03
CA SER A 1222 -10.15 -17.32 -1.39
C SER A 1222 -10.17 -16.01 -2.17
N GLN A 1223 -10.83 -14.98 -1.64
CA GLN A 1223 -10.83 -13.70 -2.32
C GLN A 1223 -9.47 -13.03 -2.28
N MET A 1224 -8.57 -13.44 -1.39
CA MET A 1224 -7.26 -12.80 -1.32
C MET A 1224 -6.26 -13.36 -2.34
N TYR A 1225 -6.58 -14.44 -3.06
CA TYR A 1225 -5.70 -15.00 -4.08
C TYR A 1225 -5.82 -14.23 -5.39
N ALA A 1226 -5.60 -12.92 -5.36
CA ALA A 1226 -5.93 -12.06 -6.49
C ALA A 1226 -4.96 -10.88 -6.50
N TYR A 1227 -5.39 -9.79 -7.14
CA TYR A 1227 -4.74 -8.49 -7.33
C TYR A 1227 -3.73 -8.49 -8.47
N PHE A 1228 -3.39 -9.64 -9.04
CA PHE A 1228 -2.75 -9.76 -10.35
C PHE A 1228 -1.66 -8.73 -10.62
N GLU A 1229 -1.00 -8.23 -9.58
CA GLU A 1229 0.11 -7.31 -9.75
C GLU A 1229 1.34 -8.13 -10.05
N ASN A 1230 1.98 -7.84 -11.19
CA ASN A 1230 2.78 -8.81 -11.93
C ASN A 1230 3.59 -9.75 -11.03
N ILE A 1231 4.48 -9.22 -10.20
CA ILE A 1231 5.15 -10.05 -9.22
C ILE A 1231 5.20 -9.33 -7.87
N ASN A 1232 4.99 -8.01 -7.88
CA ASN A 1232 5.42 -7.19 -6.76
C ASN A 1232 4.57 -7.37 -5.52
N PHE A 1233 3.30 -7.79 -5.65
CA PHE A 1233 2.43 -7.88 -4.50
C PHE A 1233 2.78 -9.04 -3.57
N TYR A 1234 3.43 -10.08 -4.09
CA TYR A 1234 3.66 -11.31 -3.34
C TYR A 1234 5.08 -11.40 -2.80
N ILE A 1235 5.80 -10.27 -2.70
CA ILE A 1235 7.20 -10.30 -2.32
C ILE A 1235 7.38 -9.48 -1.04
N THR A 1236 6.37 -9.46 -0.17
CA THR A 1236 6.47 -8.48 0.91
C THR A 1236 7.36 -8.97 2.05
N SER A 1237 6.85 -9.85 2.93
CA SER A 1237 7.74 -10.63 3.78
C SER A 1237 7.11 -11.93 4.24
N ASN A 1238 5.85 -12.18 3.88
CA ASN A 1238 5.12 -13.30 4.47
C ASN A 1238 4.76 -14.35 3.44
N PHE A 1239 3.89 -14.02 2.48
CA PHE A 1239 3.52 -14.86 1.35
C PHE A 1239 2.88 -16.18 1.78
N ARG A 1240 3.05 -16.58 3.04
CA ARG A 1240 2.35 -17.71 3.61
C ARG A 1240 1.28 -17.26 4.61
N PHE A 1241 0.28 -16.52 4.15
CA PHE A 1241 -0.69 -15.96 5.09
C PHE A 1241 -1.69 -17.01 5.58
N LEU A 1242 -1.83 -18.12 4.87
CA LEU A 1242 -2.90 -19.06 5.19
C LEU A 1242 -2.68 -19.70 6.56
N ASP A 1243 -1.45 -20.07 6.89
CA ASP A 1243 -1.18 -20.68 8.19
C ASP A 1243 -1.42 -19.70 9.32
N ARG A 1244 -1.02 -18.44 9.14
CA ARG A 1244 -1.25 -17.42 10.16
C ARG A 1244 -2.75 -17.22 10.39
N TYR A 1245 -3.51 -17.04 9.32
CA TYR A 1245 -4.94 -16.84 9.47
C TYR A 1245 -5.59 -18.06 10.11
N TYR A 1246 -5.16 -19.26 9.73
CA TYR A 1246 -5.74 -20.46 10.32
C TYR A 1246 -5.47 -20.52 11.81
N GLY A 1247 -4.24 -20.24 12.23
CA GLY A 1247 -3.93 -20.27 13.65
C GLY A 1247 -4.76 -19.27 14.44
N VAL A 1248 -4.86 -18.04 13.92
CA VAL A 1248 -5.62 -17.00 14.60
C VAL A 1248 -7.07 -17.43 14.76
N PHE A 1249 -7.72 -17.80 13.65
CA PHE A 1249 -9.13 -18.12 13.72
C PHE A 1249 -9.38 -19.40 14.51
N ASN A 1250 -8.45 -20.34 14.49
CA ASN A 1250 -8.59 -21.56 15.28
C ASN A 1250 -8.61 -21.23 16.76
N LYS A 1251 -7.65 -20.40 17.22
CA LYS A 1251 -7.66 -19.99 18.63
C LYS A 1251 -8.96 -19.30 18.99
N TYR A 1252 -9.38 -18.34 18.16
CA TYR A 1252 -10.59 -17.57 18.46
C TYR A 1252 -11.81 -18.48 18.58
N PHE A 1253 -11.98 -19.40 17.61
CA PHE A 1253 -13.15 -20.26 17.65
C PHE A 1253 -13.09 -21.26 18.79
N ILE A 1254 -11.92 -21.77 19.13
CA ILE A 1254 -11.81 -22.67 20.27
C ILE A 1254 -12.28 -21.97 21.54
N ASN A 1255 -11.79 -20.74 21.76
CA ASN A 1255 -12.24 -19.98 22.93
C ASN A 1255 -13.75 -19.77 22.92
N TYR A 1256 -14.27 -19.30 21.77
CA TYR A 1256 -15.70 -18.98 21.68
C TYR A 1256 -16.56 -20.21 21.92
N ALA A 1257 -16.15 -21.36 21.38
CA ALA A 1257 -16.94 -22.58 21.54
C ALA A 1257 -16.86 -23.10 22.97
N ARG A 1258 -15.68 -23.02 23.60
CA ARG A 1258 -15.54 -23.57 24.94
C ARG A 1258 -16.27 -22.74 25.97
N ILE A 1259 -16.26 -21.42 25.82
CA ILE A 1259 -16.77 -20.57 26.90
C ILE A 1259 -18.29 -20.53 26.90
N LYS A 1260 -18.90 -19.99 25.85
CA LYS A 1260 -20.32 -19.68 25.91
C LYS A 1260 -21.21 -20.84 25.41
N LEU A 1261 -20.97 -21.32 24.19
CA LEU A 1261 -21.88 -22.29 23.59
C LEU A 1261 -21.59 -23.66 24.19
N LYS A 1262 -22.17 -23.91 25.37
CA LYS A 1262 -22.11 -25.17 26.11
C LYS A 1262 -23.32 -25.23 27.00
N GLU A 1263 -23.64 -26.44 27.47
CA GLU A 1263 -24.86 -26.68 28.24
C GLU A 1263 -26.08 -26.22 27.45
N ILE A 1264 -26.04 -26.44 26.14
CA ILE A 1264 -26.96 -25.78 25.22
C ILE A 1264 -28.24 -26.58 25.13
N THR A 1265 -29.37 -25.87 25.21
CA THR A 1265 -30.69 -26.45 25.02
C THR A 1265 -31.54 -25.47 24.24
N SER A 1266 -32.79 -25.86 23.98
CA SER A 1266 -33.67 -25.04 23.14
C SER A 1266 -34.35 -23.93 23.93
N ASP A 1267 -33.58 -23.18 24.72
CA ASP A 1267 -34.13 -22.00 25.38
C ASP A 1267 -33.23 -20.79 25.14
N LEU A 1268 -31.91 -21.00 25.16
CA LEU A 1268 -30.96 -19.91 25.10
C LEU A 1268 -30.54 -19.55 23.69
N LEU A 1269 -30.93 -20.34 22.69
CA LEU A 1269 -30.71 -19.95 21.31
C LEU A 1269 -31.46 -18.67 20.99
N ILE A 1270 -32.73 -18.61 21.38
CA ILE A 1270 -33.53 -17.41 21.19
C ILE A 1270 -32.92 -16.23 21.93
N LYS A 1271 -32.41 -16.48 23.15
CA LYS A 1271 -31.73 -15.43 23.90
C LYS A 1271 -30.54 -14.88 23.12
N TYR A 1272 -29.57 -15.74 22.82
CA TYR A 1272 -28.39 -15.33 22.07
C TYR A 1272 -28.78 -14.58 20.80
N GLU A 1273 -29.82 -15.03 20.11
CA GLU A 1273 -30.27 -14.34 18.90
C GLU A 1273 -30.74 -12.93 19.22
N ARG A 1274 -31.51 -12.78 20.30
CA ARG A 1274 -31.99 -11.46 20.69
C ARG A 1274 -30.83 -10.52 21.01
N GLU A 1275 -29.90 -10.97 21.86
CA GLU A 1275 -28.78 -10.09 22.20
C GLU A 1275 -27.87 -9.83 21.01
N ALA A 1276 -27.73 -10.80 20.10
CA ALA A 1276 -26.92 -10.57 18.90
C ALA A 1276 -27.56 -9.51 18.01
N TYR A 1277 -28.88 -9.60 17.81
CA TYR A 1277 -29.56 -8.60 17.00
C TYR A 1277 -29.49 -7.22 17.65
N LEU A 1278 -29.69 -7.17 18.97
CA LEU A 1278 -29.56 -5.90 19.70
C LEU A 1278 -28.15 -5.33 19.54
N SER A 1279 -27.13 -6.20 19.64
CA SER A 1279 -25.76 -5.75 19.53
C SER A 1279 -25.47 -5.18 18.14
N MET A 1280 -25.93 -5.87 17.10
CA MET A 1280 -25.77 -5.35 15.75
C MET A 1280 -26.51 -4.03 15.55
N LYS A 1281 -27.69 -3.89 16.14
CA LYS A 1281 -28.41 -2.63 16.02
C LYS A 1281 -27.65 -1.50 16.71
N LYS A 1282 -27.08 -1.78 17.88
CA LYS A 1282 -26.24 -0.79 18.55
C LYS A 1282 -25.03 -0.43 17.69
N TYR A 1283 -24.41 -1.43 17.06
CA TYR A 1283 -23.23 -1.19 16.25
C TYR A 1283 -23.55 -0.30 15.06
N GLY A 1284 -24.64 -0.59 14.37
CA GLY A 1284 -25.04 0.26 13.26
C GLY A 1284 -25.41 1.65 13.70
N TYR A 1285 -26.13 1.77 14.81
CA TYR A 1285 -26.54 3.08 15.31
C TYR A 1285 -25.31 3.94 15.61
N LEU A 1286 -24.36 3.39 16.37
CA LEU A 1286 -23.14 4.14 16.65
C LEU A 1286 -22.33 4.41 15.38
N GLY A 1287 -22.37 3.51 14.41
CA GLY A 1287 -21.65 3.75 13.17
C GLY A 1287 -22.17 4.97 12.43
N GLU A 1288 -23.48 5.00 12.17
CA GLU A 1288 -24.03 6.19 11.51
C GLU A 1288 -23.91 7.44 12.38
N VAL A 1289 -23.95 7.31 13.70
CA VAL A 1289 -23.79 8.49 14.56
C VAL A 1289 -22.40 9.08 14.41
N ILE A 1290 -21.36 8.24 14.56
CA ILE A 1290 -20.00 8.73 14.40
C ILE A 1290 -19.72 9.16 12.96
N ALA A 1291 -20.45 8.61 11.99
CA ALA A 1291 -20.32 9.08 10.62
C ALA A 1291 -20.88 10.49 10.45
N ALA A 1292 -21.99 10.78 11.11
CA ALA A 1292 -22.55 12.13 11.07
C ALA A 1292 -21.81 13.09 11.99
N ARG A 1293 -20.94 12.58 12.88
CA ARG A 1293 -20.22 13.43 13.83
C ARG A 1293 -18.79 13.75 13.38
N LEU A 1294 -18.20 12.91 12.53
CA LEU A 1294 -16.78 13.03 12.21
C LEU A 1294 -16.43 14.22 11.34
N SER A 1295 -17.41 14.90 10.75
CA SER A 1295 -17.10 15.94 9.78
C SER A 1295 -16.69 17.26 10.42
N PRO A 1296 -17.43 17.80 11.40
CA PRO A 1296 -17.04 19.11 11.95
C PRO A 1296 -15.83 19.07 12.86
N LYS A 1297 -15.38 17.90 13.29
CA LYS A 1297 -14.21 17.81 14.16
C LYS A 1297 -12.96 18.27 13.43
N ASP A 1298 -11.94 18.63 14.21
CA ASP A 1298 -10.65 19.04 13.67
C ASP A 1298 -9.64 17.89 13.71
N LYS A 1299 -10.14 16.67 13.63
CA LYS A 1299 -9.33 15.45 13.69
C LYS A 1299 -9.57 14.69 12.38
N ILE A 1300 -8.73 14.95 11.38
CA ILE A 1300 -8.91 14.36 10.06
C ILE A 1300 -7.99 13.15 9.90
N MET A 1301 -8.58 12.02 9.50
CA MET A 1301 -7.82 10.88 9.02
C MET A 1301 -8.22 10.67 7.56
N ASN A 1302 -7.22 10.61 6.68
CA ASN A 1302 -7.44 10.88 5.25
C ASN A 1302 -8.46 9.93 4.65
N TYR A 1303 -8.25 8.62 4.80
CA TYR A 1303 -9.14 7.56 4.33
C TYR A 1303 -9.08 7.39 2.81
N VAL A 1304 -8.44 8.34 2.12
CA VAL A 1304 -8.01 8.18 0.74
C VAL A 1304 -6.74 8.99 0.54
N HIS A 1305 -5.59 8.35 0.60
CA HIS A 1305 -4.36 9.12 0.72
C HIS A 1305 -3.89 9.64 -0.65
N GLU A 1306 -3.54 8.74 -1.56
CA GLU A 1306 -3.06 9.15 -2.87
C GLU A 1306 -3.43 8.10 -3.90
N THR A 1307 -3.47 8.54 -5.15
CA THR A 1307 -3.60 7.64 -6.29
C THR A 1307 -2.30 7.54 -7.09
N ASN A 1308 -1.28 8.31 -6.73
CA ASN A 1308 0.02 8.22 -7.39
C ASN A 1308 0.60 6.82 -7.20
N ASP A 1309 1.16 6.27 -8.27
CA ASP A 1309 1.64 4.89 -8.22
C ASP A 1309 3.04 4.79 -7.65
N ASP A 1310 3.27 5.42 -6.50
CA ASP A 1310 4.46 5.18 -5.69
C ASP A 1310 4.18 5.14 -4.20
N VAL A 1311 3.13 5.81 -3.72
CA VAL A 1311 2.80 5.77 -2.30
C VAL A 1311 1.82 4.64 -1.98
N MET A 1312 1.04 4.19 -2.96
CA MET A 1312 0.15 3.07 -2.74
C MET A 1312 0.91 1.78 -2.44
N SER A 1313 2.11 1.62 -3.01
CA SER A 1313 2.90 0.43 -2.72
C SER A 1313 3.40 0.44 -1.28
N ASN A 1314 3.82 1.60 -0.79
CA ASN A 1314 4.17 1.74 0.62
C ASN A 1314 3.03 1.29 1.50
N LEU A 1315 1.80 1.72 1.18
CA LEU A 1315 0.67 1.42 2.03
C LEU A 1315 0.26 -0.04 1.93
N ARG A 1316 0.37 -0.63 0.73
CA ARG A 1316 0.11 -2.05 0.58
C ARG A 1316 1.09 -2.87 1.41
N ARG A 1317 2.38 -2.54 1.32
CA ARG A 1317 3.38 -3.26 2.11
C ARG A 1317 3.14 -3.07 3.60
N TYR A 1318 2.77 -1.86 4.02
CA TYR A 1318 2.52 -1.62 5.43
C TYR A 1318 1.32 -2.43 5.93
N ASP A 1319 0.25 -2.51 5.13
CA ASP A 1319 -0.89 -3.33 5.52
C ASP A 1319 -0.52 -4.80 5.59
N MET A 1320 0.23 -5.29 4.61
CA MET A 1320 0.62 -6.71 4.62
C MET A 1320 1.48 -7.02 5.83
N GLU A 1321 2.47 -6.17 6.12
CA GLU A 1321 3.32 -6.37 7.29
C GLU A 1321 2.49 -6.38 8.57
N ASN A 1322 1.78 -5.28 8.83
CA ASN A 1322 1.07 -5.12 10.09
C ASN A 1322 -0.31 -5.77 10.10
N ALA A 1323 -0.59 -6.69 9.18
CA ALA A 1323 -1.88 -7.35 9.17
C ALA A 1323 -2.09 -8.17 10.44
N PHE A 1324 -1.15 -9.05 10.76
CA PHE A 1324 -1.28 -9.96 11.89
C PHE A 1324 -0.82 -9.36 13.20
N LYS A 1325 -0.73 -8.04 13.28
CA LYS A 1325 -0.50 -7.33 14.53
C LYS A 1325 -1.82 -6.77 15.06
N ASN A 1326 -2.93 -7.43 14.72
CA ASN A 1326 -4.25 -7.07 15.19
C ASN A 1326 -4.97 -8.34 15.61
N LYS A 1327 -6.09 -8.16 16.31
CA LYS A 1327 -6.86 -9.28 16.83
C LYS A 1327 -8.33 -9.12 16.46
N MET A 1328 -9.09 -10.18 16.69
CA MET A 1328 -10.51 -10.22 16.39
C MET A 1328 -11.37 -9.91 17.62
N SER A 1329 -10.75 -9.57 18.74
CA SER A 1329 -11.47 -9.35 19.99
C SER A 1329 -12.13 -7.98 19.99
N THR A 1330 -13.33 -7.92 20.55
CA THR A 1330 -14.06 -6.66 20.73
C THR A 1330 -14.27 -6.40 22.21
N TYR A 1331 -14.35 -5.12 22.56
CA TYR A 1331 -14.45 -4.67 23.94
C TYR A 1331 -15.80 -4.02 24.20
N VAL A 1332 -16.31 -4.20 25.42
CA VAL A 1332 -17.65 -3.73 25.76
C VAL A 1332 -17.69 -2.26 26.12
N ASP A 1333 -16.56 -1.66 26.51
CA ASP A 1333 -16.49 -0.24 26.86
C ASP A 1333 -15.38 0.41 26.03
N ASP A 1334 -15.73 0.81 24.81
CA ASP A 1334 -14.78 1.47 23.93
C ASP A 1334 -15.25 2.85 23.48
N PHE A 1335 -16.39 3.31 23.97
CA PHE A 1335 -16.84 4.68 23.76
C PHE A 1335 -17.00 5.44 25.06
N ALA A 1336 -16.43 4.92 26.14
CA ALA A 1336 -16.28 5.63 27.40
C ALA A 1336 -14.85 6.12 27.49
N PHE A 1337 -14.66 7.32 28.04
CA PHE A 1337 -13.36 7.97 28.02
C PHE A 1337 -13.04 8.56 29.39
N PHE A 1338 -11.74 8.69 29.66
CA PHE A 1338 -11.29 9.30 30.90
C PHE A 1338 -11.27 10.82 30.77
N ASP A 1339 -11.55 11.49 31.88
CA ASP A 1339 -11.59 12.94 31.93
C ASP A 1339 -10.50 13.48 32.84
N ASP A 1340 -10.13 14.73 32.62
CA ASP A 1340 -9.13 15.44 33.44
C ASP A 1340 -7.84 14.63 33.56
N CYS A 1341 -7.36 14.11 32.43
CA CYS A 1341 -6.06 13.47 32.41
C CYS A 1341 -4.95 14.52 32.49
N GLY A 1342 -3.74 14.05 32.68
CA GLY A 1342 -2.55 14.87 32.54
C GLY A 1342 -2.03 14.83 31.12
N LYS A 1343 -0.72 15.08 30.98
CA LYS A 1343 -0.11 14.95 29.68
C LYS A 1343 0.43 13.55 29.45
N ASN A 1344 0.75 12.83 30.53
CA ASN A 1344 1.27 11.47 30.44
C ASN A 1344 0.18 10.41 30.56
N GLU A 1345 -1.07 10.82 30.80
CA GLU A 1345 -2.18 9.89 30.88
C GLU A 1345 -3.04 9.90 29.64
N GLN A 1346 -2.59 10.55 28.56
CA GLN A 1346 -3.39 10.60 27.34
C GLN A 1346 -3.49 9.24 26.66
N PHE A 1347 -2.46 8.40 26.80
CA PHE A 1347 -2.46 7.10 26.14
C PHE A 1347 -3.65 6.25 26.55
N LEU A 1348 -4.27 6.54 27.69
CA LEU A 1348 -5.43 5.78 28.12
C LEU A 1348 -6.65 6.00 27.24
N ASN A 1349 -6.64 7.03 26.40
CA ASN A 1349 -7.78 7.37 25.56
C ASN A 1349 -7.59 6.95 24.11
N GLU A 1350 -6.55 6.19 23.80
CA GLU A 1350 -6.27 5.88 22.41
C GLU A 1350 -7.04 4.66 21.90
N ARG A 1351 -7.15 3.61 22.69
CA ARG A 1351 -7.92 2.42 22.33
C ARG A 1351 -7.43 1.85 21.00
N CYS A 1352 -6.18 1.39 21.05
CA CYS A 1352 -5.42 1.02 19.87
C CYS A 1352 -4.43 -0.09 20.22
N ASP A 1353 -4.10 -0.89 19.22
CA ASP A 1353 -3.08 -1.93 19.33
C ASP A 1353 -1.94 -1.63 18.36
N TYR A 1354 -0.71 -1.76 18.84
CA TYR A 1354 0.47 -1.38 18.06
C TYR A 1354 0.36 0.09 17.64
N CYS A 1355 0.46 0.95 18.65
CA CYS A 1355 0.30 2.39 18.45
C CYS A 1355 1.67 3.06 18.39
N PRO A 1356 2.21 3.34 17.20
CA PRO A 1356 3.52 4.03 17.14
C PRO A 1356 3.36 5.50 17.48
N VAL A 1357 4.35 6.04 18.17
CA VAL A 1357 4.36 7.46 18.54
C VAL A 1357 5.14 8.23 17.49
N ILE A 1358 4.51 9.26 16.93
CA ILE A 1358 5.05 10.03 15.81
C ILE A 1358 5.36 11.43 16.28
N GLU A 1359 6.54 11.93 15.90
CA GLU A 1359 6.96 13.29 16.20
C GLU A 1359 7.18 14.05 14.90
N GLU A 1360 7.53 15.33 15.04
CA GLU A 1360 7.88 16.16 13.88
C GLU A 1360 9.01 17.12 14.23
N VAL B 232 4.74 -3.46 -72.50
CA VAL B 232 3.41 -3.00 -72.16
C VAL B 232 3.54 -1.70 -71.35
N CYS B 233 3.48 -1.83 -70.03
CA CYS B 233 3.63 -0.73 -69.08
C CYS B 233 2.62 0.38 -69.28
N SER B 234 1.66 0.19 -70.16
CA SER B 234 0.65 1.20 -70.44
C SER B 234 -0.76 0.69 -70.21
N ALA B 235 -1.07 -0.55 -70.59
CA ALA B 235 -2.36 -1.12 -70.27
C ALA B 235 -2.44 -1.48 -68.79
N TYR B 236 -1.56 -2.37 -68.35
CA TYR B 236 -1.56 -2.83 -66.96
C TYR B 236 -0.68 -1.93 -66.10
N LEU B 237 -1.26 -0.77 -65.75
CA LEU B 237 -0.52 0.24 -65.00
C LEU B 237 0.13 -0.34 -63.76
N HIS B 238 -0.60 -1.15 -63.02
CA HIS B 238 -0.16 -1.59 -61.71
C HIS B 238 0.93 -2.65 -61.80
N LEU B 239 0.88 -3.52 -62.81
CA LEU B 239 1.91 -4.55 -62.92
C LEU B 239 3.26 -3.93 -63.30
N CYS B 240 3.25 -2.91 -64.17
CA CYS B 240 4.52 -2.23 -64.46
C CYS B 240 4.96 -1.38 -63.28
N SER B 241 4.01 -0.77 -62.56
CA SER B 241 4.35 -0.05 -61.34
C SER B 241 4.96 -0.97 -60.28
N ARG B 242 4.64 -2.26 -60.33
CA ARG B 242 5.24 -3.24 -59.43
C ARG B 242 6.58 -3.73 -59.96
N TYR B 243 6.76 -3.78 -61.27
CA TYR B 243 8.02 -4.23 -61.86
C TYR B 243 9.13 -3.21 -61.64
N TYR B 244 8.84 -1.93 -61.83
CA TYR B 244 9.93 -0.95 -61.79
C TYR B 244 10.41 -0.69 -60.37
N GLU B 245 9.56 -0.86 -59.36
CA GLU B 245 10.03 -0.79 -57.98
C GLU B 245 11.11 -1.82 -57.71
N SER B 246 10.85 -3.07 -58.10
CA SER B 246 11.82 -4.14 -57.93
C SER B 246 13.09 -3.84 -58.71
N VAL B 247 12.96 -3.34 -59.93
CA VAL B 247 14.15 -3.02 -60.72
C VAL B 247 15.00 -1.98 -60.00
N SER B 248 14.37 -0.92 -59.50
CA SER B 248 15.11 0.12 -58.81
C SER B 248 15.81 -0.42 -57.56
N ILE B 249 15.10 -1.26 -56.79
CA ILE B 249 15.69 -1.81 -55.57
C ILE B 249 16.92 -2.64 -55.90
N TYR B 250 16.79 -3.52 -56.90
CA TYR B 250 17.93 -4.35 -57.29
C TYR B 250 19.10 -3.51 -57.74
N ILE B 251 18.84 -2.49 -58.57
CA ILE B 251 19.93 -1.66 -59.08
C ILE B 251 20.66 -0.97 -57.94
N ARG B 252 19.90 -0.36 -57.02
CA ARG B 252 20.55 0.40 -55.95
C ARG B 252 21.34 -0.50 -55.01
N LEU B 253 20.78 -1.66 -54.64
CA LEU B 253 21.51 -2.54 -53.74
C LEU B 253 22.75 -3.12 -54.41
N LYS B 254 22.65 -3.42 -55.71
CA LYS B 254 23.83 -3.87 -56.43
C LYS B 254 24.90 -2.79 -56.47
N LYS B 255 24.48 -1.53 -56.63
CA LYS B 255 25.44 -0.43 -56.61
C LYS B 255 26.16 -0.35 -55.28
N VAL B 256 25.41 -0.48 -54.18
CA VAL B 256 26.03 -0.45 -52.86
C VAL B 256 27.03 -1.59 -52.71
N PHE B 257 26.63 -2.80 -53.12
CA PHE B 257 27.50 -3.94 -52.92
C PHE B 257 28.68 -3.97 -53.88
N ASN B 258 28.61 -3.23 -54.98
CA ASN B 258 29.78 -3.11 -55.85
C ASN B 258 30.66 -1.94 -55.47
N GLY B 259 30.15 -1.01 -54.68
CA GLY B 259 30.98 0.04 -54.14
C GLY B 259 31.70 -0.36 -52.87
N ILE B 260 31.12 -1.34 -52.16
CA ILE B 260 31.72 -1.76 -50.88
C ILE B 260 33.10 -2.40 -51.04
N PRO B 261 33.38 -3.25 -52.05
CA PRO B 261 34.67 -3.96 -52.01
C PRO B 261 35.89 -3.05 -52.13
N ALA B 262 35.82 -2.04 -53.01
CA ALA B 262 36.96 -1.15 -53.18
C ALA B 262 37.25 -0.36 -51.91
N PHE B 263 36.31 -0.30 -50.98
CA PHE B 263 36.53 0.45 -49.75
C PHE B 263 37.58 -0.22 -48.86
N LEU B 264 37.63 -1.55 -48.85
CA LEU B 264 38.57 -2.23 -47.98
C LEU B 264 40.01 -2.07 -48.46
N ASP B 265 40.22 -1.79 -49.74
CA ASP B 265 41.55 -1.55 -50.27
C ASP B 265 42.05 -0.14 -50.00
N LYS B 266 41.39 0.57 -49.11
CA LYS B 266 41.78 1.94 -48.74
C LYS B 266 41.97 2.12 -47.24
N ASN B 267 41.12 1.50 -46.43
CA ASN B 267 41.26 1.51 -44.98
C ASN B 267 41.41 0.06 -44.49
N CYS B 268 42.05 -0.08 -43.32
CA CYS B 268 42.39 -1.39 -42.78
C CYS B 268 43.23 -2.17 -43.80
N ARG B 269 44.44 -1.63 -44.00
CA ARG B 269 45.27 -1.95 -45.17
C ARG B 269 45.29 -3.44 -45.52
N LYS B 270 45.35 -4.33 -44.53
CA LYS B 270 45.38 -5.77 -44.81
C LYS B 270 44.46 -6.53 -43.87
N VAL B 271 43.19 -6.13 -43.79
CA VAL B 271 42.20 -6.94 -43.08
C VAL B 271 41.84 -8.16 -43.92
N LYS B 272 41.21 -7.94 -45.06
CA LYS B 272 40.82 -9.03 -45.96
C LYS B 272 40.91 -8.61 -47.41
N GLY B 273 41.83 -7.71 -47.76
CA GLY B 273 41.71 -6.84 -48.92
C GLY B 273 41.10 -7.36 -50.20
N GLU B 274 41.60 -8.48 -50.73
CA GLU B 274 41.12 -8.99 -52.01
C GLU B 274 40.28 -10.25 -51.88
N GLU B 275 40.68 -11.19 -51.01
CA GLU B 275 39.96 -12.44 -50.85
C GLU B 275 38.55 -12.24 -50.32
N PHE B 276 38.18 -11.01 -49.97
CA PHE B 276 36.79 -10.72 -49.63
C PHE B 276 35.86 -11.16 -50.77
N LYS B 277 36.19 -10.78 -52.00
CA LYS B 277 35.38 -11.19 -53.14
C LYS B 277 35.48 -12.70 -53.38
N LYS B 278 36.65 -13.28 -53.10
CA LYS B 278 36.81 -14.71 -53.35
C LYS B 278 36.01 -15.54 -52.33
N LEU B 279 35.74 -14.97 -51.15
CA LEU B 279 34.82 -15.62 -50.23
C LEU B 279 33.37 -15.32 -50.61
N MET B 280 33.10 -14.10 -51.04
CA MET B 280 31.77 -13.75 -51.55
C MET B 280 31.50 -14.33 -52.91
N ASP B 281 32.37 -15.21 -53.42
CA ASP B 281 32.20 -15.76 -54.76
C ASP B 281 30.83 -16.41 -54.91
N MET B 282 30.55 -17.43 -54.10
CA MET B 282 29.25 -18.09 -54.05
C MET B 282 28.86 -18.69 -55.40
N GLU B 283 29.78 -18.66 -56.37
CA GLU B 283 29.55 -19.20 -57.70
C GLU B 283 29.35 -20.71 -57.68
N LEU B 284 30.37 -21.44 -57.24
CA LEU B 284 30.32 -22.90 -57.25
C LEU B 284 31.14 -23.48 -56.11
N ARG B 347 29.88 -22.80 -51.40
CA ARG B 347 28.85 -22.07 -52.13
C ARG B 347 27.76 -21.54 -51.22
N TYR B 348 27.39 -22.31 -50.19
CA TYR B 348 26.17 -21.96 -49.46
C TYR B 348 26.30 -20.60 -48.80
N ILE B 349 26.96 -20.52 -47.63
CA ILE B 349 27.76 -19.39 -47.18
C ILE B 349 28.24 -19.74 -45.78
N ASP B 350 29.46 -19.35 -45.42
CA ASP B 350 29.86 -19.34 -44.01
C ASP B 350 31.18 -18.60 -43.89
N ILE B 351 31.22 -17.57 -43.04
CA ILE B 351 32.45 -16.83 -42.78
C ILE B 351 33.11 -17.27 -41.48
N LYS B 352 32.42 -18.03 -40.64
CA LYS B 352 33.04 -18.53 -39.42
C LYS B 352 33.87 -19.79 -39.68
N LYS B 353 33.20 -20.87 -40.12
CA LYS B 353 33.90 -22.14 -40.32
C LYS B 353 34.93 -22.02 -41.44
N GLU B 354 34.49 -21.67 -42.65
CA GLU B 354 35.43 -21.16 -43.62
C GLU B 354 36.02 -19.86 -43.10
N LEU B 355 37.30 -19.65 -43.35
CA LEU B 355 38.06 -18.58 -42.71
C LEU B 355 38.01 -18.77 -41.19
N ASN B 356 38.58 -19.89 -40.74
CA ASN B 356 38.57 -20.26 -39.33
C ASN B 356 39.75 -19.61 -38.59
N ASP B 357 39.81 -18.28 -38.70
CA ASP B 357 40.82 -17.47 -38.04
C ASP B 357 40.08 -16.39 -37.27
N GLU B 358 39.88 -16.62 -35.97
CA GLU B 358 39.01 -15.75 -35.19
C GLU B 358 39.52 -14.31 -35.15
N LYS B 359 40.81 -14.08 -35.41
CA LYS B 359 41.30 -12.71 -35.45
C LYS B 359 41.01 -12.14 -36.83
N ALA B 360 39.75 -12.22 -37.25
CA ALA B 360 39.27 -11.64 -38.49
C ALA B 360 37.96 -10.87 -38.31
N TYR B 361 37.14 -11.27 -37.36
CA TYR B 361 35.84 -10.62 -37.18
C TYR B 361 35.99 -9.20 -36.66
N LYS B 362 36.73 -9.01 -35.58
CA LYS B 362 36.81 -7.71 -34.92
C LYS B 362 37.38 -6.62 -35.84
N GLN B 363 37.91 -6.99 -37.00
CA GLN B 363 38.36 -6.02 -38.00
C GLN B 363 37.48 -5.99 -39.24
N LEU B 364 37.10 -7.15 -39.76
CA LEU B 364 36.21 -7.19 -40.92
C LEU B 364 34.89 -6.50 -40.61
N MET B 365 34.22 -6.92 -39.54
CA MET B 365 32.93 -6.34 -39.21
C MET B 365 33.06 -4.90 -38.78
N SER B 366 34.19 -4.52 -38.17
CA SER B 366 34.41 -3.12 -37.84
C SER B 366 34.47 -2.26 -39.11
N ALA B 367 35.23 -2.71 -40.11
CA ALA B 367 35.30 -1.97 -41.37
C ALA B 367 33.94 -1.92 -42.05
N ILE B 368 33.18 -3.02 -41.98
CA ILE B 368 31.87 -3.04 -42.63
C ILE B 368 30.92 -2.06 -41.95
N ARG B 369 30.93 -2.03 -40.61
CA ARG B 369 30.08 -1.09 -39.90
C ARG B 369 30.50 0.34 -40.20
N LYS B 370 31.80 0.59 -40.33
CA LYS B 370 32.26 1.91 -40.71
C LYS B 370 31.74 2.30 -42.09
N TYR B 371 31.73 1.34 -43.02
CA TYR B 371 31.21 1.62 -44.35
C TYR B 371 29.73 1.97 -44.29
N VAL B 372 28.95 1.16 -43.57
CA VAL B 372 27.50 1.38 -43.52
C VAL B 372 27.17 2.70 -42.84
N THR B 373 27.92 3.08 -41.81
CA THR B 373 27.68 4.38 -41.19
C THR B 373 28.23 5.51 -42.06
N THR B 374 29.14 5.20 -42.98
CA THR B 374 29.53 6.19 -43.98
C THR B 374 28.41 6.46 -44.95
N LEU B 375 27.66 5.42 -45.32
CA LEU B 375 26.55 5.61 -46.26
C LEU B 375 25.42 6.43 -45.65
N THR B 376 25.11 6.20 -44.37
CA THR B 376 24.01 6.90 -43.71
C THR B 376 24.55 8.09 -42.93
N LYS B 377 25.04 9.07 -43.68
CA LYS B 377 25.62 10.28 -43.11
C LYS B 377 24.63 11.42 -43.14
N ALA B 378 24.98 12.49 -42.41
CA ALA B 378 24.24 13.75 -42.38
C ALA B 378 22.83 13.61 -41.86
N ASP B 379 22.50 12.49 -41.19
CA ASP B 379 21.19 12.33 -40.57
C ASP B 379 21.25 12.32 -39.05
N SER B 380 22.36 11.87 -38.46
CA SER B 380 22.64 11.97 -37.04
C SER B 380 21.63 11.27 -36.16
N ASP B 381 20.75 10.46 -36.72
CA ASP B 381 19.81 9.67 -35.92
C ASP B 381 19.89 8.18 -36.19
N ILE B 382 20.00 7.79 -37.46
CA ILE B 382 20.12 6.37 -37.77
C ILE B 382 21.52 5.86 -37.46
N THR B 383 22.52 6.75 -37.53
CA THR B 383 23.90 6.34 -37.24
C THR B 383 24.03 5.72 -35.87
N TYR B 384 23.26 6.22 -34.89
CA TYR B 384 23.27 5.63 -33.57
C TYR B 384 22.90 4.16 -33.62
N PHE B 385 21.79 3.84 -34.29
CA PHE B 385 21.34 2.45 -34.38
C PHE B 385 22.24 1.63 -35.29
N VAL B 386 23.04 2.27 -36.14
CA VAL B 386 23.97 1.52 -36.97
C VAL B 386 25.21 1.13 -36.19
N LYS B 387 25.69 2.02 -35.32
CA LYS B 387 26.87 1.72 -34.51
C LYS B 387 26.59 0.66 -33.45
N GLN B 388 25.33 0.40 -33.13
CA GLN B 388 24.95 -0.54 -32.09
C GLN B 388 24.64 -1.93 -32.63
N LEU B 389 25.22 -2.30 -33.77
CA LEU B 389 24.80 -3.52 -34.45
C LEU B 389 25.51 -4.76 -33.88
N ASP B 390 26.84 -4.72 -33.82
CA ASP B 390 27.57 -5.78 -33.12
C ASP B 390 27.28 -7.16 -33.68
N ASP B 391 27.85 -7.48 -34.85
CA ASP B 391 27.67 -8.75 -35.53
C ASP B 391 27.57 -9.91 -34.55
N GLU B 392 26.68 -10.87 -34.84
CA GLU B 392 26.22 -11.16 -36.20
C GLU B 392 24.91 -10.53 -36.69
N GLU B 393 24.54 -9.36 -36.18
CA GLU B 393 23.50 -8.60 -36.88
C GLU B 393 24.06 -7.83 -38.06
N ILE B 394 25.37 -7.87 -38.28
CA ILE B 394 25.98 -7.40 -39.51
C ILE B 394 26.29 -8.55 -40.47
N GLU B 395 26.72 -9.69 -39.92
CA GLU B 395 26.95 -10.87 -40.74
C GLU B 395 25.69 -11.29 -41.47
N ARG B 396 24.55 -11.24 -40.78
CA ARG B 396 23.29 -11.62 -41.41
C ARG B 396 22.93 -10.69 -42.55
N PHE B 397 23.15 -9.38 -42.38
CA PHE B 397 22.95 -8.46 -43.49
C PHE B 397 23.88 -8.78 -44.64
N LEU B 398 25.18 -8.95 -44.36
CA LEU B 398 26.13 -9.15 -45.44
C LEU B 398 25.90 -10.47 -46.16
N ILE B 399 25.21 -11.41 -45.52
CA ILE B 399 24.85 -12.66 -46.19
C ILE B 399 23.55 -12.53 -46.97
N ASP B 400 22.53 -11.89 -46.39
CA ASP B 400 21.25 -11.76 -47.06
C ASP B 400 21.35 -10.86 -48.28
N LEU B 401 22.15 -9.80 -48.18
CA LEU B 401 22.36 -8.91 -49.33
C LEU B 401 23.08 -9.64 -50.45
N ASN B 402 23.97 -10.58 -50.12
CA ASN B 402 24.61 -11.37 -51.16
C ASN B 402 23.65 -12.39 -51.75
N PHE B 403 22.75 -12.93 -50.93
CA PHE B 403 21.77 -13.89 -51.45
C PHE B 403 20.72 -13.21 -52.32
N PHE B 404 20.43 -11.93 -52.07
CA PHE B 404 19.42 -11.26 -52.88
C PHE B 404 19.95 -10.96 -54.28
N LEU B 405 21.20 -10.49 -54.37
CA LEU B 405 21.76 -10.08 -55.66
C LEU B 405 22.06 -11.27 -56.56
N TYR B 406 21.63 -12.47 -56.15
CA TYR B 406 21.83 -13.69 -56.93
C TYR B 406 20.67 -14.61 -56.62
N ASN B 407 19.94 -15.01 -57.65
CA ASN B 407 18.64 -15.70 -57.65
C ASN B 407 17.48 -14.74 -57.44
N GLY B 408 17.71 -13.46 -57.19
CA GLY B 408 16.62 -12.50 -57.08
C GLY B 408 15.59 -12.77 -56.02
N PHE B 409 15.88 -13.67 -55.08
CA PHE B 409 14.95 -13.99 -54.00
C PHE B 409 15.27 -13.13 -52.79
N LEU B 410 14.71 -13.44 -51.63
CA LEU B 410 14.96 -12.67 -50.42
C LEU B 410 15.55 -13.46 -49.26
N ARG B 411 15.76 -14.77 -49.40
CA ARG B 411 16.35 -15.59 -48.33
C ARG B 411 15.48 -15.52 -47.07
N ILE B 412 14.29 -16.10 -47.19
CA ILE B 412 13.35 -16.13 -46.09
C ILE B 412 13.68 -17.32 -45.20
N THR B 413 13.82 -17.06 -43.89
CA THR B 413 14.03 -18.11 -42.90
C THR B 413 13.05 -18.00 -41.74
N GLU B 414 11.95 -17.26 -41.93
CA GLU B 414 10.92 -17.11 -40.93
C GLU B 414 10.03 -18.35 -40.93
N ASP B 415 8.86 -18.28 -40.31
CA ASP B 415 7.96 -19.43 -40.24
C ASP B 415 7.51 -19.83 -41.64
N LYS B 416 8.01 -20.96 -42.13
CA LYS B 416 7.77 -21.35 -43.53
C LYS B 416 6.44 -22.09 -43.70
N HIS B 417 5.38 -21.52 -43.14
CA HIS B 417 4.03 -21.89 -43.53
C HIS B 417 3.11 -20.69 -43.68
N LEU B 418 3.56 -19.49 -43.30
CA LEU B 418 2.81 -18.27 -43.49
C LEU B 418 3.24 -17.49 -44.71
N ILE B 419 4.02 -18.10 -45.60
CA ILE B 419 4.49 -17.48 -46.84
C ILE B 419 4.03 -18.36 -48.00
N ASN B 420 3.51 -17.73 -49.06
CA ASN B 420 2.96 -18.47 -50.21
C ASN B 420 3.54 -17.91 -51.51
N ALA B 421 4.77 -18.32 -51.84
CA ALA B 421 5.40 -18.08 -53.13
C ALA B 421 5.22 -16.64 -53.64
N ASP B 422 4.96 -15.71 -52.74
CA ASP B 422 4.76 -14.31 -53.09
C ASP B 422 5.57 -13.38 -52.22
N ASP B 423 5.81 -13.74 -50.96
CA ASP B 423 6.57 -12.90 -50.05
C ASP B 423 8.07 -13.08 -50.25
N VAL B 424 8.47 -13.15 -51.52
CA VAL B 424 9.87 -13.30 -51.89
C VAL B 424 10.33 -12.28 -52.92
N SER B 425 9.42 -11.60 -53.62
CA SER B 425 9.84 -10.62 -54.61
C SER B 425 10.32 -9.34 -53.91
N PRO B 426 11.28 -8.65 -54.50
CA PRO B 426 11.83 -7.45 -53.85
C PRO B 426 10.85 -6.29 -53.92
N SER B 427 10.55 -5.71 -52.75
CA SER B 427 9.71 -4.53 -52.66
C SER B 427 9.87 -3.97 -51.25
N TYR B 428 9.42 -2.73 -51.07
CA TYR B 428 9.62 -2.05 -49.80
C TYR B 428 8.84 -2.68 -48.66
N ILE B 429 7.87 -3.53 -48.93
CA ILE B 429 7.07 -4.17 -47.90
C ILE B 429 7.61 -5.56 -47.56
N ASN B 430 8.02 -6.33 -48.57
CA ASN B 430 8.64 -7.62 -48.30
C ASN B 430 10.04 -7.47 -47.73
N LEU B 431 10.54 -6.24 -47.55
CA LEU B 431 11.79 -5.99 -46.85
C LEU B 431 11.55 -5.56 -45.41
N TYR B 432 10.36 -5.05 -45.09
CA TYR B 432 9.98 -4.77 -43.71
C TYR B 432 9.22 -5.94 -43.10
N ARG B 433 9.24 -7.07 -43.76
CA ARG B 433 8.61 -8.27 -43.22
C ARG B 433 9.57 -9.45 -43.20
N SER B 434 10.81 -9.28 -43.67
CA SER B 434 11.82 -10.30 -43.57
C SER B 434 12.94 -9.87 -42.64
N ASN B 435 12.70 -8.88 -41.79
CA ASN B 435 13.64 -8.35 -40.81
C ASN B 435 14.84 -7.70 -41.45
N ASN B 436 14.80 -7.41 -42.76
CA ASN B 436 15.87 -6.68 -43.42
C ASN B 436 15.63 -5.20 -43.21
N ILE B 437 16.27 -4.63 -42.18
CA ILE B 437 15.99 -3.26 -41.77
C ILE B 437 17.14 -2.30 -42.04
N VAL B 438 18.39 -2.76 -41.98
CA VAL B 438 19.51 -1.87 -42.31
C VAL B 438 19.49 -1.54 -43.80
N ALA B 439 19.04 -2.48 -44.63
CA ALA B 439 18.85 -2.19 -46.04
C ALA B 439 17.91 -1.00 -46.23
N LEU B 440 16.85 -0.93 -45.43
CA LEU B 440 15.95 0.21 -45.51
C LEU B 440 16.61 1.48 -45.03
N TYR B 441 17.48 1.40 -44.01
CA TYR B 441 18.26 2.57 -43.63
C TYR B 441 19.05 3.10 -44.81
N ILE B 442 19.73 2.21 -45.53
CA ILE B 442 20.50 2.61 -46.70
C ILE B 442 19.60 3.26 -47.74
N LEU B 443 18.52 2.57 -48.12
CA LEU B 443 17.62 3.09 -49.15
C LEU B 443 16.92 4.37 -48.72
N LYS B 444 16.88 4.67 -47.43
CA LYS B 444 16.27 5.91 -46.97
C LYS B 444 17.24 7.07 -46.96
N THR B 445 18.49 6.84 -46.52
CA THR B 445 19.46 7.93 -46.51
C THR B 445 19.87 8.32 -47.92
N GLN B 446 20.29 7.34 -48.71
CA GLN B 446 20.65 7.55 -50.11
C GLN B 446 19.46 7.32 -51.01
N TYR B 447 19.42 8.05 -52.13
CA TYR B 447 18.37 7.91 -53.14
C TYR B 447 16.99 8.19 -52.56
N GLU B 448 16.84 9.34 -51.91
CA GLU B 448 15.54 9.69 -51.34
C GLU B 448 15.47 11.20 -51.13
N GLU B 449 14.28 11.75 -51.33
CA GLU B 449 14.03 13.17 -51.16
C GLU B 449 13.92 13.53 -49.68
N LYS B 493 -1.86 12.16 -74.58
CA LYS B 493 -0.62 11.60 -74.04
C LYS B 493 0.23 12.68 -73.40
N LYS B 494 -0.41 13.56 -72.63
CA LYS B 494 0.32 14.58 -71.88
C LYS B 494 0.56 14.12 -70.44
N THR B 495 -0.53 13.81 -69.72
CA THR B 495 -0.41 13.32 -68.36
C THR B 495 0.19 11.92 -68.32
N THR B 496 -0.24 11.05 -69.24
CA THR B 496 0.34 9.72 -69.34
C THR B 496 1.84 9.81 -69.56
N GLU B 497 2.26 10.60 -70.55
CA GLU B 497 3.69 10.81 -70.78
C GLU B 497 4.38 11.27 -69.52
N TYR B 498 3.89 12.37 -68.93
CA TYR B 498 4.48 12.93 -67.73
C TYR B 498 4.75 11.84 -66.70
N TYR B 499 3.69 11.23 -66.18
CA TYR B 499 3.86 10.31 -65.06
C TYR B 499 4.68 9.10 -65.47
N LEU B 500 4.30 8.43 -66.55
CA LEU B 500 4.97 7.19 -66.92
C LEU B 500 6.45 7.43 -67.18
N LYS B 501 6.77 8.27 -68.15
CA LYS B 501 8.17 8.38 -68.55
C LYS B 501 8.96 9.29 -67.61
N GLU B 502 8.55 10.57 -67.47
CA GLU B 502 9.47 11.56 -66.94
C GLU B 502 9.96 11.27 -65.52
N TYR B 503 9.42 10.24 -64.87
CA TYR B 503 9.87 9.88 -63.52
C TYR B 503 10.16 8.40 -63.32
N GLU B 504 9.83 7.54 -64.27
CA GLU B 504 10.27 6.14 -64.22
C GLU B 504 11.56 5.97 -65.04
N ASN B 505 12.55 6.77 -64.67
CA ASN B 505 13.86 6.76 -65.31
C ASN B 505 14.95 6.49 -64.29
N PHE B 506 14.71 5.53 -63.41
CA PHE B 506 15.79 5.00 -62.56
C PHE B 506 16.86 4.36 -63.43
N VAL B 507 16.45 3.76 -64.55
CA VAL B 507 17.34 3.00 -65.41
C VAL B 507 18.31 3.88 -66.20
N GLU B 508 18.21 5.20 -66.09
CA GLU B 508 19.11 6.06 -66.83
C GLU B 508 20.53 5.94 -66.29
N ASN B 509 21.50 6.14 -67.19
CA ASN B 509 22.92 6.00 -66.87
C ASN B 509 23.21 4.61 -66.31
N PHE B 510 22.57 3.61 -66.90
CA PHE B 510 22.74 2.21 -66.50
C PHE B 510 22.97 1.37 -67.74
N GLN B 511 23.63 0.22 -67.55
CA GLN B 511 23.99 -0.67 -68.64
C GLN B 511 23.82 -2.13 -68.20
N PRO B 512 23.14 -2.95 -68.99
CA PRO B 512 23.00 -4.37 -68.62
C PRO B 512 24.31 -5.14 -68.76
N ASP B 513 24.24 -6.46 -68.60
CA ASP B 513 25.42 -7.31 -68.59
C ASP B 513 25.09 -8.61 -69.31
N LEU B 514 26.07 -9.51 -69.36
CA LEU B 514 25.80 -10.87 -69.82
C LEU B 514 24.92 -11.61 -68.81
N HIS B 515 25.32 -11.58 -67.55
CA HIS B 515 24.42 -11.89 -66.44
C HIS B 515 23.53 -10.67 -66.23
N ASP B 516 22.77 -10.63 -65.13
CA ASP B 516 22.10 -9.42 -64.69
C ASP B 516 20.91 -9.10 -65.59
N ILE B 517 20.77 -9.79 -66.71
CA ILE B 517 19.60 -9.62 -67.56
C ILE B 517 18.58 -10.68 -67.20
N MET B 518 19.07 -11.85 -66.78
CA MET B 518 18.17 -12.90 -66.34
C MET B 518 17.39 -12.48 -65.10
N LYS B 519 18.00 -11.70 -64.21
CA LYS B 519 17.29 -11.24 -63.02
C LYS B 519 16.22 -10.23 -63.39
N LEU B 520 16.47 -9.39 -64.39
CA LEU B 520 15.43 -8.48 -64.87
C LEU B 520 14.28 -9.27 -65.49
N GLN B 521 14.61 -10.31 -66.26
CA GLN B 521 13.56 -11.17 -66.80
C GLN B 521 12.76 -11.83 -65.67
N LEU B 522 13.45 -12.21 -64.59
CA LEU B 522 12.76 -12.83 -63.45
C LEU B 522 11.82 -11.84 -62.78
N PHE B 523 12.27 -10.61 -62.57
CA PHE B 523 11.39 -9.58 -62.03
C PHE B 523 10.16 -9.40 -62.91
N PHE B 524 10.37 -9.35 -64.23
CA PHE B 524 9.24 -9.14 -65.13
C PHE B 524 8.24 -10.28 -65.05
N THR B 525 8.72 -11.52 -65.13
CA THR B 525 7.79 -12.65 -65.07
C THR B 525 7.14 -12.77 -63.69
N MET B 526 7.79 -12.26 -62.65
CA MET B 526 7.13 -12.19 -61.34
C MET B 526 5.98 -11.21 -61.37
N ALA B 527 6.18 -10.03 -61.96
CA ALA B 527 5.15 -9.00 -61.94
C ALA B 527 3.91 -9.44 -62.73
N PHE B 528 4.09 -9.90 -63.96
CA PHE B 528 2.98 -10.23 -64.84
C PHE B 528 2.67 -11.73 -64.75
N LYS B 529 2.08 -12.11 -63.61
CA LYS B 529 1.59 -13.45 -63.40
C LYS B 529 0.06 -13.51 -63.34
N ASP B 530 -0.61 -12.38 -63.49
CA ASP B 530 -2.06 -12.23 -63.40
C ASP B 530 -2.71 -12.09 -64.76
N CYS B 531 -2.29 -12.91 -65.73
CA CYS B 531 -2.54 -12.67 -67.16
C CYS B 531 -4.00 -12.35 -67.49
N ASN B 532 -4.95 -12.62 -66.59
CA ASN B 532 -6.30 -12.08 -66.71
C ASN B 532 -6.75 -11.28 -65.50
N VAL B 533 -6.08 -11.44 -64.35
CA VAL B 533 -6.44 -10.71 -63.14
C VAL B 533 -5.93 -9.29 -63.31
N ASN B 534 -6.46 -8.34 -62.52
CA ASN B 534 -6.33 -6.91 -62.77
C ASN B 534 -6.87 -6.59 -64.16
N GLN B 535 -8.15 -6.91 -64.34
CA GLN B 535 -8.82 -6.82 -65.63
C GLN B 535 -9.16 -5.35 -65.87
N ASN B 536 -10.13 -5.10 -66.76
CA ASN B 536 -10.11 -4.03 -67.74
C ASN B 536 -9.31 -2.80 -67.35
N PHE B 537 -8.36 -2.44 -68.19
CA PHE B 537 -7.58 -1.21 -68.04
C PHE B 537 -7.08 -0.82 -69.42
N THR B 538 -7.64 0.25 -69.96
CA THR B 538 -7.22 0.79 -71.25
C THR B 538 -7.63 2.25 -71.28
N GLU B 539 -7.51 2.89 -72.45
CA GLU B 539 -7.79 4.31 -72.59
C GLU B 539 -9.16 4.69 -72.03
N THR B 540 -10.03 3.71 -71.80
CA THR B 540 -11.29 3.98 -71.10
C THR B 540 -11.02 4.52 -69.70
N SER B 541 -10.46 3.69 -68.82
CA SER B 541 -10.21 4.09 -67.44
C SER B 541 -8.79 4.58 -67.21
N LYS B 542 -7.83 4.10 -68.00
CA LYS B 542 -6.46 4.57 -67.89
C LYS B 542 -6.37 6.09 -67.97
N LYS B 543 -7.11 6.70 -68.90
CA LYS B 543 -7.07 8.14 -69.04
C LYS B 543 -7.56 8.84 -67.78
N LEU B 544 -8.61 8.30 -67.16
CA LEU B 544 -9.14 8.92 -65.95
C LEU B 544 -8.17 8.75 -64.78
N TRP B 545 -7.57 7.56 -64.65
CA TRP B 545 -6.55 7.36 -63.63
C TRP B 545 -5.45 8.41 -63.75
N PHE B 546 -4.90 8.56 -64.95
CA PHE B 546 -3.79 9.51 -65.13
C PHE B 546 -4.24 10.95 -64.91
N ASP B 547 -5.48 11.27 -65.31
CA ASP B 547 -5.96 12.64 -65.11
C ASP B 547 -6.12 12.97 -63.62
N LEU B 548 -6.72 12.06 -62.85
CA LEU B 548 -6.85 12.30 -61.42
C LEU B 548 -5.50 12.40 -60.74
N LEU B 549 -4.57 11.51 -61.12
CA LEU B 549 -3.24 11.56 -60.51
C LEU B 549 -2.54 12.88 -60.81
N TYR B 550 -2.52 13.29 -62.09
CA TYR B 550 -1.87 14.53 -62.46
C TYR B 550 -2.54 15.73 -61.79
N ALA B 551 -3.87 15.71 -61.71
CA ALA B 551 -4.58 16.81 -61.08
C ALA B 551 -4.21 16.92 -59.61
N TYR B 552 -4.06 15.80 -58.91
CA TYR B 552 -3.68 15.87 -57.51
C TYR B 552 -2.25 16.36 -57.36
N ASP B 553 -1.33 15.82 -58.15
CA ASP B 553 0.07 16.17 -57.99
C ASP B 553 0.44 17.51 -58.62
N LYS B 554 -0.51 18.20 -59.26
CA LYS B 554 -0.25 19.54 -59.75
C LYS B 554 -1.11 20.60 -59.07
N PHE B 555 -2.43 20.43 -59.03
CA PHE B 555 -3.30 21.45 -58.48
C PHE B 555 -3.83 21.13 -57.09
N GLY B 556 -3.78 19.88 -56.65
CA GLY B 556 -4.33 19.52 -55.37
C GLY B 556 -5.81 19.21 -55.38
N TRP B 557 -6.32 18.62 -56.45
CA TRP B 557 -7.75 18.35 -56.61
C TRP B 557 -8.12 17.11 -55.82
N PHE B 558 -8.47 17.30 -54.55
CA PHE B 558 -9.06 16.24 -53.75
C PHE B 558 -10.25 16.82 -53.01
N TYR B 559 -10.95 15.95 -52.28
CA TYR B 559 -12.10 16.40 -51.51
C TYR B 559 -11.73 17.46 -50.49
N ILE B 560 -10.48 17.43 -50.01
CA ILE B 560 -9.93 18.46 -49.14
C ILE B 560 -8.50 18.75 -49.56
N HIS B 561 -8.16 20.02 -49.69
CA HIS B 561 -6.82 20.38 -50.14
C HIS B 561 -5.79 19.98 -49.08
N PRO B 562 -4.61 19.50 -49.50
CA PRO B 562 -3.64 19.01 -48.52
C PRO B 562 -3.13 20.08 -47.56
N ASN B 563 -3.11 21.35 -47.98
CA ASN B 563 -2.67 22.41 -47.09
C ASN B 563 -3.54 22.47 -45.84
N GLU B 564 -4.85 22.32 -46.00
CA GLU B 564 -5.75 22.29 -44.86
C GLU B 564 -5.45 21.09 -43.96
N VAL B 565 -5.18 19.93 -44.57
CA VAL B 565 -4.84 18.74 -43.79
C VAL B 565 -3.62 19.03 -42.91
N ILE B 566 -2.57 19.58 -43.50
CA ILE B 566 -1.33 19.80 -42.75
C ILE B 566 -1.50 20.90 -41.72
N ASN B 567 -2.31 21.93 -42.00
CA ASN B 567 -2.42 23.08 -41.14
C ASN B 567 -3.33 22.86 -39.93
N SER B 568 -3.66 21.61 -39.60
CA SER B 568 -4.49 21.32 -38.45
C SER B 568 -3.84 20.33 -37.49
N ILE B 569 -2.57 20.02 -37.69
CA ILE B 569 -1.84 19.07 -36.86
C ILE B 569 -0.90 19.89 -35.98
N ASN B 570 -1.26 20.07 -34.71
CA ASN B 570 -0.38 20.79 -33.80
C ASN B 570 0.91 20.02 -33.60
N LYS B 571 1.97 20.76 -33.26
CA LYS B 571 3.34 20.28 -33.44
C LYS B 571 3.57 18.92 -32.81
N THR B 572 3.05 18.69 -31.61
CA THR B 572 3.43 17.54 -30.81
C THR B 572 2.52 16.32 -31.01
N ASP B 573 1.73 16.29 -32.08
CA ASP B 573 0.95 15.11 -32.42
C ASP B 573 1.39 14.47 -33.72
N PHE B 574 2.52 14.86 -34.28
CA PHE B 574 2.89 14.40 -35.62
C PHE B 574 3.47 13.00 -35.62
N VAL B 575 4.07 12.54 -34.51
CA VAL B 575 4.72 11.24 -34.55
C VAL B 575 3.74 10.09 -34.33
N ARG B 576 2.49 10.37 -34.01
CA ARG B 576 1.49 9.32 -33.93
C ARG B 576 0.65 9.21 -35.19
N HIS B 577 0.38 10.32 -35.87
CA HIS B 577 -0.21 10.26 -37.21
C HIS B 577 0.58 9.28 -38.07
N VAL B 578 1.90 9.46 -38.12
CA VAL B 578 2.77 8.59 -38.90
C VAL B 578 2.60 7.13 -38.54
N LEU B 579 2.26 6.85 -37.28
CA LEU B 579 2.11 5.46 -36.87
C LEU B 579 0.72 4.92 -37.16
N VAL B 580 -0.29 5.79 -37.17
CA VAL B 580 -1.63 5.32 -37.51
C VAL B 580 -1.74 5.10 -39.01
N SER B 581 -1.04 5.91 -39.79
CA SER B 581 -0.98 5.69 -41.24
C SER B 581 -0.18 4.43 -41.57
N ARG B 582 1.06 4.35 -41.07
CA ARG B 582 1.94 3.26 -41.45
C ARG B 582 1.33 1.90 -41.18
N ASN B 583 0.53 1.77 -40.12
CA ASN B 583 -0.05 0.48 -39.82
C ASN B 583 -1.29 0.17 -40.65
N PHE B 584 -2.01 1.19 -41.11
CA PHE B 584 -3.17 0.91 -41.96
C PHE B 584 -2.73 0.43 -43.33
N LEU B 585 -1.64 0.98 -43.85
CA LEU B 585 -1.15 0.64 -45.19
C LEU B 585 -0.30 -0.62 -45.22
N LEU B 586 0.10 -1.14 -44.06
CA LEU B 586 0.87 -2.39 -44.03
C LEU B 586 -0.03 -3.60 -44.05
N LYS B 587 -1.09 -3.59 -43.25
CA LYS B 587 -1.90 -4.78 -43.06
C LYS B 587 -3.04 -4.89 -44.06
N ASN B 588 -3.74 -3.79 -44.31
CA ASN B 588 -4.85 -3.78 -45.25
C ASN B 588 -4.37 -3.39 -46.65
N ASN B 589 -3.39 -4.13 -47.15
CA ASN B 589 -2.79 -3.74 -48.42
C ASN B 589 -3.36 -4.50 -49.61
N ASP B 590 -3.87 -5.71 -49.42
CA ASP B 590 -4.46 -6.42 -50.54
C ASP B 590 -5.91 -6.00 -50.78
N GLN B 591 -6.64 -5.70 -49.71
CA GLN B 591 -8.01 -5.23 -49.86
C GLN B 591 -8.06 -3.91 -50.62
N LEU B 592 -7.04 -3.07 -50.45
CA LEU B 592 -7.02 -1.80 -51.16
C LEU B 592 -6.87 -2.01 -52.67
N THR B 593 -6.00 -2.94 -53.09
CA THR B 593 -5.89 -3.24 -54.50
C THR B 593 -7.17 -3.87 -55.04
N PHE B 594 -7.80 -4.73 -54.24
CA PHE B 594 -9.06 -5.32 -54.67
C PHE B 594 -10.11 -4.24 -54.93
N LEU B 595 -10.27 -3.33 -53.98
CA LEU B 595 -11.21 -2.23 -54.16
C LEU B 595 -10.84 -1.37 -55.36
N GLU B 596 -9.55 -1.18 -55.60
CA GLU B 596 -9.09 -0.42 -56.76
C GLU B 596 -9.60 -1.04 -58.06
N THR B 597 -9.32 -2.34 -58.26
CA THR B 597 -9.75 -2.97 -59.49
C THR B 597 -11.27 -3.00 -59.61
N GLN B 598 -11.97 -3.17 -58.48
CA GLN B 598 -13.43 -3.19 -58.56
C GLN B 598 -14.00 -1.84 -58.95
N VAL B 599 -13.36 -0.75 -58.56
CA VAL B 599 -13.84 0.57 -59.00
C VAL B 599 -13.52 0.77 -60.48
N ALA B 600 -12.36 0.29 -60.92
CA ALA B 600 -12.02 0.38 -62.33
C ALA B 600 -13.05 -0.34 -63.19
N LYS B 601 -13.56 -1.46 -62.69
CA LYS B 601 -14.57 -2.21 -63.45
C LYS B 601 -15.83 -1.38 -63.67
N ILE B 602 -16.30 -0.69 -62.62
CA ILE B 602 -17.54 0.05 -62.77
C ILE B 602 -17.33 1.31 -63.60
N VAL B 603 -16.13 1.89 -63.58
CA VAL B 603 -15.87 3.01 -64.47
C VAL B 603 -15.87 2.55 -65.92
N GLU B 604 -15.30 1.37 -66.18
CA GLU B 604 -15.38 0.78 -67.51
C GLU B 604 -16.82 0.60 -67.95
N ILE B 605 -17.66 0.04 -67.08
CA ILE B 605 -19.05 -0.21 -67.47
C ILE B 605 -19.79 1.10 -67.71
N ILE B 606 -19.52 2.11 -66.89
CA ILE B 606 -20.15 3.42 -67.10
C ILE B 606 -19.81 3.96 -68.48
N ASN B 607 -18.51 4.01 -68.81
CA ASN B 607 -18.13 4.55 -70.12
C ASN B 607 -18.55 3.64 -71.27
N LEU B 608 -18.78 2.36 -71.02
CA LEU B 608 -19.19 1.45 -72.07
C LEU B 608 -20.70 1.47 -72.32
N SER B 609 -21.48 1.91 -71.34
CA SER B 609 -22.92 2.02 -71.56
C SER B 609 -23.29 3.23 -72.41
N LEU B 610 -22.32 4.02 -72.84
CA LEU B 610 -22.59 5.17 -73.71
C LEU B 610 -21.50 5.32 -74.77
N ASP B 640 -23.07 14.45 -73.38
CA ASP B 640 -24.34 14.75 -72.73
C ASP B 640 -24.16 14.80 -71.21
N LYS B 641 -24.63 15.88 -70.60
CA LYS B 641 -24.57 16.01 -69.15
C LYS B 641 -25.77 16.74 -68.58
N LEU B 642 -26.81 17.02 -69.38
CA LEU B 642 -27.89 17.90 -68.97
C LEU B 642 -28.54 17.39 -67.68
N LYS B 643 -29.21 16.25 -67.75
CA LYS B 643 -29.51 15.52 -66.53
C LYS B 643 -29.30 14.02 -66.65
N LEU B 644 -29.27 13.46 -67.86
CA LEU B 644 -28.78 12.11 -68.02
C LEU B 644 -27.32 12.05 -67.57
N LEU B 645 -26.97 10.94 -66.93
CA LEU B 645 -25.72 10.72 -66.20
C LEU B 645 -25.67 11.47 -64.89
N THR B 646 -26.65 12.32 -64.61
CA THR B 646 -26.75 12.98 -63.31
C THR B 646 -28.17 12.95 -62.77
N SER B 647 -29.09 12.25 -63.42
CA SER B 647 -30.45 12.08 -62.94
C SER B 647 -30.54 10.81 -62.12
N TYR B 648 -31.71 10.61 -61.50
CA TYR B 648 -31.84 9.51 -60.56
C TYR B 648 -31.96 8.17 -61.27
N GLU B 649 -32.79 8.08 -62.30
CA GLU B 649 -33.13 6.77 -62.86
C GLU B 649 -31.95 6.14 -63.58
N TYR B 650 -31.16 6.94 -64.31
CA TYR B 650 -29.99 6.39 -64.98
C TYR B 650 -29.02 5.79 -63.97
N ILE B 651 -28.64 6.56 -62.95
CA ILE B 651 -27.72 6.07 -61.94
C ILE B 651 -28.33 4.88 -61.20
N ASP B 652 -29.64 4.87 -61.04
CA ASP B 652 -30.32 3.73 -60.44
C ASP B 652 -30.16 2.48 -61.28
N SER B 653 -30.04 2.63 -62.60
CA SER B 653 -29.77 1.47 -63.44
C SER B 653 -28.46 0.79 -63.04
N ILE B 654 -27.40 1.55 -62.82
CA ILE B 654 -26.12 0.97 -62.42
C ILE B 654 -26.21 0.42 -60.99
N ALA B 655 -26.77 1.20 -60.08
CA ALA B 655 -26.98 0.71 -58.73
C ALA B 655 -27.72 -0.62 -58.75
N ASN B 656 -28.57 -0.85 -59.75
CA ASN B 656 -29.19 -2.16 -59.92
C ASN B 656 -28.21 -3.16 -60.51
N ASN B 657 -27.31 -2.69 -61.38
CA ASN B 657 -26.25 -3.54 -61.88
C ASN B 657 -25.45 -4.18 -60.75
N TYR B 658 -25.42 -3.56 -59.58
CA TYR B 658 -24.71 -4.16 -58.44
C TYR B 658 -25.49 -5.25 -57.71
N PHE B 659 -26.79 -5.40 -57.96
CA PHE B 659 -27.56 -6.44 -57.28
C PHE B 659 -27.80 -7.65 -58.16
N PHE B 660 -28.39 -7.46 -59.33
CA PHE B 660 -28.48 -8.53 -60.32
C PHE B 660 -28.84 -7.97 -61.70
N LEU B 677 -19.81 -7.18 -66.38
CA LEU B 677 -18.81 -8.24 -66.45
C LEU B 677 -19.16 -9.35 -65.47
N TYR B 678 -19.87 -10.36 -65.97
CA TYR B 678 -20.40 -11.51 -65.24
C TYR B 678 -21.46 -11.12 -64.22
N PHE B 679 -21.77 -9.83 -64.08
CA PHE B 679 -22.89 -9.33 -63.29
C PHE B 679 -22.88 -9.81 -61.85
N ASN B 680 -21.73 -10.26 -61.34
CA ASN B 680 -21.62 -10.60 -59.91
C ASN B 680 -21.22 -9.35 -59.14
N LEU B 681 -20.02 -8.81 -59.43
CA LEU B 681 -19.59 -7.49 -59.00
C LEU B 681 -19.91 -7.24 -57.53
N PRO B 682 -19.14 -7.78 -56.59
CA PRO B 682 -19.42 -7.53 -55.18
C PRO B 682 -19.61 -6.05 -54.89
N ASN B 683 -20.59 -5.76 -54.04
CA ASN B 683 -20.97 -4.39 -53.75
C ASN B 683 -19.76 -3.59 -53.28
N ILE B 684 -19.52 -2.44 -53.91
CA ILE B 684 -18.32 -1.67 -53.62
C ILE B 684 -18.59 -0.71 -52.47
N TYR B 685 -19.78 -0.76 -51.91
CA TYR B 685 -20.00 -0.05 -50.66
C TYR B 685 -19.68 -0.90 -49.45
N SER B 686 -19.91 -2.22 -49.53
CA SER B 686 -19.55 -3.10 -48.43
C SER B 686 -18.04 -3.15 -48.23
N LEU B 687 -17.28 -3.18 -49.32
CA LEU B 687 -15.82 -3.20 -49.22
C LEU B 687 -15.30 -1.93 -48.56
N ALA B 688 -15.77 -0.78 -49.02
CA ALA B 688 -15.34 0.47 -48.43
C ALA B 688 -15.79 0.60 -46.99
N TYR B 689 -16.94 0.02 -46.63
CA TYR B 689 -17.37 0.04 -45.24
C TYR B 689 -16.46 -0.82 -44.37
N GLN B 690 -16.03 -1.97 -44.89
CA GLN B 690 -15.10 -2.80 -44.12
C GLN B 690 -13.78 -2.08 -43.88
N LEU B 691 -13.25 -1.42 -44.92
CA LEU B 691 -12.03 -0.66 -44.73
C LEU B 691 -12.23 0.51 -43.76
N PHE B 692 -13.40 1.16 -43.81
CA PHE B 692 -13.71 2.19 -42.82
C PHE B 692 -13.70 1.62 -41.43
N ASN B 693 -14.20 0.40 -41.27
CA ASN B 693 -14.21 -0.24 -39.96
C ASN B 693 -12.78 -0.44 -39.44
N GLU B 694 -11.90 -0.93 -40.31
CA GLU B 694 -10.50 -1.10 -39.92
C GLU B 694 -9.85 0.22 -39.55
N LEU B 695 -10.10 1.27 -40.34
CA LEU B 695 -9.51 2.56 -40.04
C LEU B 695 -10.03 3.14 -38.74
N ALA B 696 -11.33 2.99 -38.48
CA ALA B 696 -11.90 3.51 -37.24
C ALA B 696 -11.44 2.72 -36.02
N ILE B 697 -11.06 1.46 -36.20
CA ILE B 697 -10.47 0.72 -35.08
C ILE B 697 -9.03 1.17 -34.85
N ASN B 698 -8.27 1.41 -35.92
CA ASN B 698 -6.90 1.90 -35.76
C ASN B 698 -6.88 3.26 -35.08
N ILE B 699 -7.79 4.16 -35.45
CA ILE B 699 -7.75 5.53 -34.94
C ILE B 699 -7.90 5.56 -33.43
N ASN B 700 -8.62 4.60 -32.85
CA ASN B 700 -8.92 4.61 -31.43
C ASN B 700 -7.72 4.26 -30.56
N VAL B 701 -6.51 4.23 -31.12
CA VAL B 701 -5.33 3.95 -30.31
C VAL B 701 -4.90 5.15 -29.48
N ILE B 702 -5.52 6.31 -29.71
CA ILE B 702 -5.12 7.53 -29.02
C ILE B 702 -5.81 7.70 -27.67
N THR B 703 -6.70 6.78 -27.29
CA THR B 703 -7.38 6.85 -26.01
C THR B 703 -7.76 5.44 -25.59
N ASN B 704 -8.49 5.33 -24.48
CA ASN B 704 -8.90 4.04 -23.95
C ASN B 704 -10.40 4.03 -23.66
N VAL B 705 -11.17 4.71 -24.51
CA VAL B 705 -12.63 4.71 -24.42
C VAL B 705 -13.19 4.45 -25.81
N PRO B 706 -14.40 3.90 -25.90
CA PRO B 706 -14.95 3.50 -27.19
C PRO B 706 -14.97 4.59 -28.26
N LEU B 707 -15.00 5.86 -27.87
CA LEU B 707 -14.98 6.97 -28.82
C LEU B 707 -16.16 6.89 -29.78
N LYS B 708 -17.37 6.89 -29.21
CA LYS B 708 -18.55 6.49 -29.98
C LYS B 708 -18.94 7.54 -31.01
N LYS B 709 -19.32 8.73 -30.55
CA LYS B 709 -19.77 9.79 -31.45
C LYS B 709 -18.71 10.84 -31.70
N TYR B 710 -17.54 10.73 -31.08
CA TYR B 710 -16.43 11.62 -31.35
C TYR B 710 -15.45 11.03 -32.33
N LEU B 711 -15.89 10.17 -33.25
CA LEU B 711 -15.01 9.79 -34.35
C LEU B 711 -14.79 10.96 -35.29
N LYS B 712 -15.79 11.82 -35.44
CA LYS B 712 -15.52 13.15 -35.96
C LYS B 712 -14.75 13.93 -34.90
N TYR B 713 -14.36 15.15 -35.25
CA TYR B 713 -13.39 15.94 -34.47
C TYR B 713 -12.03 15.25 -34.44
N ASN B 714 -11.92 14.09 -35.09
CA ASN B 714 -10.69 13.33 -35.10
C ASN B 714 -10.45 12.72 -36.47
N ALA B 715 -10.98 13.35 -37.52
CA ALA B 715 -10.83 12.86 -38.87
C ALA B 715 -9.52 13.28 -39.49
N SER B 716 -8.68 14.02 -38.77
CA SER B 716 -7.37 14.38 -39.31
C SER B 716 -6.52 13.15 -39.55
N TYR B 717 -6.74 12.09 -38.78
CA TYR B 717 -5.97 10.85 -38.99
C TYR B 717 -6.35 10.20 -40.30
N ALA B 718 -7.65 10.05 -40.56
CA ALA B 718 -8.09 9.46 -41.80
C ALA B 718 -7.64 10.29 -42.99
N TYR B 719 -7.62 11.62 -42.84
CA TYR B 719 -7.23 12.47 -43.96
C TYR B 719 -5.74 12.45 -44.21
N PHE B 720 -4.92 12.35 -43.16
CA PHE B 720 -3.50 12.12 -43.38
C PHE B 720 -3.27 10.80 -44.09
N THR B 721 -4.00 9.75 -43.69
CA THR B 721 -3.86 8.46 -44.36
C THR B 721 -4.27 8.57 -45.83
N LEU B 722 -5.33 9.32 -46.12
CA LEU B 722 -5.76 9.47 -47.50
C LEU B 722 -4.71 10.21 -48.33
N MET B 723 -4.12 11.26 -47.77
CA MET B 723 -3.05 11.95 -48.49
C MET B 723 -1.88 11.00 -48.76
N ASN B 724 -1.47 10.22 -47.76
CA ASN B 724 -0.39 9.27 -47.97
C ASN B 724 -0.77 8.16 -48.94
N MET B 725 -2.05 7.92 -49.13
CA MET B 725 -2.49 6.83 -49.99
C MET B 725 -2.62 7.25 -51.44
N ILE B 726 -3.12 8.46 -51.71
CA ILE B 726 -3.21 8.95 -53.08
C ILE B 726 -1.95 9.68 -53.51
N GLY B 727 -1.35 10.47 -52.61
CA GLY B 727 -0.21 11.28 -52.96
C GLY B 727 1.08 10.48 -52.99
N LYS B 728 2.18 11.22 -53.03
CA LYS B 728 3.50 10.60 -52.97
C LYS B 728 3.75 10.10 -51.56
N ASN B 729 3.85 8.79 -51.39
CA ASN B 729 3.95 8.21 -50.07
C ASN B 729 5.35 8.44 -49.51
N HIS B 730 5.44 9.25 -48.47
CA HIS B 730 6.69 9.43 -47.75
C HIS B 730 6.81 8.31 -46.72
N ASP B 731 7.78 8.40 -45.80
CA ASP B 731 7.92 7.38 -44.78
C ASP B 731 8.16 6.01 -45.39
N ILE B 732 9.35 5.76 -45.93
CA ILE B 732 9.58 4.52 -46.65
C ILE B 732 9.78 3.37 -45.66
N TYR B 733 8.65 2.82 -45.21
CA TYR B 733 8.58 1.49 -44.61
C TYR B 733 7.34 0.76 -45.07
N SER B 734 6.38 1.46 -45.67
CA SER B 734 5.14 0.89 -46.18
C SER B 734 4.88 1.31 -47.63
N LYS B 735 5.85 1.96 -48.28
CA LYS B 735 5.65 2.47 -49.63
C LYS B 735 5.30 1.35 -50.59
N GLY B 736 4.26 1.58 -51.39
CA GLY B 736 3.74 0.59 -52.31
C GLY B 736 3.14 1.20 -53.56
N SER B 737 1.93 0.75 -53.92
CA SER B 737 1.22 1.29 -55.08
C SER B 737 0.67 2.67 -54.71
N ARG B 738 -0.20 3.22 -55.58
CA ARG B 738 -0.64 4.60 -55.40
C ARG B 738 -2.15 4.77 -55.22
N PHE B 739 -2.96 3.75 -55.48
CA PHE B 739 -4.35 3.68 -54.99
C PHE B 739 -5.13 4.98 -55.21
N VAL B 740 -5.39 5.29 -56.48
CA VAL B 740 -6.10 6.52 -56.80
C VAL B 740 -7.60 6.39 -56.50
N TYR B 741 -8.27 5.41 -57.10
CA TYR B 741 -9.71 5.28 -56.94
C TYR B 741 -10.10 5.00 -55.49
N ALA B 742 -9.40 4.06 -54.87
CA ALA B 742 -9.69 3.68 -53.49
C ALA B 742 -9.71 4.88 -52.57
N SER B 743 -8.86 5.88 -52.83
CA SER B 743 -8.85 7.06 -51.97
C SER B 743 -10.15 7.83 -52.08
N TYR B 744 -10.62 8.09 -53.31
CA TYR B 744 -11.87 8.81 -53.48
C TYR B 744 -13.02 8.08 -52.83
N ILE B 745 -13.18 6.79 -53.15
CA ILE B 745 -14.33 6.04 -52.63
C ILE B 745 -14.26 5.96 -51.10
N LEU B 746 -13.08 5.62 -50.56
CA LEU B 746 -12.99 5.40 -49.13
C LEU B 746 -13.12 6.70 -48.35
N GLY B 747 -12.61 7.82 -48.88
CA GLY B 747 -12.80 9.09 -48.20
C GLY B 747 -14.25 9.54 -48.19
N LEU B 748 -14.95 9.33 -49.31
CA LEU B 748 -16.38 9.63 -49.31
C LEU B 748 -17.11 8.76 -48.28
N VAL B 749 -16.80 7.46 -48.23
CA VAL B 749 -17.49 6.57 -47.31
C VAL B 749 -17.19 6.96 -45.87
N PHE B 750 -15.93 7.31 -45.58
CA PHE B 750 -15.57 7.71 -44.22
C PHE B 750 -16.33 8.96 -43.80
N PHE B 751 -16.39 9.96 -44.68
CA PHE B 751 -17.11 11.18 -44.34
C PHE B 751 -18.59 10.89 -44.11
N ILE B 752 -19.20 10.12 -45.00
CA ILE B 752 -20.62 9.80 -44.85
C ILE B 752 -20.88 9.11 -43.52
N GLU B 753 -20.06 8.11 -43.19
CA GLU B 753 -20.32 7.29 -42.02
C GLU B 753 -19.93 7.96 -40.71
N SER B 754 -19.10 9.00 -40.74
CA SER B 754 -18.72 9.68 -39.50
C SER B 754 -19.40 11.03 -39.28
N HIS B 755 -19.97 11.64 -40.32
CA HIS B 755 -20.65 12.92 -40.15
C HIS B 755 -22.14 12.85 -40.46
N ILE B 756 -22.52 12.30 -41.62
CA ILE B 756 -23.81 12.54 -42.24
C ILE B 756 -24.76 11.38 -41.98
N ASP B 757 -24.54 10.64 -40.90
CA ASP B 757 -25.34 9.47 -40.62
C ASP B 757 -25.92 9.56 -39.21
N ILE B 758 -27.08 8.92 -39.01
CA ILE B 758 -27.73 8.85 -37.72
C ILE B 758 -28.17 7.45 -37.35
N ALA B 759 -27.88 6.45 -38.17
CA ALA B 759 -28.45 5.11 -37.97
C ALA B 759 -27.89 4.39 -36.75
N ARG B 760 -26.86 4.92 -36.09
CA ARG B 760 -26.23 4.20 -35.00
C ARG B 760 -26.04 5.04 -33.76
N LEU B 761 -26.84 6.07 -33.55
CA LEU B 761 -26.70 6.94 -32.38
C LEU B 761 -27.76 6.64 -31.34
N TYR B 780 -40.26 17.41 -34.96
CA TYR B 780 -39.66 16.94 -36.20
C TYR B 780 -39.14 18.12 -37.02
N HIS B 781 -39.44 19.33 -36.56
CA HIS B 781 -39.00 20.52 -37.28
C HIS B 781 -37.50 20.73 -37.13
N LYS B 782 -36.98 20.60 -35.91
CA LYS B 782 -35.54 20.64 -35.71
C LYS B 782 -34.86 19.43 -36.36
N ASP B 783 -35.56 18.30 -36.45
CA ASP B 783 -35.06 17.20 -37.25
C ASP B 783 -34.87 17.61 -38.70
N LEU B 784 -35.80 18.43 -39.21
CA LEU B 784 -35.67 18.92 -40.57
C LEU B 784 -34.52 19.93 -40.69
N LYS B 785 -34.32 20.76 -39.67
CA LYS B 785 -33.15 21.62 -39.66
C LYS B 785 -31.87 20.79 -39.71
N THR B 786 -31.84 19.68 -38.98
CA THR B 786 -30.66 18.82 -38.99
C THR B 786 -30.47 18.16 -40.35
N LEU B 787 -31.56 17.73 -40.98
CA LEU B 787 -31.47 17.23 -42.35
C LEU B 787 -30.86 18.27 -43.27
N LYS B 788 -31.30 19.53 -43.15
CA LYS B 788 -30.77 20.58 -44.02
C LYS B 788 -29.29 20.81 -43.75
N LYS B 789 -28.90 20.87 -42.48
CA LYS B 789 -27.51 21.12 -42.14
C LYS B 789 -26.60 20.01 -42.68
N ASN B 790 -27.00 18.76 -42.44
CA ASN B 790 -26.18 17.64 -42.91
C ASN B 790 -26.15 17.58 -44.43
N CYS B 791 -27.27 17.88 -45.09
CA CYS B 791 -27.29 17.86 -46.54
C CYS B 791 -26.39 18.93 -47.12
N THR B 792 -26.34 20.11 -46.51
CA THR B 792 -25.46 21.14 -47.05
C THR B 792 -23.99 20.81 -46.76
N LEU B 793 -23.70 20.17 -45.62
CA LEU B 793 -22.33 19.70 -45.38
C LEU B 793 -21.91 18.71 -46.43
N LEU B 794 -22.75 17.70 -46.70
CA LEU B 794 -22.41 16.71 -47.71
C LEU B 794 -22.19 17.37 -49.06
N THR B 795 -23.15 18.17 -49.52
CA THR B 795 -23.04 18.76 -50.85
C THR B 795 -21.88 19.75 -50.95
N ASP B 796 -21.42 20.28 -49.82
CA ASP B 796 -20.28 21.18 -49.87
C ASP B 796 -18.96 20.42 -49.78
N PHE B 797 -18.99 19.19 -49.26
CA PHE B 797 -17.78 18.37 -49.21
C PHE B 797 -17.41 17.84 -50.59
N MET B 798 -18.40 17.33 -51.31
CA MET B 798 -18.21 16.62 -52.57
C MET B 798 -17.76 17.50 -53.72
N LYS B 799 -17.41 18.77 -53.57
CA LYS B 799 -17.00 19.60 -54.70
C LYS B 799 -15.47 19.65 -54.78
N ILE B 800 -14.93 19.28 -55.95
CA ILE B 800 -13.50 19.10 -56.10
C ILE B 800 -12.77 20.44 -56.07
N ASN B 801 -13.05 21.29 -57.04
CA ASN B 801 -12.36 22.57 -57.19
C ASN B 801 -13.22 23.68 -56.63
N LYS B 802 -12.64 24.52 -55.79
CA LYS B 802 -13.40 25.54 -55.07
C LYS B 802 -12.93 26.97 -55.32
N ASN B 803 -11.62 27.20 -55.35
CA ASN B 803 -11.08 28.51 -54.98
C ASN B 803 -11.61 29.68 -55.81
N SER B 804 -11.19 29.78 -57.07
CA SER B 804 -11.65 30.90 -57.90
C SER B 804 -11.93 30.55 -59.35
N GLN B 805 -11.51 29.39 -59.85
CA GLN B 805 -11.60 29.11 -61.27
C GLN B 805 -13.05 28.92 -61.70
N ASN B 806 -13.33 29.25 -62.95
CA ASN B 806 -14.69 29.16 -63.45
C ASN B 806 -15.14 27.71 -63.50
N TYR B 807 -16.42 27.51 -63.18
CA TYR B 807 -17.02 26.18 -63.06
C TYR B 807 -17.63 25.83 -64.42
N SER B 808 -16.84 25.17 -65.26
CA SER B 808 -17.27 24.73 -66.58
C SER B 808 -17.41 23.21 -66.67
N LEU B 809 -17.06 22.49 -65.61
CA LEU B 809 -17.31 21.04 -65.49
C LEU B 809 -16.60 20.27 -66.61
N THR B 810 -15.28 20.28 -66.54
CA THR B 810 -14.48 19.43 -67.40
C THR B 810 -14.83 17.95 -67.17
N HIS B 811 -14.33 17.10 -68.06
CA HIS B 811 -14.76 15.71 -68.09
C HIS B 811 -14.45 14.99 -66.77
N THR B 812 -13.26 15.20 -66.22
CA THR B 812 -12.90 14.52 -64.98
C THR B 812 -13.84 14.91 -63.84
N GLU B 813 -14.23 16.17 -63.77
CA GLU B 813 -15.18 16.59 -62.74
C GLU B 813 -16.52 15.90 -62.94
N GLU B 814 -16.94 15.72 -64.19
CA GLU B 814 -18.17 14.98 -64.47
C GLU B 814 -18.08 13.55 -63.96
N MET B 815 -16.95 12.89 -64.23
CA MET B 815 -16.82 11.50 -63.81
C MET B 815 -16.78 11.38 -62.29
N ILE B 816 -16.12 12.32 -61.62
CA ILE B 816 -16.10 12.25 -60.16
C ILE B 816 -17.48 12.54 -59.59
N LYS B 817 -18.24 13.44 -60.22
CA LYS B 817 -19.62 13.67 -59.77
C LYS B 817 -20.46 12.40 -59.91
N ILE B 818 -20.29 11.68 -61.02
CA ILE B 818 -21.06 10.46 -61.22
C ILE B 818 -20.67 9.42 -60.17
N LEU B 819 -19.38 9.31 -59.87
CA LEU B 819 -18.97 8.36 -58.84
C LEU B 819 -19.53 8.73 -57.47
N GLY B 820 -19.54 10.01 -57.14
CA GLY B 820 -20.11 10.43 -55.87
C GLY B 820 -21.59 10.10 -55.76
N LEU B 821 -22.35 10.37 -56.82
CA LEU B 821 -23.78 10.06 -56.77
C LEU B 821 -24.03 8.56 -56.71
N LEU B 822 -23.18 7.75 -57.36
CA LEU B 822 -23.33 6.31 -57.24
C LEU B 822 -23.04 5.84 -55.82
N THR B 823 -22.01 6.41 -55.18
CA THR B 823 -21.69 6.01 -53.82
C THR B 823 -22.78 6.45 -52.84
N VAL B 824 -23.49 7.53 -53.14
CA VAL B 824 -24.57 7.94 -52.26
C VAL B 824 -25.84 7.12 -52.51
N THR B 825 -26.10 6.70 -53.74
CA THR B 825 -27.26 5.87 -53.99
C THR B 825 -27.04 4.40 -53.70
N LEU B 826 -25.80 3.99 -53.39
CA LEU B 826 -25.56 2.67 -52.85
C LEU B 826 -25.66 2.63 -51.34
N TRP B 827 -25.54 3.79 -50.69
CA TRP B 827 -25.63 3.86 -49.23
C TRP B 827 -27.04 3.56 -48.74
N ALA B 828 -28.05 3.89 -49.53
CA ALA B 828 -29.43 3.74 -49.11
C ALA B 828 -30.17 2.61 -49.80
N LYS B 829 -29.75 2.20 -50.99
CA LYS B 829 -30.48 1.16 -51.72
C LYS B 829 -30.38 -0.17 -51.01
N GLU B 830 -31.48 -0.91 -51.00
CA GLU B 830 -31.56 -2.17 -50.26
C GLU B 830 -32.26 -3.25 -51.07
N GLY B 831 -32.01 -3.28 -52.37
CA GLY B 831 -32.59 -4.31 -53.22
C GLY B 831 -32.85 -3.80 -54.62
N LYS B 832 -33.31 -4.71 -55.47
CA LYS B 832 -33.56 -4.39 -56.86
C LYS B 832 -34.85 -3.58 -57.01
N LYS B 833 -34.89 -2.40 -56.39
CA LYS B 833 -36.08 -1.57 -56.45
C LYS B 833 -35.70 -0.16 -56.07
N SER B 834 -36.07 0.80 -56.92
CA SER B 834 -35.72 2.20 -56.72
C SER B 834 -36.01 2.64 -55.30
N VAL B 835 -35.08 3.38 -54.70
CA VAL B 835 -35.30 3.80 -53.33
C VAL B 835 -36.06 5.13 -53.36
N TYR B 836 -37.32 5.05 -53.75
CA TYR B 836 -38.32 6.05 -53.41
C TYR B 836 -39.60 5.30 -53.11
N TYR B 837 -39.77 4.16 -53.77
CA TYR B 837 -40.98 3.35 -53.68
C TYR B 837 -40.87 2.23 -52.67
N ASP B 838 -39.71 2.01 -52.09
CA ASP B 838 -39.53 0.89 -51.17
C ASP B 838 -39.77 1.32 -49.73
N ASP B 839 -40.33 0.41 -48.95
CA ASP B 839 -40.33 0.56 -47.50
C ASP B 839 -39.00 0.03 -46.97
N ASP B 840 -38.91 -0.16 -45.66
CA ASP B 840 -37.70 -0.62 -44.97
C ASP B 840 -36.48 0.20 -45.35
N VAL B 841 -36.70 1.37 -45.95
CA VAL B 841 -35.67 2.38 -46.12
C VAL B 841 -36.04 3.56 -45.23
N SER B 842 -35.10 4.00 -44.42
CA SER B 842 -35.39 4.99 -43.38
C SER B 842 -35.96 6.26 -43.98
N LEU B 843 -36.84 6.90 -43.20
CA LEU B 843 -37.34 8.23 -43.54
C LEU B 843 -36.19 9.17 -43.88
N TYR B 844 -35.09 9.07 -43.15
CA TYR B 844 -33.96 9.98 -43.32
C TYR B 844 -33.27 9.78 -44.66
N ARG B 845 -33.18 8.54 -45.13
CA ARG B 845 -32.32 8.27 -46.28
C ARG B 845 -32.99 8.67 -47.59
N LYS B 846 -34.29 8.47 -47.73
CA LYS B 846 -34.98 8.95 -48.92
C LYS B 846 -34.82 10.46 -49.04
N LEU B 847 -35.03 11.18 -47.93
CA LEU B 847 -34.95 12.63 -47.97
C LEU B 847 -33.54 13.09 -48.25
N MET B 848 -32.53 12.44 -47.69
CA MET B 848 -31.16 12.88 -47.95
C MET B 848 -30.74 12.56 -49.38
N VAL B 849 -31.15 11.42 -49.92
CA VAL B 849 -30.86 11.12 -51.32
C VAL B 849 -31.52 12.15 -52.23
N SER B 850 -32.77 12.51 -51.95
CA SER B 850 -33.43 13.54 -52.74
C SER B 850 -32.73 14.89 -52.60
N CYS B 851 -32.25 15.19 -51.39
CA CYS B 851 -31.56 16.45 -51.17
C CYS B 851 -30.22 16.50 -51.87
N VAL B 852 -29.61 15.34 -52.13
CA VAL B 852 -28.33 15.31 -52.82
C VAL B 852 -28.51 15.36 -54.33
N PHE B 853 -29.45 14.59 -54.87
CA PHE B 853 -29.57 14.52 -56.32
C PHE B 853 -30.00 15.85 -56.92
N ASN B 854 -30.69 16.70 -56.14
CA ASN B 854 -31.04 18.02 -56.63
C ASN B 854 -29.93 19.03 -56.41
N GLY B 855 -28.80 18.61 -55.86
CA GLY B 855 -27.67 19.48 -55.66
C GLY B 855 -28.01 20.68 -54.79
N GLY B 856 -28.25 20.48 -53.51
CA GLY B 856 -28.58 21.63 -52.69
C GLY B 856 -29.83 21.55 -51.85
N GLU B 857 -30.85 22.33 -52.24
CA GLU B 857 -31.79 22.90 -51.28
C GLU B 857 -32.56 21.88 -50.45
N THR B 858 -33.54 21.20 -51.05
CA THR B 858 -34.35 20.21 -50.33
C THR B 858 -35.30 19.57 -51.34
N ILE B 859 -36.21 18.72 -50.86
CA ILE B 859 -37.33 18.25 -51.66
C ILE B 859 -38.56 19.09 -51.34
N GLN B 860 -38.52 19.82 -50.22
CA GLN B 860 -39.67 20.63 -49.83
C GLN B 860 -39.55 22.05 -50.36
N GLU B 861 -38.41 22.70 -50.13
CA GLU B 861 -38.27 24.09 -50.55
C GLU B 861 -38.25 24.21 -52.07
N LYS B 862 -37.79 23.18 -52.77
CA LYS B 862 -37.87 23.17 -54.22
C LYS B 862 -39.31 23.35 -54.68
N LEU B 863 -40.22 22.49 -54.20
CA LEU B 863 -41.60 22.60 -54.61
C LEU B 863 -42.24 23.87 -54.07
N ALA B 864 -41.77 24.35 -52.92
CA ALA B 864 -42.31 25.61 -52.38
C ALA B 864 -42.01 26.78 -53.32
N ASN B 865 -40.75 26.89 -53.75
CA ASN B 865 -40.42 27.94 -54.71
C ASN B 865 -41.18 27.74 -56.01
N ASN B 866 -41.29 26.50 -56.47
CA ASN B 866 -41.96 26.24 -57.75
C ASN B 866 -43.44 26.58 -57.70
N ILE B 867 -44.08 26.39 -56.54
CA ILE B 867 -45.51 26.70 -56.44
C ILE B 867 -45.73 28.19 -56.26
N GLU B 868 -44.93 28.85 -55.42
CA GLU B 868 -45.12 30.29 -55.26
C GLU B 868 -44.64 31.05 -56.48
N LYS B 869 -43.95 30.39 -57.41
CA LYS B 869 -43.76 30.97 -58.74
C LYS B 869 -45.11 31.33 -59.37
N SER B 870 -46.09 30.43 -59.25
CA SER B 870 -47.43 30.69 -59.76
C SER B 870 -48.34 31.17 -58.61
N CYS B 871 -47.75 32.22 -58.04
CA CYS B 871 -48.21 32.99 -56.89
C CYS B 871 -49.69 33.03 -56.83
N ASP B 872 -50.30 32.83 -57.99
CA ASP B 872 -51.72 32.77 -58.27
C ASP B 872 -52.56 32.24 -57.11
N ILE B 873 -52.23 31.06 -56.61
CA ILE B 873 -52.90 30.51 -55.48
C ILE B 873 -52.68 31.37 -54.24
N SER B 874 -53.78 31.98 -53.82
CA SER B 874 -53.88 32.80 -52.65
C SER B 874 -55.37 33.01 -52.63
N GLN B 875 -56.10 31.88 -52.62
CA GLN B 875 -57.55 31.87 -52.71
C GLN B 875 -58.33 32.23 -51.47
N TYR B 876 -59.42 31.52 -51.26
CA TYR B 876 -60.33 31.76 -50.15
C TYR B 876 -59.96 31.01 -48.86
N GLY B 877 -58.71 31.12 -48.44
CA GLY B 877 -57.60 30.25 -48.83
C GLY B 877 -56.37 30.61 -48.03
N ILE B 878 -55.21 30.04 -48.38
CA ILE B 878 -54.00 30.28 -47.59
C ILE B 878 -52.65 30.00 -48.26
N LYS B 879 -51.70 30.90 -48.03
CA LYS B 879 -50.33 30.72 -48.45
C LYS B 879 -49.52 30.76 -47.14
N SER B 880 -48.35 31.39 -47.15
CA SER B 880 -47.43 31.53 -46.01
C SER B 880 -46.72 30.25 -45.56
N LYS B 881 -45.46 30.37 -45.20
CA LYS B 881 -44.83 29.08 -44.92
C LYS B 881 -45.75 28.11 -44.20
N ASN B 882 -46.88 28.59 -43.66
CA ASN B 882 -47.79 27.70 -42.96
C ASN B 882 -48.37 26.66 -43.91
N LEU B 883 -48.92 27.10 -45.04
CA LEU B 883 -49.43 26.16 -46.03
C LEU B 883 -48.31 25.29 -46.59
N LYS B 884 -47.08 25.81 -46.62
CA LYS B 884 -45.96 25.03 -47.12
C LYS B 884 -45.65 23.85 -46.20
N ASP B 885 -45.54 24.13 -44.89
CA ASP B 885 -45.28 23.03 -43.96
C ASP B 885 -46.50 22.13 -43.83
N MET B 886 -47.69 22.65 -44.10
CA MET B 886 -48.87 21.80 -44.21
C MET B 886 -48.70 20.78 -45.33
N ILE B 887 -48.26 21.24 -46.51
CA ILE B 887 -48.08 20.31 -47.61
C ILE B 887 -46.90 19.37 -47.34
N ASP B 888 -45.91 19.84 -46.56
CA ASP B 888 -44.77 18.97 -46.26
C ASP B 888 -45.16 17.87 -45.28
N ILE B 889 -46.02 18.16 -44.29
CA ILE B 889 -46.47 17.09 -43.41
C ILE B 889 -47.42 16.17 -44.16
N ASN B 890 -48.23 16.73 -45.08
CA ASN B 890 -48.98 15.89 -46.00
C ASN B 890 -48.08 14.90 -46.71
N LEU B 891 -46.94 15.39 -47.20
CA LEU B 891 -45.93 14.50 -47.77
C LEU B 891 -45.50 13.45 -46.76
N SER B 892 -44.98 13.89 -45.61
CA SER B 892 -44.37 12.97 -44.66
C SER B 892 -45.35 11.92 -44.14
N ILE B 893 -46.65 12.15 -44.28
CA ILE B 893 -47.65 11.20 -43.80
C ILE B 893 -48.21 10.34 -44.93
N HIS B 894 -48.55 10.94 -46.08
CA HIS B 894 -49.28 10.22 -47.11
C HIS B 894 -48.51 9.02 -47.65
N LYS B 895 -47.43 9.27 -48.39
CA LYS B 895 -46.44 8.35 -48.95
C LYS B 895 -45.50 9.14 -49.84
N TRP B 896 -44.40 8.49 -50.23
CA TRP B 896 -43.24 9.13 -50.82
C TRP B 896 -42.79 8.40 -52.08
N ASN B 897 -41.73 8.89 -52.71
CA ASN B 897 -41.40 10.31 -52.77
C ASN B 897 -41.95 11.04 -54.02
N PRO B 898 -41.72 10.49 -55.22
CA PRO B 898 -42.15 11.23 -56.42
C PRO B 898 -43.65 11.30 -56.56
N ALA B 899 -44.40 10.45 -55.86
CA ALA B 899 -45.85 10.60 -55.82
C ALA B 899 -46.22 12.02 -55.41
N GLU B 900 -45.71 12.44 -54.25
CA GLU B 900 -45.97 13.81 -53.78
C GLU B 900 -45.48 14.83 -54.81
N ILE B 901 -44.27 14.65 -55.33
CA ILE B 901 -43.70 15.62 -56.26
C ILE B 901 -44.63 15.84 -57.44
N GLU B 902 -44.91 14.78 -58.20
CA GLU B 902 -45.70 14.94 -59.42
C GLU B 902 -47.13 15.32 -59.11
N LYS B 903 -47.71 14.77 -58.04
CA LYS B 903 -49.12 15.02 -57.78
C LYS B 903 -49.34 16.46 -57.31
N LEU B 904 -48.45 16.99 -56.46
CA LEU B 904 -48.55 18.39 -56.10
C LEU B 904 -48.24 19.28 -57.30
N ALA B 905 -47.24 18.91 -58.10
CA ALA B 905 -46.92 19.65 -59.32
C ALA B 905 -48.17 19.83 -60.17
N TYR B 906 -48.86 18.74 -60.49
CA TYR B 906 -49.98 18.84 -61.41
C TYR B 906 -51.23 19.39 -60.74
N SER B 907 -51.45 19.07 -59.46
CA SER B 907 -52.58 19.66 -58.75
C SER B 907 -52.49 21.17 -58.73
N PHE B 908 -51.29 21.71 -58.58
CA PHE B 908 -51.18 23.16 -58.56
C PHE B 908 -50.96 23.74 -59.95
N VAL B 909 -50.59 22.93 -60.95
CA VAL B 909 -50.75 23.36 -62.34
C VAL B 909 -52.22 23.61 -62.64
N LEU B 910 -53.09 22.66 -62.27
CA LEU B 910 -54.51 22.87 -62.50
C LEU B 910 -55.07 23.94 -61.59
N SER B 911 -54.47 24.14 -60.41
CA SER B 911 -54.88 25.25 -59.55
C SER B 911 -54.54 26.60 -60.18
N CYS B 912 -53.37 26.69 -60.83
CA CYS B 912 -52.99 27.93 -61.49
C CYS B 912 -53.88 28.21 -62.70
N LYS B 913 -54.13 27.17 -63.52
CA LYS B 913 -55.07 27.35 -64.63
C LYS B 913 -56.50 27.55 -64.14
N MET B 914 -56.78 27.24 -62.88
CA MET B 914 -58.09 27.52 -62.31
C MET B 914 -58.29 29.02 -62.14
N GLN B 915 -57.41 29.66 -61.38
CA GLN B 915 -57.53 31.08 -61.07
C GLN B 915 -56.60 31.92 -61.95
N LYS C 25 -14.86 42.25 63.70
CA LYS C 25 -16.13 41.52 63.64
C LYS C 25 -17.30 42.48 63.43
N ASP C 26 -17.20 43.32 62.41
CA ASP C 26 -18.32 44.17 62.03
C ASP C 26 -19.40 43.34 61.35
N VAL C 27 -20.57 43.96 61.16
CA VAL C 27 -21.71 43.24 60.59
C VAL C 27 -21.70 43.25 59.07
N PHE C 28 -20.66 43.82 58.44
CA PHE C 28 -20.55 43.90 56.99
C PHE C 28 -21.75 44.66 56.40
N ALA C 29 -21.80 45.94 56.73
CA ALA C 29 -22.92 46.76 56.28
C ALA C 29 -22.97 46.85 54.76
N GLY C 30 -21.99 47.51 54.13
CA GLY C 30 -22.00 47.64 52.69
C GLY C 30 -20.67 47.48 51.98
N PHE C 31 -19.56 47.49 52.71
CA PHE C 31 -18.25 47.60 52.10
C PHE C 31 -17.26 46.70 52.83
N VAL C 32 -16.05 46.60 52.27
CA VAL C 32 -15.01 45.75 52.82
C VAL C 32 -13.77 46.59 53.12
N THR C 33 -12.73 45.95 53.65
CA THR C 33 -11.46 46.60 53.92
C THR C 33 -10.78 46.88 52.58
N LYS C 34 -9.72 47.69 52.58
CA LYS C 34 -9.01 48.00 51.35
C LYS C 34 -8.13 46.87 50.88
N LYS C 35 -7.59 46.06 51.80
CA LYS C 35 -6.75 44.93 51.41
C LYS C 35 -7.56 43.85 50.70
N LEU C 36 -8.87 43.81 50.92
CA LEU C 36 -9.73 42.82 50.27
C LEU C 36 -10.13 43.23 48.87
N LYS C 37 -10.34 44.54 48.65
CA LYS C 37 -10.73 45.00 47.33
C LYS C 37 -9.63 44.75 46.30
N THR C 38 -8.37 44.84 46.72
CA THR C 38 -7.27 44.54 45.80
C THR C 38 -7.29 43.09 45.38
N LEU C 39 -7.52 42.19 46.35
CA LEU C 39 -7.61 40.77 46.04
C LEU C 39 -8.79 40.49 45.11
N LEU C 40 -9.93 41.14 45.35
CA LEU C 40 -11.08 40.92 44.49
C LEU C 40 -10.81 41.41 43.07
N ASP C 41 -10.16 42.57 42.94
CA ASP C 41 -9.87 43.10 41.61
C ASP C 41 -8.87 42.23 40.86
N CYS C 42 -7.85 41.72 41.55
CA CYS C 42 -6.90 40.86 40.85
C CYS C 42 -7.56 39.53 40.47
N ASN C 43 -8.49 39.05 41.29
CA ASN C 43 -9.27 37.87 40.91
C ASN C 43 -10.07 38.14 39.64
N PHE C 44 -10.78 39.27 39.60
CA PHE C 44 -11.54 39.62 38.40
C PHE C 44 -10.64 39.71 37.18
N ALA C 45 -9.44 40.28 37.34
CA ALA C 45 -8.53 40.42 36.22
C ALA C 45 -8.06 39.06 35.72
N LEU C 46 -7.65 38.18 36.64
CA LEU C 46 -7.24 36.85 36.24
C LEU C 46 -8.38 36.11 35.53
N TYR C 47 -9.61 36.28 36.02
CA TYR C 47 -10.76 35.65 35.37
C TYR C 47 -10.92 36.16 33.94
N TYR C 48 -11.03 37.47 33.77
CA TYR C 48 -11.30 38.03 32.46
C TYR C 48 -10.17 37.77 31.47
N ASN C 49 -8.94 37.65 31.96
CA ASN C 49 -7.78 37.45 31.11
C ASN C 49 -7.32 36.00 31.05
N PHE C 50 -8.16 35.06 31.47
CA PHE C 50 -7.71 33.69 31.65
C PHE C 50 -7.16 33.10 30.35
N LYS C 51 -7.95 33.17 29.27
CA LYS C 51 -7.45 32.66 28.00
C LYS C 51 -6.41 33.57 27.37
N GLY C 52 -6.14 34.73 27.97
CA GLY C 52 -5.16 35.65 27.45
C GLY C 52 -5.71 36.57 26.38
N ASN C 53 -5.05 37.72 26.24
CA ASN C 53 -5.35 38.74 25.22
C ASN C 53 -6.84 39.00 25.04
N GLY C 54 -7.61 38.96 26.13
CA GLY C 54 -9.03 39.17 26.04
C GLY C 54 -9.66 40.02 27.13
N PRO C 55 -8.96 41.07 27.62
CA PRO C 55 -9.50 41.78 28.78
C PRO C 55 -10.63 42.72 28.41
N ASP C 56 -11.52 42.26 27.53
CA ASP C 56 -12.67 43.05 27.10
C ASP C 56 -13.94 42.23 26.92
N ALA C 57 -13.87 40.91 26.91
CA ALA C 57 -14.96 40.07 26.46
C ALA C 57 -16.21 40.26 27.32
N GLY C 58 -17.32 39.72 26.83
CA GLY C 58 -18.58 39.83 27.52
C GLY C 58 -18.90 38.62 28.36
N SER C 59 -17.87 38.07 29.01
CA SER C 59 -18.04 36.93 29.92
C SER C 59 -18.45 37.44 31.30
N PHE C 60 -19.57 38.16 31.32
CA PHE C 60 -20.10 38.75 32.54
C PHE C 60 -21.00 37.75 33.24
N LEU C 61 -20.62 37.34 34.44
CA LEU C 61 -21.43 36.44 35.24
C LEU C 61 -22.43 37.26 36.04
N ASP C 62 -23.72 37.04 35.81
CA ASP C 62 -24.77 37.78 36.49
C ASP C 62 -25.09 37.03 37.78
N PHE C 63 -24.64 37.59 38.91
CA PHE C 63 -24.73 36.88 40.18
C PHE C 63 -26.15 36.89 40.73
N VAL C 64 -26.81 38.05 40.71
CA VAL C 64 -28.07 38.20 41.44
C VAL C 64 -29.20 37.43 40.77
N ASP C 65 -29.23 37.43 39.44
CA ASP C 65 -30.32 36.81 38.71
C ASP C 65 -30.06 35.35 38.35
N GLU C 66 -28.83 34.86 38.54
CA GLU C 66 -28.49 33.47 38.28
C GLU C 66 -27.60 32.95 39.40
N PRO C 67 -28.20 32.35 40.43
CA PRO C 67 -27.40 31.94 41.60
C PRO C 67 -26.46 30.78 41.33
N GLU C 68 -26.61 30.05 40.23
CA GLU C 68 -25.71 28.94 39.95
C GLU C 68 -24.39 29.40 39.36
N GLN C 69 -24.28 30.67 38.96
CA GLN C 69 -23.01 31.21 38.51
C GLN C 69 -22.22 31.82 39.65
N PHE C 70 -22.90 32.35 40.66
CA PHE C 70 -22.21 32.81 41.87
C PHE C 70 -21.40 31.69 42.49
N TYR C 71 -21.99 30.51 42.59
CA TYR C 71 -21.29 29.38 43.20
C TYR C 71 -20.20 28.83 42.31
N TRP C 72 -20.37 28.89 40.99
CA TRP C 72 -19.27 28.57 40.09
C TRP C 72 -18.07 29.48 40.36
N PHE C 73 -18.32 30.78 40.43
CA PHE C 73 -17.24 31.73 40.70
C PHE C 73 -16.62 31.52 42.07
N VAL C 74 -17.43 31.17 43.07
CA VAL C 74 -16.88 30.95 44.41
C VAL C 74 -16.04 29.69 44.44
N GLU C 75 -16.48 28.64 43.76
CA GLU C 75 -15.74 27.39 43.76
C GLU C 75 -14.41 27.52 43.02
N HIS C 76 -14.43 28.13 41.84
CA HIS C 76 -13.24 28.07 41.00
C HIS C 76 -12.25 29.21 41.25
N PHE C 77 -12.71 30.38 41.66
CA PHE C 77 -11.80 31.52 41.79
C PHE C 77 -11.75 32.10 43.19
N LEU C 78 -12.90 32.33 43.83
CA LEU C 78 -12.88 33.11 45.07
C LEU C 78 -12.30 32.31 46.23
N SER C 79 -12.65 31.05 46.37
CA SER C 79 -12.11 30.23 47.47
C SER C 79 -11.12 29.25 46.86
N VAL C 80 -9.91 29.75 46.60
CA VAL C 80 -8.77 29.02 46.08
C VAL C 80 -7.57 29.93 46.30
N LYS C 81 -6.47 29.40 46.81
CA LYS C 81 -5.30 30.24 46.98
C LYS C 81 -4.79 30.70 45.61
N PHE C 82 -4.31 31.93 45.56
CA PHE C 82 -4.02 32.58 44.29
C PHE C 82 -2.78 31.97 43.64
N ARG C 83 -2.90 31.63 42.36
CA ARG C 83 -1.77 31.13 41.58
C ARG C 83 -1.98 31.55 40.13
N VAL C 84 -0.93 32.07 39.52
CA VAL C 84 -1.01 32.56 38.14
C VAL C 84 -0.65 31.43 37.18
N PRO C 85 -1.45 31.19 36.14
CA PRO C 85 -1.14 30.15 35.17
C PRO C 85 0.01 30.52 34.25
N LYS C 86 0.20 29.74 33.19
CA LYS C 86 1.30 29.84 32.25
C LYS C 86 1.76 31.25 31.92
N HIS C 87 0.83 32.20 31.90
CA HIS C 87 1.04 33.58 31.44
C HIS C 87 2.38 34.13 31.91
N LEU C 88 3.22 34.49 30.94
CA LEU C 88 4.46 35.21 31.21
C LEU C 88 4.43 36.64 30.71
N LYS C 89 3.39 37.02 29.98
CA LYS C 89 3.25 38.38 29.46
C LYS C 89 2.75 39.30 30.57
N ASP C 90 2.40 40.53 30.20
CA ASP C 90 1.91 41.53 31.13
C ASP C 90 0.44 41.79 30.89
N LYS C 91 -0.37 41.70 31.95
CA LYS C 91 -1.81 41.88 31.85
C LYS C 91 -2.25 42.99 32.80
N ASN C 92 -3.42 43.56 32.49
CA ASN C 92 -3.71 44.96 32.84
C ASN C 92 -3.52 45.26 34.33
N ILE C 93 -3.99 44.39 35.21
CA ILE C 93 -3.91 44.68 36.63
C ILE C 93 -2.50 44.34 37.13
N HIS C 94 -1.90 45.30 37.83
CA HIS C 94 -0.51 45.22 38.27
C HIS C 94 -0.41 45.66 39.72
N ASN C 95 0.23 44.82 40.54
CA ASN C 95 0.70 43.53 40.07
C ASN C 95 0.13 42.42 40.94
N PHE C 96 0.34 41.18 40.53
CA PHE C 96 -0.20 40.05 41.28
C PHE C 96 0.56 39.81 42.58
N THR C 97 1.81 40.24 42.65
CA THR C 97 2.67 39.85 43.76
C THR C 97 2.12 40.14 45.16
N PRO C 98 1.31 41.18 45.41
CA PRO C 98 0.75 41.33 46.76
C PRO C 98 -0.33 40.31 47.11
N CYS C 99 -0.85 39.56 46.14
CA CYS C 99 -2.02 38.73 46.37
C CYS C 99 -1.72 37.24 46.34
N LEU C 100 -0.51 36.83 45.96
CA LEU C 100 -0.21 35.42 45.82
C LEU C 100 -0.40 34.68 47.14
N ASN C 101 -0.93 33.46 47.04
CA ASN C 101 -1.10 32.55 48.18
C ASN C 101 -2.08 33.11 49.21
N ARG C 102 -3.20 33.66 48.74
CA ARG C 102 -4.26 34.13 49.63
C ARG C 102 -5.60 33.77 49.03
N SER C 103 -6.55 33.43 49.90
CA SER C 103 -7.90 33.07 49.49
C SER C 103 -8.88 34.11 50.02
N TRP C 104 -9.76 34.60 49.14
CA TRP C 104 -10.66 35.69 49.51
C TRP C 104 -11.65 35.26 50.59
N VAL C 105 -12.20 34.06 50.49
CA VAL C 105 -13.27 33.65 51.39
C VAL C 105 -12.76 33.48 52.81
N SER C 106 -11.58 32.88 52.96
CA SER C 106 -11.05 32.65 54.30
C SER C 106 -10.69 33.96 55.00
N GLU C 107 -10.33 34.99 54.24
CA GLU C 107 -10.10 36.29 54.84
C GLU C 107 -11.41 37.00 55.14
N PHE C 108 -12.42 36.82 54.28
CA PHE C 108 -13.70 37.48 54.50
C PHE C 108 -14.38 36.95 55.75
N LEU C 109 -14.67 35.64 55.80
CA LEU C 109 -15.43 35.10 56.92
C LEU C 109 -14.62 35.07 58.21
N LYS C 110 -13.39 35.58 58.22
CA LYS C 110 -12.65 35.77 59.46
C LYS C 110 -12.51 37.22 59.85
N GLU C 111 -12.89 38.15 58.97
CA GLU C 111 -12.93 39.57 59.27
C GLU C 111 -14.27 40.00 59.87
N TYR C 112 -15.36 39.42 59.39
CA TYR C 112 -16.71 39.75 59.85
C TYR C 112 -17.36 38.47 60.34
N GLU C 113 -18.42 38.61 61.14
CA GLU C 113 -19.30 37.48 61.34
C GLU C 113 -20.00 37.16 60.03
N GLU C 114 -20.09 35.88 59.71
CA GLU C 114 -20.47 35.47 58.37
C GLU C 114 -21.93 35.84 58.12
N PRO C 115 -22.20 36.76 57.21
CA PRO C 115 -23.58 37.21 57.00
C PRO C 115 -24.35 36.31 56.05
N PHE C 116 -25.54 36.74 55.66
CA PHE C 116 -26.35 35.99 54.71
C PHE C 116 -25.67 36.00 53.34
N VAL C 117 -26.30 35.35 52.37
CA VAL C 117 -25.69 35.20 51.06
C VAL C 117 -26.14 36.28 50.09
N ASN C 118 -27.34 36.82 50.25
CA ASN C 118 -27.88 37.83 49.33
C ASN C 118 -27.13 39.16 49.42
N PRO C 119 -26.78 39.66 50.61
CA PRO C 119 -25.95 40.87 50.65
C PRO C 119 -24.61 40.69 49.97
N VAL C 120 -23.93 39.57 50.21
CA VAL C 120 -22.65 39.32 49.56
C VAL C 120 -22.82 39.24 48.05
N MET C 121 -23.88 38.57 47.59
CA MET C 121 -24.12 38.44 46.17
C MET C 121 -24.35 39.80 45.53
N LYS C 122 -25.20 40.62 46.15
CA LYS C 122 -25.45 41.96 45.63
C LYS C 122 -24.18 42.81 45.62
N PHE C 123 -23.38 42.70 46.68
CA PHE C 123 -22.16 43.49 46.80
C PHE C 123 -21.17 43.13 45.69
N LEU C 124 -20.94 41.82 45.51
CA LEU C 124 -20.03 41.38 44.45
C LEU C 124 -20.56 41.76 43.07
N ASP C 125 -21.88 41.67 42.87
CA ASP C 125 -22.42 42.06 41.57
C ASP C 125 -22.24 43.55 41.31
N LYS C 126 -22.43 44.37 42.35
CA LYS C 126 -22.24 45.81 42.18
C LYS C 126 -20.78 46.14 41.85
N GLU C 127 -19.84 45.47 42.53
CA GLU C 127 -18.44 45.76 42.23
C GLU C 127 -18.03 45.21 40.87
N GLN C 128 -18.60 44.09 40.44
CA GLN C 128 -18.35 43.65 39.07
C GLN C 128 -18.95 44.64 38.07
N ARG C 129 -20.09 45.24 38.41
CA ARG C 129 -20.68 46.26 37.55
C ARG C 129 -19.73 47.44 37.38
N LEU C 130 -19.20 47.95 38.50
CA LEU C 130 -18.31 49.11 38.39
C LEU C 130 -17.00 48.73 37.69
N PHE C 131 -16.53 47.49 37.88
CA PHE C 131 -15.35 47.05 37.15
C PHE C 131 -15.60 46.95 35.66
N PHE C 132 -16.80 46.52 35.26
CA PHE C 132 -17.14 46.35 33.85
C PHE C 132 -17.58 47.66 33.20
N THR C 133 -17.85 48.70 33.98
CA THR C 133 -18.01 50.03 33.42
C THR C 133 -16.70 50.79 33.34
N TYR C 134 -15.82 50.64 34.33
CA TYR C 134 -14.51 51.28 34.28
C TYR C 134 -13.73 50.82 33.04
N ASN C 135 -13.89 49.56 32.67
CA ASN C 135 -13.32 49.02 31.45
C ASN C 135 -14.44 48.75 30.45
N PHE C 136 -14.09 48.67 29.17
CA PHE C 136 -15.05 48.33 28.11
C PHE C 136 -16.22 49.31 28.05
N GLY C 137 -16.00 50.55 28.48
CA GLY C 137 -16.98 51.59 28.30
C GLY C 137 -18.33 51.35 28.96
N ASP C 138 -19.39 51.33 28.17
CA ASP C 138 -20.75 51.24 28.69
C ASP C 138 -21.56 50.10 28.08
N VAL C 139 -20.92 49.16 27.37
CA VAL C 139 -21.62 48.00 26.82
C VAL C 139 -22.29 47.27 27.97
N GLU C 140 -23.45 46.66 27.70
CA GLU C 140 -24.31 46.23 28.79
C GLU C 140 -23.94 44.82 29.28
N PRO C 141 -24.19 44.55 30.56
CA PRO C 141 -23.99 43.21 31.13
C PRO C 141 -25.03 42.21 30.69
N GLN C 142 -25.15 41.12 31.45
CA GLN C 142 -26.15 40.08 31.25
C GLN C 142 -25.87 39.22 30.01
N GLY C 143 -24.80 38.42 30.09
CA GLY C 143 -24.57 37.35 29.15
C GLY C 143 -24.61 35.96 29.79
N LYS C 144 -23.75 35.06 29.31
CA LYS C 144 -23.61 33.68 29.83
C LYS C 144 -24.92 32.90 29.69
N TYR C 145 -25.27 32.63 28.43
CA TYR C 145 -26.47 31.89 28.09
C TYR C 145 -26.25 30.38 28.22
N THR C 146 -27.34 29.63 28.08
CA THR C 146 -27.34 28.18 28.06
C THR C 146 -27.75 27.69 26.67
N TYR C 147 -27.05 26.69 26.16
CA TYR C 147 -27.19 26.27 24.78
C TYR C 147 -27.98 24.98 24.68
N PHE C 148 -28.98 24.96 23.80
CA PHE C 148 -29.69 23.73 23.44
C PHE C 148 -29.56 23.51 21.94
N PRO C 149 -28.85 22.48 21.48
CA PRO C 149 -28.74 22.25 20.03
C PRO C 149 -29.92 21.46 19.48
N VAL C 150 -30.33 21.82 18.26
CA VAL C 150 -31.44 21.15 17.58
C VAL C 150 -31.19 21.22 16.07
N LYS C 151 -31.52 20.14 15.36
CA LYS C 151 -31.17 20.09 13.94
C LYS C 151 -32.30 19.67 13.01
N GLU C 152 -33.17 18.74 13.41
CA GLU C 152 -34.12 18.12 12.49
C GLU C 152 -35.55 18.28 13.00
N PHE C 153 -36.46 18.68 12.11
CA PHE C 153 -37.85 18.91 12.49
C PHE C 153 -38.64 17.61 12.52
N HIS C 154 -38.86 17.02 11.35
CA HIS C 154 -39.33 15.66 11.24
C HIS C 154 -38.26 14.81 10.56
N LYS C 155 -37.81 15.24 9.39
CA LYS C 155 -36.54 14.83 8.81
C LYS C 155 -35.99 16.00 8.01
N TYR C 156 -34.79 15.79 7.48
CA TYR C 156 -34.22 16.44 6.30
C TYR C 156 -33.94 17.94 6.38
N CYS C 157 -34.36 18.64 7.45
CA CYS C 157 -33.63 19.77 8.06
C CYS C 157 -34.51 20.52 9.06
N ILE C 158 -33.93 21.51 9.75
CA ILE C 158 -34.68 22.61 10.34
C ILE C 158 -34.17 23.91 9.75
N LEU C 159 -32.88 24.17 9.96
CA LEU C 159 -32.18 25.34 9.44
C LEU C 159 -32.36 25.37 7.93
N PRO C 160 -32.27 26.54 7.29
CA PRO C 160 -32.14 26.58 5.84
C PRO C 160 -31.19 25.51 5.36
N PRO C 161 -31.66 24.58 4.55
CA PRO C 161 -30.88 23.36 4.30
C PRO C 161 -29.61 23.61 3.54
N LEU C 162 -28.63 24.21 4.21
CA LEU C 162 -27.31 24.33 3.64
C LEU C 162 -26.62 22.98 3.76
N ILE C 163 -27.24 21.96 3.17
CA ILE C 163 -26.69 20.61 3.25
C ILE C 163 -25.39 20.55 2.47
N LYS C 164 -24.49 19.68 2.90
CA LYS C 164 -23.18 19.57 2.28
C LYS C 164 -23.01 18.18 1.68
N THR C 165 -22.60 18.14 0.41
CA THR C 165 -22.26 16.88 -0.25
C THR C 165 -20.77 16.66 -0.06
N ASN C 166 -20.41 15.87 0.97
CA ASN C 166 -19.04 15.69 1.39
C ASN C 166 -18.31 14.58 0.65
N ILE C 167 -18.68 14.29 -0.60
CA ILE C 167 -17.97 13.26 -1.35
C ILE C 167 -16.57 13.76 -1.69
N LYS C 168 -15.65 12.82 -1.93
CA LYS C 168 -14.24 13.11 -2.14
C LYS C 168 -13.92 13.12 -3.64
N ASP C 169 -12.62 13.05 -3.96
CA ASP C 169 -12.18 12.76 -5.33
C ASP C 169 -12.53 13.82 -6.36
N GLY C 170 -11.81 14.94 -6.36
CA GLY C 170 -12.02 15.90 -7.44
C GLY C 170 -11.80 17.37 -7.14
N GLU C 171 -11.38 17.72 -5.93
CA GLU C 171 -10.94 19.10 -5.68
C GLU C 171 -9.76 19.45 -6.59
N SER C 172 -9.61 20.75 -6.85
CA SER C 172 -8.62 21.22 -7.81
C SER C 172 -7.20 20.75 -7.48
N GLY C 173 -6.65 21.20 -6.36
CA GLY C 173 -5.26 20.90 -6.09
C GLY C 173 -4.91 20.32 -4.73
N GLU C 174 -5.79 20.45 -3.75
CA GLU C 174 -5.48 20.09 -2.38
C GLU C 174 -6.36 18.93 -1.90
N PHE C 175 -6.10 18.50 -0.67
CA PHE C 175 -6.81 17.38 -0.05
C PHE C 175 -8.29 17.64 0.15
N LEU C 176 -8.75 18.87 -0.09
CA LEU C 176 -10.14 19.23 0.14
C LEU C 176 -11.07 18.33 -0.70
N LYS C 177 -12.33 18.31 -0.30
CA LYS C 177 -13.35 17.51 -0.96
C LYS C 177 -14.50 18.41 -1.40
N TYR C 178 -15.59 17.79 -1.84
CA TYR C 178 -16.69 18.50 -2.47
C TYR C 178 -17.53 19.25 -1.44
N GLN C 179 -18.03 20.42 -1.83
CA GLN C 179 -18.91 21.20 -0.98
C GLN C 179 -20.02 21.80 -1.84
N LEU C 180 -21.24 21.81 -1.30
CA LEU C 180 -22.41 22.34 -1.98
C LEU C 180 -23.22 23.19 -1.01
N ASN C 181 -22.57 24.16 -0.37
CA ASN C 181 -23.23 24.96 0.65
C ASN C 181 -24.26 25.85 -0.06
N LYS C 182 -25.46 25.31 -0.23
CA LYS C 182 -26.45 25.84 -1.16
C LYS C 182 -27.34 26.89 -0.49
N GLU C 183 -27.94 27.73 -1.33
CA GLU C 183 -28.71 28.89 -0.90
C GLU C 183 -30.12 28.44 -0.47
N GLU C 184 -30.97 29.41 -0.12
CA GLU C 184 -32.33 29.12 0.33
C GLU C 184 -33.26 28.77 -0.83
N TYR C 185 -32.85 29.08 -2.06
CA TYR C 185 -33.67 28.73 -3.21
C TYR C 185 -33.68 27.24 -3.51
N LYS C 186 -33.06 26.41 -2.66
CA LYS C 186 -33.04 24.98 -2.87
C LYS C 186 -34.44 24.37 -2.82
N VAL C 187 -35.44 25.15 -2.39
CA VAL C 187 -36.72 24.66 -1.90
C VAL C 187 -37.24 23.49 -2.70
N PHE C 188 -37.59 22.40 -2.01
CA PHE C 188 -37.94 21.14 -2.63
C PHE C 188 -39.44 21.06 -2.93
N LEU C 189 -39.82 19.94 -3.51
CA LEU C 189 -41.18 19.64 -3.96
C LEU C 189 -41.94 18.86 -2.89
N SER C 190 -43.16 18.46 -3.24
CA SER C 190 -44.00 17.62 -2.38
C SER C 190 -43.62 16.16 -2.55
N SER C 191 -44.50 15.26 -2.09
CA SER C 191 -44.31 13.82 -2.19
C SER C 191 -44.24 13.32 -3.63
N VAL C 192 -44.25 14.21 -4.62
CA VAL C 192 -44.27 13.81 -6.03
C VAL C 192 -43.10 12.89 -6.34
N GLY C 193 -41.91 13.25 -5.88
CA GLY C 193 -40.73 12.44 -6.14
C GLY C 193 -40.03 12.02 -4.87
N SER C 194 -39.73 10.73 -4.74
CA SER C 194 -39.14 10.18 -3.52
C SER C 194 -37.83 9.48 -3.87
N GLN C 195 -36.76 10.27 -4.03
CA GLN C 195 -35.40 9.78 -4.06
C GLN C 195 -34.48 10.99 -3.96
N MET C 196 -33.50 10.93 -3.07
CA MET C 196 -32.67 12.10 -2.79
C MET C 196 -31.90 12.56 -4.03
N THR C 197 -31.26 11.61 -4.72
CA THR C 197 -30.50 11.98 -5.92
C THR C 197 -31.41 12.52 -7.00
N ALA C 198 -32.63 11.99 -7.09
CA ALA C 198 -33.59 12.47 -8.07
C ALA C 198 -33.93 13.94 -7.84
N ILE C 199 -34.36 14.27 -6.62
CA ILE C 199 -34.69 15.65 -6.30
C ILE C 199 -33.44 16.53 -6.43
N LYS C 200 -32.27 15.94 -6.20
CA LYS C 200 -31.03 16.68 -6.37
C LYS C 200 -30.83 17.13 -7.81
N ASN C 201 -30.97 16.22 -8.78
CA ASN C 201 -30.77 16.63 -10.17
C ASN C 201 -31.95 17.43 -10.69
N LEU C 202 -33.11 17.31 -10.04
CA LEU C 202 -34.31 18.02 -10.49
C LEU C 202 -34.14 19.53 -10.43
N TYR C 203 -33.62 20.06 -9.34
CA TYR C 203 -33.75 21.51 -9.18
C TYR C 203 -32.65 22.30 -9.87
N SER C 204 -31.96 21.75 -10.86
CA SER C 204 -30.96 22.51 -11.60
C SER C 204 -31.64 23.46 -12.60
N THR C 205 -32.27 24.52 -12.10
CA THR C 205 -33.04 25.43 -12.95
C THR C 205 -32.14 26.48 -13.62
N VAL C 206 -31.51 27.34 -12.82
CA VAL C 206 -30.71 28.43 -13.37
C VAL C 206 -29.28 28.39 -12.82
N GLU C 207 -29.10 28.58 -11.52
CA GLU C 207 -27.80 28.42 -10.85
C GLU C 207 -26.69 29.18 -11.59
N ASP C 208 -26.81 30.52 -11.57
CA ASP C 208 -25.95 31.40 -12.35
C ASP C 208 -24.48 31.07 -12.17
N GLU C 209 -23.84 30.63 -13.26
CA GLU C 209 -22.40 30.44 -13.38
C GLU C 209 -21.93 29.26 -12.52
N GLN C 210 -22.83 28.69 -11.74
CA GLN C 210 -22.53 27.49 -10.97
C GLN C 210 -23.31 26.26 -11.41
N ARG C 211 -24.18 26.39 -12.41
CA ARG C 211 -24.99 25.26 -12.86
C ARG C 211 -24.14 24.16 -13.48
N LYS C 212 -23.23 24.50 -14.40
CA LYS C 212 -22.56 23.49 -15.19
C LYS C 212 -21.58 22.68 -14.35
N GLN C 213 -20.82 23.34 -13.48
CA GLN C 213 -19.93 22.59 -12.58
C GLN C 213 -20.73 21.79 -11.56
N LEU C 214 -21.91 22.27 -11.17
CA LEU C 214 -22.75 21.47 -10.29
C LEU C 214 -23.19 20.18 -10.98
N LEU C 215 -23.67 20.28 -12.22
CA LEU C 215 -24.04 19.06 -12.95
C LEU C 215 -22.81 18.21 -13.24
N LYS C 216 -21.64 18.84 -13.39
CA LYS C 216 -20.38 18.12 -13.51
C LYS C 216 -20.16 17.22 -12.31
N VAL C 217 -20.22 17.79 -11.10
CA VAL C 217 -20.01 16.96 -9.92
C VAL C 217 -21.17 15.98 -9.73
N ILE C 218 -22.35 16.31 -10.25
CA ILE C 218 -23.49 15.39 -10.16
C ILE C 218 -23.22 14.13 -10.98
N ILE C 219 -23.02 14.28 -12.29
CA ILE C 219 -22.68 13.14 -13.13
C ILE C 219 -21.36 12.49 -12.71
N GLU C 220 -20.50 13.23 -12.00
CA GLU C 220 -19.26 12.67 -11.51
C GLU C 220 -19.51 11.65 -10.40
N ASN C 221 -20.10 12.09 -9.30
CA ASN C 221 -20.06 11.30 -8.07
C ASN C 221 -21.41 10.74 -7.66
N GLU C 222 -22.35 10.60 -8.59
CA GLU C 222 -23.50 9.75 -8.31
C GLU C 222 -23.08 8.28 -8.22
N SER C 223 -21.93 7.94 -8.80
CA SER C 223 -21.33 6.63 -8.63
C SER C 223 -20.52 6.65 -7.33
N THR C 224 -19.72 5.61 -7.09
CA THR C 224 -18.91 5.45 -5.88
C THR C 224 -19.83 5.21 -4.68
N ASN C 225 -21.15 5.26 -4.91
CA ASN C 225 -22.15 4.79 -3.95
C ASN C 225 -22.08 5.54 -2.62
N ASP C 226 -22.08 6.87 -2.69
CA ASP C 226 -22.16 7.68 -1.48
C ASP C 226 -22.53 9.12 -1.85
N ILE C 227 -23.54 9.64 -1.16
CA ILE C 227 -24.01 11.01 -1.31
C ILE C 227 -24.46 11.49 0.05
N SER C 228 -23.89 12.60 0.53
CA SER C 228 -24.16 13.09 1.87
C SER C 228 -24.88 14.43 1.85
N VAL C 229 -25.57 14.72 2.95
CA VAL C 229 -26.30 15.99 3.09
C VAL C 229 -25.83 16.76 4.32
N GLN C 230 -26.11 16.24 5.52
CA GLN C 230 -25.59 16.77 6.78
C GLN C 230 -25.76 18.28 6.92
N CYS C 231 -27.03 18.70 7.14
CA CYS C 231 -27.19 20.14 7.34
C CYS C 231 -26.97 20.51 8.80
N PRO C 232 -26.50 21.74 9.06
CA PRO C 232 -25.97 22.07 10.40
C PRO C 232 -27.03 22.19 11.48
N THR C 233 -26.60 22.61 12.66
CA THR C 233 -27.42 22.67 13.86
C THR C 233 -27.68 24.12 14.27
N TYR C 234 -28.66 24.29 15.15
CA TYR C 234 -29.01 25.60 15.66
C TYR C 234 -29.11 25.54 17.18
N ASN C 235 -28.62 26.59 17.84
CA ASN C 235 -28.49 26.62 19.30
C ASN C 235 -29.46 27.63 19.88
N ILE C 236 -30.42 27.15 20.68
CA ILE C 236 -31.26 28.03 21.47
C ILE C 236 -30.47 28.51 22.68
N LYS C 237 -30.62 29.78 23.03
CA LYS C 237 -29.72 30.46 23.96
C LYS C 237 -30.48 31.15 25.08
N LEU C 238 -31.39 30.43 25.73
CA LEU C 238 -32.16 31.04 26.80
C LEU C 238 -31.38 31.03 28.12
N HIS C 239 -31.75 31.96 29.00
CA HIS C 239 -31.27 31.94 30.38
C HIS C 239 -32.01 30.84 31.14
N TYR C 240 -31.26 30.01 31.87
CA TYR C 240 -31.85 28.82 32.44
C TYR C 240 -32.80 29.16 33.59
N THR C 241 -32.31 29.83 34.63
CA THR C 241 -33.14 30.03 35.81
C THR C 241 -34.11 31.20 35.67
N LYS C 242 -33.91 32.07 34.68
CA LYS C 242 -34.83 33.18 34.46
C LYS C 242 -36.10 32.77 33.71
N GLU C 243 -36.08 31.62 33.03
CA GLU C 243 -37.25 31.16 32.28
C GLU C 243 -37.65 29.73 32.55
N CYS C 244 -36.99 29.01 33.46
CA CYS C 244 -37.36 27.63 33.77
C CYS C 244 -37.42 27.39 35.28
N ALA C 245 -37.65 28.45 36.06
CA ALA C 245 -37.74 28.33 37.50
C ALA C 245 -38.88 27.39 37.89
N ASN C 246 -40.10 27.79 37.58
CA ASN C 246 -41.25 26.89 37.64
C ASN C 246 -41.36 26.17 36.29
N SER C 247 -42.50 25.56 35.99
CA SER C 247 -42.72 24.90 34.70
C SER C 247 -41.73 23.76 34.49
N ASN C 248 -41.93 22.71 35.28
CA ASN C 248 -41.09 21.51 35.28
C ASN C 248 -41.13 20.84 33.91
N ASN C 249 -40.37 19.75 33.74
CA ASN C 249 -40.26 19.09 32.44
C ASN C 249 -39.67 20.05 31.42
N ILE C 250 -38.35 20.27 31.50
CA ILE C 250 -37.59 21.30 30.81
C ILE C 250 -38.14 21.56 29.41
N LEU C 251 -38.50 20.49 28.71
CA LEU C 251 -39.10 20.61 27.38
C LEU C 251 -40.21 21.66 27.37
N LYS C 252 -41.01 21.70 28.44
CA LYS C 252 -42.09 22.68 28.52
C LYS C 252 -41.56 24.11 28.54
N CYS C 253 -40.56 24.39 29.37
CA CYS C 253 -40.07 25.77 29.45
C CYS C 253 -39.36 26.16 28.15
N ILE C 254 -38.72 25.18 27.50
CA ILE C 254 -38.11 25.47 26.20
C ILE C 254 -39.18 25.83 25.17
N ASP C 255 -40.28 25.07 25.12
CA ASP C 255 -41.28 25.35 24.10
C ASP C 255 -42.00 26.67 24.39
N GLU C 256 -42.29 26.95 25.67
CA GLU C 256 -42.93 28.21 25.99
C GLU C 256 -42.02 29.39 25.72
N PHE C 257 -40.70 29.22 25.88
CA PHE C 257 -39.79 30.26 25.41
C PHE C 257 -39.80 30.36 23.90
N LEU C 258 -39.99 29.24 23.20
CA LEU C 258 -40.01 29.25 21.76
C LEU C 258 -41.24 29.96 21.20
N ARG C 259 -42.36 29.89 21.90
CA ARG C 259 -43.56 30.56 21.42
C ARG C 259 -43.65 32.01 21.87
N LYS C 260 -42.70 32.48 22.67
CA LYS C 260 -42.61 33.91 23.02
C LYS C 260 -41.64 34.66 22.14
N THR C 261 -41.13 33.97 21.15
CA THR C 261 -40.19 34.56 20.24
C THR C 261 -40.81 34.55 18.90
N CYS C 262 -41.89 35.28 18.82
CA CYS C 262 -42.60 35.48 17.60
C CYS C 262 -42.85 36.97 17.78
N GLU C 263 -44.11 37.37 17.90
CA GLU C 263 -44.47 38.78 18.16
C GLU C 263 -43.89 39.98 17.37
N LYS C 264 -44.53 40.40 16.26
CA LYS C 264 -44.01 41.58 15.57
C LYS C 264 -42.52 41.76 15.83
N LYS C 265 -41.75 40.85 15.24
CA LYS C 265 -40.30 40.84 15.41
C LYS C 265 -39.70 42.18 14.99
N THR C 266 -39.36 43.01 16.00
CA THR C 266 -38.60 44.24 15.83
C THR C 266 -37.68 44.47 17.02
N GLU C 267 -37.26 43.42 17.70
CA GLU C 267 -36.80 43.52 19.08
C GLU C 267 -35.46 44.28 19.15
N SER C 268 -35.00 44.48 20.39
CA SER C 268 -33.72 45.12 20.64
C SER C 268 -32.99 44.32 21.71
N LYS C 269 -31.72 44.03 21.44
CA LYS C 269 -30.85 43.19 22.27
C LYS C 269 -31.54 41.91 22.73
N HIS C 270 -32.27 41.23 21.85
CA HIS C 270 -32.76 39.88 22.10
C HIS C 270 -32.25 38.99 20.99
N PRO C 271 -30.95 38.72 20.96
CA PRO C 271 -30.34 38.03 19.81
C PRO C 271 -30.62 36.53 19.87
N SER C 272 -30.19 35.84 18.82
CA SER C 272 -30.44 34.41 18.67
C SER C 272 -31.92 34.12 18.80
N ALA C 273 -32.74 34.94 18.13
CA ALA C 273 -34.19 34.86 18.20
C ALA C 273 -34.83 34.88 16.82
N ASP C 274 -34.15 34.41 15.79
CA ASP C 274 -34.74 34.37 14.46
C ASP C 274 -35.27 32.99 14.15
N LEU C 275 -35.38 32.17 15.16
CA LEU C 275 -35.81 30.84 14.91
C LEU C 275 -37.25 30.74 14.45
N CYS C 276 -38.14 31.67 14.86
CA CYS C 276 -39.56 31.65 14.41
C CYS C 276 -39.44 31.80 12.91
N GLU C 277 -38.71 32.79 12.45
CA GLU C 277 -38.46 32.94 11.04
C GLU C 277 -37.95 31.70 10.30
N HIS C 278 -36.86 31.08 10.73
CA HIS C 278 -36.35 29.95 9.92
C HIS C 278 -37.25 28.80 9.60
N LEU C 279 -38.16 28.57 10.50
CA LEU C 279 -39.20 27.53 10.47
C LEU C 279 -40.38 27.98 9.61
N GLN C 280 -40.68 29.28 9.64
CA GLN C 280 -41.67 29.81 8.70
C GLN C 280 -41.25 29.52 7.28
N PHE C 281 -40.00 29.86 6.94
CA PHE C 281 -39.46 29.53 5.62
C PHE C 281 -39.59 28.05 5.31
N LEU C 282 -39.65 27.20 6.33
CA LEU C 282 -39.80 25.78 6.09
C LEU C 282 -41.26 25.37 6.00
N PHE C 283 -42.14 26.03 6.75
CA PHE C 283 -43.53 25.58 6.80
C PHE C 283 -44.27 25.93 5.52
N GLU C 284 -44.01 27.12 4.97
CA GLU C 284 -44.63 27.55 3.73
C GLU C 284 -44.16 26.76 2.52
N SER C 285 -43.32 25.74 2.71
CA SER C 285 -42.62 25.06 1.63
C SER C 285 -42.96 23.58 1.52
N LEU C 286 -43.75 23.04 2.45
CA LEU C 286 -43.96 21.60 2.50
C LEU C 286 -45.40 21.18 2.19
N LYS C 287 -46.37 21.65 2.96
CA LYS C 287 -47.71 21.05 2.91
C LYS C 287 -48.59 21.89 3.83
N ASN C 288 -49.89 21.62 3.81
CA ASN C 288 -50.75 22.49 4.59
C ASN C 288 -51.63 21.75 5.62
N PRO C 289 -51.14 20.70 6.30
CA PRO C 289 -51.62 20.45 7.66
C PRO C 289 -50.62 20.97 8.69
N TYR C 290 -49.44 21.36 8.19
CA TYR C 290 -48.37 21.83 9.04
C TYR C 290 -48.57 23.29 9.45
N LEU C 291 -49.06 24.13 8.54
CA LEU C 291 -49.47 25.46 8.95
C LEU C 291 -50.63 25.39 9.93
N ASP C 292 -51.54 24.43 9.74
CA ASP C 292 -52.70 24.31 10.62
C ASP C 292 -52.29 23.97 12.04
N ASN C 293 -51.63 22.83 12.22
CA ASN C 293 -51.23 22.41 13.57
C ASN C 293 -50.18 23.36 14.14
N PHE C 294 -49.37 23.98 13.29
CA PHE C 294 -48.41 24.96 13.77
C PHE C 294 -49.10 26.19 14.36
N LYS C 295 -50.12 26.72 13.69
CA LYS C 295 -50.74 27.94 14.19
C LYS C 295 -51.71 27.66 15.32
N LYS C 296 -52.30 26.46 15.38
CA LYS C 296 -53.06 26.10 16.57
C LYS C 296 -52.14 25.84 17.74
N PHE C 297 -50.89 25.41 17.45
CA PHE C 297 -49.90 25.27 18.51
C PHE C 297 -49.67 26.60 19.22
N MET C 298 -49.46 27.67 18.46
CA MET C 298 -49.36 28.99 19.05
C MET C 298 -50.72 29.43 19.58
N THR C 299 -50.71 30.05 20.77
CA THR C 299 -51.89 30.66 21.38
C THR C 299 -52.95 29.61 21.72
N ASN C 300 -52.48 28.47 22.24
CA ASN C 300 -53.35 27.51 22.91
C ASN C 300 -52.75 26.96 24.19
N SER C 301 -51.43 27.07 24.38
CA SER C 301 -50.74 26.80 25.65
C SER C 301 -50.64 25.31 25.96
N ASP C 302 -51.22 24.45 25.13
CA ASP C 302 -51.03 23.00 25.29
C ASP C 302 -50.78 22.39 23.92
N PHE C 303 -49.53 22.49 23.47
CA PHE C 303 -49.06 21.78 22.27
C PHE C 303 -47.54 21.64 22.42
N THR C 304 -47.09 20.43 22.74
CA THR C 304 -45.68 20.17 22.88
C THR C 304 -45.13 19.65 21.56
N LEU C 305 -43.92 20.11 21.21
CA LEU C 305 -43.26 19.67 19.98
C LEU C 305 -41.77 19.43 20.17
N ILE C 306 -41.27 19.42 21.40
CA ILE C 306 -39.83 19.31 21.61
C ILE C 306 -39.37 17.86 21.52
N LYS C 307 -40.15 16.93 22.06
CA LYS C 307 -40.05 15.51 21.70
C LYS C 307 -38.63 14.95 21.83
N PRO C 308 -38.19 14.60 23.04
CA PRO C 308 -36.85 14.05 23.21
C PRO C 308 -36.60 12.85 22.29
N GLN C 309 -35.35 12.73 21.82
CA GLN C 309 -34.98 11.76 20.80
C GLN C 309 -34.08 10.66 21.35
N SER C 310 -34.01 10.49 22.67
CA SER C 310 -33.12 9.50 23.27
C SER C 310 -33.66 9.15 24.66
N VAL C 311 -32.83 8.49 25.46
CA VAL C 311 -33.27 8.02 26.77
C VAL C 311 -32.87 8.93 27.92
N TRP C 312 -31.99 9.91 27.69
CA TRP C 312 -31.71 10.98 28.66
C TRP C 312 -31.16 10.41 29.98
N ASN C 313 -29.94 9.92 29.90
CA ASN C 313 -29.27 9.32 31.05
C ASN C 313 -28.82 10.41 32.03
N VAL C 314 -28.00 10.03 33.00
CA VAL C 314 -27.85 10.77 34.27
C VAL C 314 -27.24 12.15 34.12
N PRO C 315 -26.00 12.32 33.62
CA PRO C 315 -25.42 13.67 33.57
C PRO C 315 -26.10 14.51 32.50
N ILE C 316 -26.99 15.41 32.94
CA ILE C 316 -27.82 16.14 32.00
C ILE C 316 -27.02 17.21 31.28
N PHE C 317 -26.50 18.18 32.03
CA PHE C 317 -25.81 19.32 31.44
C PHE C 317 -24.29 19.17 31.56
N ASP C 318 -23.59 19.69 30.57
CA ASP C 318 -22.13 19.67 30.51
C ASP C 318 -21.61 21.07 30.82
N ILE C 319 -21.48 21.37 32.12
CA ILE C 319 -21.00 22.67 32.55
C ILE C 319 -19.53 22.82 32.16
N TYR C 320 -19.11 24.07 31.99
CA TYR C 320 -17.75 24.40 31.59
C TYR C 320 -16.90 24.69 32.81
N LYS C 321 -15.69 24.11 32.83
CA LYS C 321 -14.77 24.28 33.94
C LYS C 321 -13.38 24.57 33.39
N PRO C 322 -12.70 25.60 33.88
CA PRO C 322 -11.33 25.87 33.43
C PRO C 322 -10.37 24.84 33.99
N LYS C 323 -9.14 24.90 33.48
CA LYS C 323 -8.11 23.97 33.92
C LYS C 323 -6.75 24.48 33.51
N ASN C 324 -5.72 24.07 34.25
CA ASN C 324 -4.34 24.38 33.93
C ASN C 324 -3.79 23.51 32.79
N TYR C 325 -4.67 22.84 32.05
CA TYR C 325 -4.28 21.95 30.97
C TYR C 325 -4.40 22.59 29.58
N LEU C 326 -4.80 23.86 29.51
CA LEU C 326 -4.93 24.58 28.25
C LEU C 326 -5.89 23.85 27.30
N ASP C 327 -7.17 23.90 27.69
CA ASP C 327 -8.26 23.23 26.98
C ASP C 327 -8.05 23.27 25.48
N SER C 328 -8.21 22.10 24.85
CA SER C 328 -7.69 21.85 23.51
C SER C 328 -8.50 22.64 22.47
N VAL C 329 -8.19 22.41 21.20
CA VAL C 329 -8.76 23.19 20.10
C VAL C 329 -10.28 23.11 20.04
N GLN C 330 -10.90 22.24 20.83
CA GLN C 330 -12.35 22.19 20.91
C GLN C 330 -12.87 23.42 21.66
N ASN C 331 -13.17 24.49 20.94
CA ASN C 331 -13.73 25.69 21.54
C ASN C 331 -15.04 26.01 20.84
N LEU C 332 -16.04 26.40 21.63
CA LEU C 332 -17.37 26.67 21.12
C LEU C 332 -17.70 28.15 21.12
N ASP C 333 -17.64 28.80 22.29
CA ASP C 333 -17.84 30.23 22.43
C ASP C 333 -17.61 30.60 23.89
N THR C 334 -17.23 31.85 24.13
CA THR C 334 -17.11 32.33 25.50
C THR C 334 -18.42 32.96 25.96
N GLU C 335 -19.50 32.20 25.75
CA GLU C 335 -20.79 32.43 26.39
C GLU C 335 -21.44 31.16 26.89
N CYS C 336 -21.02 29.99 26.40
CA CYS C 336 -21.64 28.72 26.72
C CYS C 336 -21.37 28.34 28.17
N PHE C 337 -22.32 28.61 29.06
CA PHE C 337 -22.15 28.23 30.45
C PHE C 337 -22.49 26.76 30.66
N LYS C 338 -23.64 26.33 30.16
CA LYS C 338 -24.03 24.92 30.19
C LYS C 338 -24.27 24.45 28.76
N LYS C 339 -24.67 23.20 28.65
CA LYS C 339 -24.84 22.55 27.35
C LYS C 339 -25.47 21.19 27.60
N LEU C 340 -26.16 20.67 26.60
CA LEU C 340 -26.73 19.33 26.68
C LEU C 340 -25.62 18.31 26.47
N ASN C 341 -25.68 17.22 27.22
CA ASN C 341 -24.54 16.29 27.36
C ASN C 341 -24.14 15.64 26.04
N SER C 342 -24.91 15.88 24.97
CA SER C 342 -24.72 15.36 23.62
C SER C 342 -25.13 13.90 23.52
N LYS C 343 -25.48 13.24 24.63
CA LYS C 343 -26.19 11.98 24.58
C LYS C 343 -27.66 12.15 24.90
N ASN C 344 -28.13 13.39 25.01
CA ASN C 344 -29.54 13.73 25.14
C ASN C 344 -29.90 14.65 23.98
N LEU C 345 -30.82 14.21 23.13
CA LEU C 345 -31.09 14.89 21.87
C LEU C 345 -32.51 15.46 21.85
N ILE C 346 -32.75 16.36 20.90
CA ILE C 346 -34.00 17.09 20.78
C ILE C 346 -34.31 17.30 19.30
N PHE C 347 -35.57 17.07 18.92
CA PHE C 347 -36.01 17.31 17.55
C PHE C 347 -37.47 17.72 17.56
N LEU C 348 -37.81 18.67 16.68
CA LEU C 348 -39.09 19.38 16.75
C LEU C 348 -40.16 18.63 15.96
N SER C 349 -40.92 17.79 16.63
CA SER C 349 -41.87 16.92 15.95
C SER C 349 -43.30 17.18 16.41
N PHE C 350 -44.24 16.91 15.51
CA PHE C 350 -45.66 16.88 15.81
C PHE C 350 -46.16 15.45 15.81
N HIS C 351 -47.23 15.20 16.57
CA HIS C 351 -47.90 13.90 16.59
C HIS C 351 -46.93 12.78 16.96
N ASP C 352 -46.37 12.88 18.16
CA ASP C 352 -45.40 11.91 18.63
C ASP C 352 -45.72 11.62 20.11
N ASP C 353 -44.82 10.90 20.77
CA ASP C 353 -45.00 10.52 22.17
C ASP C 353 -43.77 10.90 22.98
N ILE C 354 -43.99 11.14 24.27
CA ILE C 354 -42.92 11.49 25.21
C ILE C 354 -42.84 10.39 26.28
N PRO C 355 -41.91 9.45 26.16
CA PRO C 355 -41.82 8.38 27.16
C PRO C 355 -41.47 8.93 28.53
N ASN C 356 -41.91 8.21 29.56
CA ASN C 356 -41.72 8.66 30.93
C ASN C 356 -40.28 8.42 31.35
N ASN C 357 -39.60 9.48 31.76
CA ASN C 357 -38.22 9.42 32.20
C ASN C 357 -38.09 10.30 33.44
N PRO C 358 -37.46 9.81 34.51
CA PRO C 358 -37.36 10.59 35.74
C PRO C 358 -36.31 11.68 35.74
N TYR C 359 -35.74 12.02 34.57
CA TYR C 359 -34.68 13.01 34.50
C TYR C 359 -35.11 14.27 33.75
N TYR C 360 -36.41 14.46 33.52
CA TYR C 360 -36.87 15.68 32.88
C TYR C 360 -37.09 16.82 33.85
N ASN C 361 -36.97 16.58 35.15
CA ASN C 361 -37.25 17.60 36.14
C ASN C 361 -36.25 18.74 36.03
N VAL C 362 -36.69 19.95 36.40
CA VAL C 362 -35.84 21.12 36.45
C VAL C 362 -35.35 21.26 37.89
N GLU C 363 -34.08 20.97 38.11
CA GLU C 363 -33.47 21.10 39.42
C GLU C 363 -32.44 22.21 39.37
N LEU C 364 -32.54 23.13 40.32
CA LEU C 364 -31.69 24.31 40.37
C LEU C 364 -30.82 24.27 41.62
N GLN C 365 -29.85 25.18 41.66
CA GLN C 365 -28.97 25.26 42.81
C GLN C 365 -29.71 25.85 44.01
N GLU C 366 -29.59 25.19 45.16
CA GLU C 366 -30.17 25.69 46.40
C GLU C 366 -29.15 26.60 47.06
N ILE C 367 -29.60 27.78 47.50
CA ILE C 367 -28.68 28.72 48.13
C ILE C 367 -28.29 28.22 49.51
N VAL C 368 -27.03 28.47 49.89
CA VAL C 368 -26.47 28.02 51.15
C VAL C 368 -25.68 29.18 51.78
N LYS C 369 -25.18 28.93 52.98
CA LYS C 369 -24.67 30.00 53.83
C LYS C 369 -23.28 30.50 53.43
N LEU C 370 -22.70 29.93 52.37
CA LEU C 370 -21.38 30.33 51.83
C LEU C 370 -20.24 29.86 52.73
N SER C 371 -20.55 29.37 53.92
CA SER C 371 -19.55 28.72 54.75
C SER C 371 -19.66 27.21 54.67
N THR C 372 -20.87 26.67 54.76
CA THR C 372 -21.07 25.25 54.56
C THR C 372 -20.76 24.83 53.13
N TYR C 373 -20.93 25.75 52.17
CA TYR C 373 -20.56 25.43 50.80
C TYR C 373 -19.05 25.32 50.65
N THR C 374 -18.32 26.32 51.15
CA THR C 374 -16.86 26.28 51.09
C THR C 374 -16.31 25.09 51.84
N TYR C 375 -16.95 24.70 52.95
CA TYR C 375 -16.47 23.56 53.72
C TYR C 375 -16.84 22.24 53.07
N SER C 376 -17.93 22.21 52.30
CA SER C 376 -18.35 20.98 51.65
C SER C 376 -17.54 20.63 50.42
N ILE C 377 -16.72 21.55 49.91
CA ILE C 377 -15.80 21.28 48.81
C ILE C 377 -14.42 21.75 49.26
N PHE C 378 -13.67 20.85 49.89
CA PHE C 378 -12.33 21.19 50.36
C PHE C 378 -11.58 19.93 50.76
N ASP C 379 -10.36 19.77 50.26
CA ASP C 379 -9.48 18.70 50.70
C ASP C 379 -8.07 19.22 50.78
N LYS C 380 -7.33 18.74 51.78
CA LYS C 380 -6.02 19.26 52.08
C LYS C 380 -5.02 19.03 50.96
N LEU C 381 -5.20 17.95 50.19
CA LEU C 381 -4.19 17.52 49.24
C LEU C 381 -3.85 18.62 48.24
N TYR C 382 -4.86 19.29 47.71
CA TYR C 382 -4.58 20.30 46.69
C TYR C 382 -3.85 21.51 47.22
N ASN C 383 -3.46 21.57 48.49
CA ASN C 383 -2.61 22.64 49.00
C ASN C 383 -1.14 22.25 49.01
N PHE C 384 -0.80 21.06 48.51
CA PHE C 384 0.59 20.63 48.50
C PHE C 384 1.48 21.66 47.82
N PHE C 385 1.06 22.15 46.66
CA PHE C 385 1.86 23.13 45.93
C PHE C 385 2.19 24.34 46.78
N PHE C 386 1.27 24.73 47.66
CA PHE C 386 1.50 25.94 48.45
C PHE C 386 2.32 25.69 49.70
N VAL C 387 2.51 24.42 50.08
CA VAL C 387 3.45 24.10 51.14
C VAL C 387 4.86 24.00 50.61
N PHE C 388 5.01 23.39 49.44
CA PHE C 388 6.32 23.25 48.79
C PHE C 388 7.05 24.58 48.73
N LYS C 389 6.45 25.57 48.05
CA LYS C 389 7.07 26.88 47.92
C LYS C 389 7.33 27.52 49.28
N LYS C 390 6.55 27.16 50.30
CA LYS C 390 6.78 27.74 51.62
C LYS C 390 7.92 27.07 52.36
N SER C 391 8.21 25.81 52.03
CA SER C 391 9.33 25.11 52.64
C SER C 391 10.57 25.06 51.76
N GLY C 392 10.42 25.19 50.45
CA GLY C 392 11.54 25.13 49.55
C GLY C 392 12.21 23.77 49.58
N ALA C 393 13.54 23.79 49.43
CA ALA C 393 14.39 22.61 49.49
C ALA C 393 14.03 21.59 48.42
N PRO C 394 14.29 21.89 47.14
CA PRO C 394 14.04 20.89 46.08
C PRO C 394 15.16 19.87 46.05
N ILE C 395 14.78 18.58 46.09
CA ILE C 395 15.77 17.51 46.07
C ILE C 395 16.54 17.54 44.74
N SER C 396 17.73 16.97 44.75
CA SER C 396 18.60 16.91 43.59
C SER C 396 18.76 15.48 43.09
N PRO C 397 18.87 15.28 41.77
CA PRO C 397 19.07 13.93 41.23
C PRO C 397 20.37 13.27 41.67
N VAL C 398 20.61 12.04 41.23
CA VAL C 398 21.58 11.18 41.90
C VAL C 398 22.93 11.13 41.17
N SER C 399 22.97 11.34 39.85
CA SER C 399 24.26 11.54 39.18
C SER C 399 25.20 10.34 39.28
N VAL C 400 25.01 9.33 38.41
CA VAL C 400 25.50 7.96 38.54
C VAL C 400 26.87 7.81 39.21
N LYS C 401 27.75 8.80 39.08
CA LYS C 401 29.02 8.73 39.81
C LYS C 401 28.79 8.49 41.30
N GLU C 402 27.80 9.17 41.88
CA GLU C 402 27.46 8.91 43.28
C GLU C 402 26.80 7.55 43.46
N LEU C 403 26.18 7.02 42.41
CA LEU C 403 25.47 5.75 42.53
C LEU C 403 26.43 4.60 42.72
N SER C 404 27.62 4.67 42.12
CA SER C 404 28.60 3.60 42.28
C SER C 404 29.28 3.63 43.64
N HIS C 405 29.15 4.74 44.39
CA HIS C 405 29.70 4.81 45.73
C HIS C 405 28.73 4.32 46.79
N ASN C 406 27.44 4.18 46.46
CA ASN C 406 26.42 3.81 47.43
C ASN C 406 25.87 2.41 47.23
N ILE C 407 26.10 1.79 46.09
CA ILE C 407 25.58 0.45 45.78
C ILE C 407 26.73 -0.54 45.91
N THR C 408 26.46 -1.68 46.57
CA THR C 408 27.55 -2.59 46.91
C THR C 408 27.25 -4.05 46.59
N ASP C 409 26.23 -4.36 45.80
CA ASP C 409 25.92 -5.75 45.52
C ASP C 409 26.04 -6.11 44.04
N PHE C 410 25.28 -5.44 43.17
CA PHE C 410 25.26 -5.75 41.73
C PHE C 410 24.94 -7.22 41.44
N SER C 411 24.11 -7.85 42.24
CA SER C 411 24.01 -9.31 42.24
C SER C 411 22.86 -9.89 41.42
N PHE C 412 21.88 -9.08 41.02
CA PHE C 412 20.79 -9.48 40.10
C PHE C 412 19.70 -10.34 40.71
N LYS C 413 19.58 -10.41 42.04
CA LYS C 413 18.31 -10.71 42.72
C LYS C 413 17.42 -11.78 42.08
N GLU C 414 17.91 -13.01 41.91
CA GLU C 414 17.11 -14.00 41.16
C GLU C 414 16.09 -14.74 42.02
N ASP C 415 16.55 -15.53 42.99
CA ASP C 415 15.68 -16.11 44.02
C ASP C 415 14.47 -16.89 43.50
N ASN C 416 14.67 -18.08 42.94
CA ASN C 416 13.58 -18.82 42.32
C ASN C 416 13.09 -20.01 43.16
N SER C 417 12.96 -19.81 44.47
CA SER C 417 12.62 -20.89 45.41
C SER C 417 11.15 -21.29 45.37
N GLU C 418 10.71 -22.05 46.38
CA GLU C 418 9.36 -22.61 46.47
C GLU C 418 8.54 -21.89 47.52
N ILE C 419 7.24 -22.23 47.55
CA ILE C 419 6.25 -21.57 48.41
C ILE C 419 5.82 -22.53 49.51
N GLN C 420 5.56 -21.99 50.71
CA GLN C 420 5.15 -22.77 51.87
C GLN C 420 3.65 -22.64 52.06
N CYS C 421 2.91 -23.73 51.76
CA CYS C 421 1.45 -23.72 51.73
C CYS C 421 0.82 -23.70 53.11
N GLN C 422 1.60 -23.57 54.19
CA GLN C 422 1.06 -23.81 55.52
C GLN C 422 0.05 -22.76 55.95
N ASN C 423 0.34 -21.49 55.73
CA ASN C 423 -0.39 -20.40 56.38
C ASN C 423 -0.80 -19.32 55.39
N VAL C 424 -1.42 -19.73 54.28
CA VAL C 424 -1.85 -18.78 53.26
C VAL C 424 -3.32 -18.41 53.32
N ARG C 425 -4.15 -19.18 54.03
CA ARG C 425 -5.55 -18.80 54.25
C ARG C 425 -6.34 -18.61 52.97
N LYS C 426 -6.69 -19.71 52.29
CA LYS C 426 -7.42 -19.69 51.04
C LYS C 426 -8.55 -18.67 51.04
N SER C 427 -8.45 -17.67 50.15
CA SER C 427 -9.49 -16.68 49.96
C SER C 427 -9.95 -16.59 48.51
N LEU C 428 -9.00 -16.63 47.58
CA LEU C 428 -9.28 -16.36 46.17
C LEU C 428 -10.30 -17.36 45.63
N ASP C 429 -11.04 -16.90 44.62
CA ASP C 429 -12.03 -17.74 43.94
C ASP C 429 -12.08 -17.31 42.49
N LEU C 430 -11.72 -18.21 41.57
CA LEU C 430 -11.59 -17.90 40.16
C LEU C 430 -12.86 -18.23 39.37
N GLU C 431 -14.03 -18.18 40.00
CA GLU C 431 -15.27 -18.53 39.33
C GLU C 431 -16.21 -17.34 39.13
N VAL C 432 -15.92 -16.19 39.74
CA VAL C 432 -16.74 -15.00 39.53
C VAL C 432 -16.32 -14.32 38.23
N ASP C 433 -17.30 -13.94 37.42
CA ASP C 433 -17.01 -13.18 36.21
C ASP C 433 -16.67 -11.74 36.56
N VAL C 434 -16.37 -10.94 35.54
CA VAL C 434 -15.79 -9.62 35.76
C VAL C 434 -16.85 -8.58 36.08
N GLU C 435 -18.00 -8.61 35.38
CA GLU C 435 -19.04 -7.63 35.64
C GLU C 435 -19.54 -7.70 37.07
N THR C 436 -19.67 -8.92 37.61
CA THR C 436 -20.03 -9.07 39.01
C THR C 436 -18.98 -8.42 39.91
N MET C 437 -17.70 -8.58 39.57
CA MET C 437 -16.64 -7.95 40.36
C MET C 437 -16.75 -6.44 40.33
N LYS C 438 -17.01 -5.86 39.16
CA LYS C 438 -17.17 -4.42 39.06
C LYS C 438 -18.33 -3.93 39.91
N GLY C 439 -19.48 -4.61 39.82
CA GLY C 439 -20.60 -4.23 40.65
C GLY C 439 -20.28 -4.29 42.13
N ILE C 440 -19.65 -5.38 42.57
CA ILE C 440 -19.37 -5.55 43.99
C ILE C 440 -18.35 -4.54 44.47
N ALA C 441 -17.37 -4.18 43.63
CA ALA C 441 -16.40 -3.18 44.01
C ALA C 441 -17.06 -1.81 44.20
N ALA C 442 -17.91 -1.43 43.25
CA ALA C 442 -18.62 -0.16 43.39
C ALA C 442 -19.48 -0.16 44.65
N GLU C 443 -20.15 -1.27 44.93
CA GLU C 443 -21.01 -1.33 46.12
C GLU C 443 -20.18 -1.23 47.40
N LYS C 444 -19.03 -1.88 47.43
CA LYS C 444 -18.18 -1.82 48.62
C LYS C 444 -17.68 -0.40 48.87
N LEU C 445 -17.27 0.30 47.81
CA LEU C 445 -16.82 1.67 47.99
C LEU C 445 -17.96 2.57 48.44
N CYS C 446 -19.17 2.34 47.92
CA CYS C 446 -20.31 3.13 48.36
C CYS C 446 -20.60 2.89 49.83
N LYS C 447 -20.48 1.64 50.29
CA LYS C 447 -20.70 1.37 51.71
C LYS C 447 -19.64 2.06 52.58
N ILE C 448 -18.38 2.05 52.13
CA ILE C 448 -17.33 2.72 52.87
C ILE C 448 -17.62 4.22 52.99
N ILE C 449 -18.06 4.83 51.89
CA ILE C 449 -18.39 6.26 51.93
C ILE C 449 -19.56 6.51 52.87
N GLU C 450 -20.60 5.68 52.80
CA GLU C 450 -21.73 5.81 53.70
C GLU C 450 -21.29 5.77 55.15
N LYS C 451 -20.34 4.89 55.48
CA LYS C 451 -19.84 4.82 56.84
C LYS C 451 -19.05 6.07 57.22
N PHE C 452 -18.20 6.57 56.31
CA PHE C 452 -17.37 7.72 56.64
C PHE C 452 -18.18 9.00 56.80
N ILE C 453 -19.27 9.15 56.05
CA ILE C 453 -20.01 10.41 56.10
C ILE C 453 -20.54 10.68 57.50
N LEU C 454 -21.29 9.75 58.06
CA LEU C 454 -21.88 9.97 59.37
C LEU C 454 -20.84 9.81 60.47
N THR C 455 -20.31 10.93 60.95
CA THR C 455 -19.31 10.95 62.02
C THR C 455 -19.92 11.62 63.23
N LYS C 456 -19.76 11.01 64.40
CA LYS C 456 -20.37 11.56 65.62
C LYS C 456 -19.74 12.91 65.97
N ASP C 457 -20.60 13.90 66.18
CA ASP C 457 -22.05 13.73 66.06
C ASP C 457 -22.59 14.60 64.92
N ASP C 458 -21.68 15.23 64.18
CA ASP C 458 -22.03 16.24 63.17
C ASP C 458 -22.84 17.38 63.79
N ALA C 459 -22.46 17.79 64.99
CA ALA C 459 -23.16 18.88 65.66
C ALA C 459 -22.63 20.23 65.19
N SER C 460 -23.54 21.19 65.05
CA SER C 460 -23.15 22.54 64.65
C SER C 460 -22.45 23.26 65.80
N LYS C 461 -21.38 23.99 65.47
CA LYS C 461 -20.89 24.16 64.10
C LYS C 461 -19.77 23.20 63.73
N PRO C 462 -19.90 22.55 62.57
CA PRO C 462 -18.77 21.79 62.02
C PRO C 462 -17.75 22.74 61.40
N GLU C 463 -16.58 22.84 62.03
CA GLU C 463 -15.65 23.91 61.66
C GLU C 463 -14.93 23.61 60.34
N LYS C 464 -14.08 22.58 60.31
CA LYS C 464 -13.39 22.21 59.09
C LYS C 464 -12.72 20.85 59.26
N SER C 465 -12.93 19.94 58.32
CA SER C 465 -12.33 18.61 58.39
C SER C 465 -11.76 18.24 57.03
N ASP C 466 -10.91 17.23 57.04
CA ASP C 466 -10.36 16.66 55.82
C ASP C 466 -10.96 15.29 55.58
N ILE C 467 -10.79 14.79 54.36
CA ILE C 467 -11.18 13.43 54.04
C ILE C 467 -10.56 12.48 55.05
N HIS C 468 -11.37 11.58 55.60
CA HIS C 468 -10.92 10.71 56.68
C HIS C 468 -9.64 9.98 56.30
N ARG C 469 -8.70 9.96 57.24
CA ARG C 469 -7.35 9.47 56.97
C ARG C 469 -7.38 7.98 56.64
N GLY C 470 -7.00 7.63 55.43
CA GLY C 470 -6.96 6.25 54.99
C GLY C 470 -7.99 5.84 53.97
N PHE C 471 -8.58 6.80 53.25
CA PHE C 471 -9.62 6.48 52.28
C PHE C 471 -9.04 6.22 50.90
N ARG C 472 -8.10 7.07 50.46
CA ARG C 472 -7.50 6.89 49.15
C ARG C 472 -6.78 5.55 49.05
N ILE C 473 -6.24 5.10 50.15
CA ILE C 473 -5.62 3.85 50.16
C ILE C 473 -6.64 2.81 49.98
N LEU C 474 -7.89 3.05 50.29
CA LEU C 474 -8.88 2.06 50.04
C LEU C 474 -9.28 2.11 48.61
N CYS C 475 -9.54 3.21 47.95
CA CYS C 475 -9.86 3.17 46.54
C CYS C 475 -8.81 2.59 45.74
N ILE C 476 -7.59 3.04 45.90
CA ILE C 476 -6.55 2.53 45.14
C ILE C 476 -6.39 1.11 45.46
N LEU C 477 -6.39 0.64 46.67
CA LEU C 477 -6.27 -0.79 46.86
C LEU C 477 -7.38 -1.62 46.40
N ILE C 478 -8.59 -1.14 46.26
CA ILE C 478 -9.68 -1.98 45.80
C ILE C 478 -9.77 -1.94 44.34
N SER C 479 -9.16 -0.98 43.68
CA SER C 479 -9.12 -0.92 42.25
C SER C 479 -8.04 -1.63 41.65
N THR C 480 -6.91 -1.78 42.26
CA THR C 480 -5.83 -2.66 41.84
C THR C 480 -6.24 -4.12 41.92
N HIS C 481 -6.96 -4.49 42.98
CA HIS C 481 -7.48 -5.85 43.11
C HIS C 481 -8.30 -6.24 41.90
N VAL C 482 -9.23 -5.37 41.50
CA VAL C 482 -10.12 -5.73 40.40
C VAL C 482 -9.38 -5.73 39.05
N GLU C 483 -8.47 -4.78 38.84
CA GLU C 483 -7.71 -4.78 37.58
C GLU C 483 -6.85 -6.03 37.46
N ALA C 484 -6.16 -6.43 38.53
CA ALA C 484 -5.35 -7.63 38.48
C ALA C 484 -6.22 -8.86 38.28
N TYR C 485 -7.42 -8.88 38.86
CA TYR C 485 -8.33 -9.99 38.63
C TYR C 485 -8.70 -10.09 37.16
N ASN C 486 -8.98 -8.96 36.52
CA ASN C 486 -9.30 -8.96 35.10
C ASN C 486 -8.14 -9.51 34.28
N ILE C 487 -6.92 -9.06 34.58
CA ILE C 487 -5.75 -9.53 33.83
C ILE C 487 -5.57 -11.03 34.00
N VAL C 488 -5.68 -11.51 35.24
CA VAL C 488 -5.44 -12.93 35.51
C VAL C 488 -6.49 -13.79 34.81
N ARG C 489 -7.75 -13.36 34.83
CA ARG C 489 -8.78 -14.15 34.15
C ARG C 489 -8.66 -14.07 32.65
N GLN C 490 -8.08 -12.99 32.10
CA GLN C 490 -7.85 -12.95 30.66
C GLN C 490 -6.65 -13.79 30.24
N LEU C 491 -5.68 -14.00 31.14
CA LEU C 491 -4.53 -14.82 30.79
C LEU C 491 -4.85 -16.30 30.75
N LEU C 492 -5.92 -16.74 31.41
CA LEU C 492 -6.25 -18.15 31.52
C LEU C 492 -7.37 -18.57 30.58
N ASN C 493 -7.76 -17.72 29.65
CA ASN C 493 -8.84 -17.99 28.70
C ASN C 493 -10.12 -18.38 29.43
N MET C 494 -10.62 -17.44 30.22
CA MET C 494 -11.86 -17.62 30.95
C MET C 494 -12.89 -16.55 30.62
N GLU C 495 -12.60 -15.67 29.67
CA GLU C 495 -13.50 -14.59 29.27
C GLU C 495 -13.75 -14.69 27.79
N SER C 496 -15.02 -14.70 27.39
CA SER C 496 -15.36 -14.79 25.98
C SER C 496 -14.83 -13.58 25.23
N MET C 497 -14.35 -13.80 24.01
CA MET C 497 -13.69 -12.77 23.23
C MET C 497 -14.66 -11.81 22.58
N ILE C 498 -15.94 -11.81 22.97
CA ILE C 498 -16.90 -10.85 22.47
C ILE C 498 -17.37 -9.89 23.56
N SER C 499 -17.19 -10.21 24.83
CA SER C 499 -17.53 -9.29 25.90
C SER C 499 -16.31 -8.99 26.76
N LEU C 500 -15.18 -8.72 26.13
CA LEU C 500 -14.00 -8.33 26.87
C LEU C 500 -14.17 -6.93 27.43
N THR C 501 -13.24 -6.52 28.30
CA THR C 501 -13.29 -5.20 28.91
C THR C 501 -11.89 -4.74 29.25
N ARG C 502 -11.47 -3.63 28.67
CA ARG C 502 -10.28 -2.93 29.13
C ARG C 502 -10.63 -1.98 30.26
N TYR C 503 -9.72 -1.83 31.22
CA TYR C 503 -9.81 -0.79 32.23
C TYR C 503 -11.13 -0.90 33.01
N THR C 504 -11.24 -1.96 33.80
CA THR C 504 -12.35 -2.02 34.76
C THR C 504 -12.46 -0.74 35.57
N SER C 505 -11.33 -0.05 35.78
CA SER C 505 -11.29 1.20 36.50
C SER C 505 -11.91 2.35 35.72
N LEU C 506 -12.48 2.09 34.55
CA LEU C 506 -13.43 3.04 33.98
C LEU C 506 -14.75 3.00 34.74
N TYR C 507 -15.30 1.81 34.91
CA TYR C 507 -16.63 1.71 35.50
C TYR C 507 -16.68 2.34 36.88
N ILE C 508 -15.57 2.34 37.61
CA ILE C 508 -15.55 3.03 38.89
C ILE C 508 -15.49 4.53 38.68
N HIS C 509 -14.54 4.99 37.86
CA HIS C 509 -14.36 6.42 37.60
C HIS C 509 -15.69 7.07 37.25
N LYS C 510 -16.28 6.65 36.13
CA LYS C 510 -17.58 7.18 35.73
C LYS C 510 -18.61 7.06 36.84
N PHE C 511 -18.67 5.90 37.49
CA PHE C 511 -19.74 5.67 38.46
C PHE C 511 -19.66 6.63 39.63
N PHE C 512 -18.52 7.25 39.86
CA PHE C 512 -18.40 8.18 40.99
C PHE C 512 -18.40 9.62 40.55
N LYS C 513 -18.53 9.90 39.26
CA LYS C 513 -18.72 11.27 38.82
C LYS C 513 -20.19 11.66 38.85
N SER C 514 -21.10 10.69 38.93
CA SER C 514 -22.53 10.94 38.93
C SER C 514 -23.24 10.05 39.94
N VAL C 515 -22.68 9.93 41.14
CA VAL C 515 -23.29 9.05 42.13
C VAL C 515 -24.35 9.79 42.94
N THR C 516 -24.24 11.11 43.06
CA THR C 516 -25.24 11.92 43.74
C THR C 516 -26.28 12.46 42.77
N LEU C 517 -26.53 11.73 41.69
CA LEU C 517 -27.56 12.14 40.74
C LEU C 517 -28.44 10.96 40.31
N LEU C 518 -28.31 9.80 40.94
CA LEU C 518 -29.04 8.59 40.55
C LEU C 518 -30.18 8.36 41.52
N LYS C 519 -31.35 8.02 40.98
CA LYS C 519 -32.50 7.75 41.83
C LYS C 519 -32.27 6.49 42.67
N GLY C 520 -32.66 6.57 43.93
CA GLY C 520 -32.61 5.39 44.80
C GLY C 520 -31.23 4.80 44.99
N ASN C 521 -30.22 5.64 45.18
CA ASN C 521 -28.84 5.19 45.33
C ASN C 521 -28.34 5.32 46.77
N PHE C 522 -29.17 5.88 47.66
CA PHE C 522 -28.88 6.10 49.07
C PHE C 522 -27.88 7.22 49.25
N LEU C 523 -27.27 7.67 48.15
CA LEU C 523 -26.51 8.91 48.13
C LEU C 523 -27.10 9.73 46.98
N TYR C 524 -28.20 10.41 47.27
CA TYR C 524 -28.93 11.13 46.24
C TYR C 524 -28.64 12.63 46.25
N LYS C 525 -28.89 13.29 47.37
CA LYS C 525 -28.60 14.71 47.50
C LYS C 525 -27.90 14.96 48.82
N ASN C 526 -26.87 14.14 49.10
CA ASN C 526 -26.26 14.16 50.43
C ASN C 526 -25.40 15.40 50.64
N ASN C 527 -24.77 15.91 49.59
CA ASN C 527 -23.97 17.14 49.63
C ASN C 527 -22.73 16.98 50.49
N LYS C 528 -22.55 15.81 51.11
CA LYS C 528 -21.34 15.49 51.83
C LYS C 528 -20.51 14.43 51.15
N ALA C 529 -21.07 13.71 50.19
CA ALA C 529 -20.37 12.66 49.48
C ALA C 529 -19.67 13.15 48.23
N ILE C 530 -19.72 14.44 47.94
CA ILE C 530 -19.15 14.94 46.69
C ILE C 530 -17.63 14.90 46.73
N ARG C 531 -17.04 15.45 47.78
CA ARG C 531 -15.59 15.42 47.92
C ARG C 531 -15.07 14.02 48.25
N TYR C 532 -15.94 13.10 48.62
CA TYR C 532 -15.54 11.70 48.78
C TYR C 532 -15.63 10.93 47.48
N SER C 533 -16.49 11.40 46.64
CA SER C 533 -16.67 10.85 45.39
C SER C 533 -15.78 11.46 44.48
N ARG C 534 -15.34 12.67 44.66
CA ARG C 534 -14.41 13.23 43.73
C ARG C 534 -13.05 12.75 44.01
N ALA C 535 -12.73 12.46 45.23
CA ALA C 535 -11.46 11.97 45.58
C ALA C 535 -11.37 10.68 45.00
N CYS C 536 -12.32 9.86 45.21
CA CYS C 536 -12.39 8.58 44.60
C CYS C 536 -12.47 8.34 43.17
N SER C 537 -12.65 9.33 42.35
CA SER C 537 -12.69 9.16 41.01
C SER C 537 -11.47 9.80 40.42
N LYS C 538 -10.76 10.67 41.11
CA LYS C 538 -9.52 11.06 40.54
C LYS C 538 -8.53 9.98 40.83
N ALA C 539 -8.78 8.91 41.59
CA ALA C 539 -7.69 7.90 41.59
C ALA C 539 -7.95 6.76 40.56
N SER C 540 -8.94 6.02 40.76
CA SER C 540 -9.21 5.02 39.74
C SER C 540 -8.53 5.36 38.43
N LEU C 541 -8.39 6.65 38.14
CA LEU C 541 -7.64 7.06 36.95
C LEU C 541 -6.16 6.74 37.10
N HIS C 542 -5.63 6.84 38.32
CA HIS C 542 -4.20 6.63 38.47
C HIS C 542 -3.77 5.17 38.54
N VAL C 543 -4.69 4.23 38.70
CA VAL C 543 -4.26 2.81 38.73
C VAL C 543 -3.85 2.22 37.38
N PRO C 544 -4.68 2.28 36.32
CA PRO C 544 -4.30 1.64 35.07
C PRO C 544 -3.25 2.41 34.27
N SER C 545 -2.88 3.61 34.70
CA SER C 545 -1.74 4.29 34.08
C SER C 545 -0.44 3.62 34.46
N VAL C 546 -0.40 3.01 35.65
CA VAL C 546 0.74 2.19 36.04
C VAL C 546 0.61 0.79 35.46
N LEU C 547 -0.58 0.19 35.54
CA LEU C 547 -0.67 -1.22 35.13
C LEU C 547 -0.59 -1.43 33.61
N TYR C 548 -0.60 -0.37 32.81
CA TYR C 548 -0.50 -0.47 31.36
C TYR C 548 0.44 0.64 30.90
N ARG C 549 1.53 0.31 30.22
CA ARG C 549 2.37 1.49 30.00
C ARG C 549 2.92 1.63 28.59
N ARG C 550 3.10 0.54 27.84
CA ARG C 550 3.54 0.68 26.45
C ARG C 550 4.92 1.35 26.29
N ASN C 551 5.99 0.60 26.54
CA ASN C 551 7.35 1.13 26.53
C ASN C 551 7.69 1.82 25.21
N ILE C 552 8.85 2.49 25.22
CA ILE C 552 9.21 3.45 24.17
C ILE C 552 9.64 2.79 22.86
N TYR C 553 10.17 1.57 22.89
CA TYR C 553 10.78 0.99 21.70
C TYR C 553 9.79 0.16 20.87
N ILE C 554 9.11 -0.79 21.49
CA ILE C 554 8.13 -1.60 20.80
C ILE C 554 6.76 -1.40 21.45
N PRO C 555 6.02 -0.36 21.09
CA PRO C 555 4.76 -0.05 21.77
C PRO C 555 3.65 -0.98 21.33
N GLU C 556 3.17 -1.80 22.27
CA GLU C 556 2.04 -2.68 22.04
C GLU C 556 1.46 -3.08 23.39
N THR C 557 0.34 -3.79 23.37
CA THR C 557 -0.34 -4.22 24.59
C THR C 557 0.13 -5.61 24.99
N PHE C 558 0.20 -5.85 26.30
CA PHE C 558 0.94 -7.04 26.72
C PHE C 558 0.19 -7.98 27.66
N LEU C 559 -0.65 -7.46 28.56
CA LEU C 559 -1.35 -8.28 29.56
C LEU C 559 -0.36 -9.01 30.48
N SER C 560 0.33 -8.23 31.30
CA SER C 560 1.23 -8.75 32.32
C SER C 560 0.97 -8.04 33.64
N LEU C 561 1.60 -8.54 34.71
CA LEU C 561 1.45 -7.96 36.04
C LEU C 561 2.66 -7.17 36.50
N TYR C 562 3.78 -7.24 35.78
CA TYR C 562 4.96 -6.46 36.16
C TYR C 562 5.55 -5.64 35.02
N LEU C 563 5.08 -5.78 33.78
CA LEU C 563 5.68 -5.02 32.69
C LEU C 563 5.34 -3.54 32.76
N GLY C 564 4.22 -3.19 33.39
CA GLY C 564 3.86 -1.80 33.50
C GLY C 564 4.83 -1.01 34.37
N LEU C 565 5.20 -1.57 35.52
CA LEU C 565 6.22 -0.92 36.36
C LEU C 565 7.54 -0.82 35.62
N SER C 566 7.93 -1.86 34.90
CA SER C 566 9.21 -1.83 34.20
C SER C 566 9.22 -0.79 33.09
N ASN C 567 8.10 -0.59 32.41
CA ASN C 567 8.04 0.45 31.39
C ASN C 567 7.93 1.84 31.97
N LEU C 568 7.22 1.99 33.10
CA LEU C 568 7.07 3.30 33.72
C LEU C 568 8.39 3.77 34.34
N VAL C 569 9.13 2.84 34.92
CA VAL C 569 10.34 3.19 35.67
C VAL C 569 11.62 2.98 34.86
N SER C 570 11.56 2.21 33.77
CA SER C 570 12.69 1.99 32.86
C SER C 570 13.76 1.11 33.49
N SER C 571 13.33 0.09 34.23
CA SER C 571 14.26 -0.84 34.85
C SER C 571 13.53 -2.15 35.10
N ASN C 572 14.28 -3.15 35.47
CA ASN C 572 13.73 -4.46 35.72
C ASN C 572 13.69 -4.77 37.21
N PRO C 573 12.76 -5.61 37.67
CA PRO C 573 12.67 -5.89 39.10
C PRO C 573 13.88 -6.62 39.67
N SER C 574 14.62 -7.37 38.87
CA SER C 574 15.80 -8.07 39.35
C SER C 574 17.06 -7.23 39.33
N SER C 575 17.02 -6.07 38.69
CA SER C 575 18.18 -5.20 38.59
C SER C 575 18.55 -4.61 39.95
N PRO C 576 19.83 -4.32 40.17
CA PRO C 576 20.22 -3.63 41.41
C PRO C 576 19.87 -2.15 41.45
N PHE C 577 19.30 -1.59 40.38
CA PHE C 577 18.97 -0.16 40.34
C PHE C 577 17.47 0.09 40.42
N PHE C 578 16.67 -0.90 40.82
CA PHE C 578 15.23 -0.76 40.73
C PHE C 578 14.67 0.26 41.73
N GLU C 579 15.12 0.21 42.97
CA GLU C 579 14.59 1.12 43.98
C GLU C 579 15.02 2.55 43.71
N TYR C 580 16.27 2.75 43.29
CA TYR C 580 16.72 4.09 42.95
C TYR C 580 15.90 4.65 41.79
N ALA C 581 15.58 3.83 40.81
CA ALA C 581 14.80 4.29 39.67
C ALA C 581 13.38 4.65 40.08
N ILE C 582 12.78 3.87 40.98
CA ILE C 582 11.44 4.21 41.46
C ILE C 582 11.46 5.55 42.21
N ILE C 583 12.42 5.70 43.12
CA ILE C 583 12.45 6.92 43.92
C ILE C 583 12.76 8.14 43.05
N GLU C 584 13.57 7.97 42.00
CA GLU C 584 13.84 9.10 41.12
C GLU C 584 12.62 9.46 40.28
N PHE C 585 11.85 8.44 39.85
CA PHE C 585 10.59 8.73 39.18
C PHE C 585 9.68 9.56 40.07
N LEU C 586 9.64 9.24 41.36
CA LEU C 586 8.82 10.03 42.28
C LEU C 586 9.40 11.43 42.49
N VAL C 587 10.72 11.55 42.54
CA VAL C 587 11.36 12.84 42.75
C VAL C 587 11.04 13.80 41.62
N THR C 588 10.91 13.29 40.39
CA THR C 588 10.56 14.18 39.29
C THR C 588 9.20 14.85 39.50
N TYR C 589 8.32 14.26 40.30
CA TYR C 589 7.02 14.85 40.61
C TYR C 589 7.02 15.62 41.92
N TYR C 590 7.85 15.23 42.88
CA TYR C 590 7.93 15.96 44.13
C TYR C 590 8.31 17.41 43.88
N ASN C 591 9.35 17.62 43.10
CA ASN C 591 9.64 18.97 42.63
C ASN C 591 8.50 19.48 41.76
N LYS C 592 8.49 20.79 41.55
CA LYS C 592 7.47 21.54 40.82
C LYS C 592 6.18 21.65 41.63
N GLY C 593 6.03 20.85 42.66
CA GLY C 593 4.85 20.92 43.50
C GLY C 593 3.76 20.15 42.80
N SER C 594 3.36 18.99 43.29
CA SER C 594 2.40 18.21 42.54
C SER C 594 1.80 17.09 43.38
N GLU C 595 0.47 16.98 43.35
CA GLU C 595 -0.20 15.93 44.11
C GLU C 595 -0.06 14.57 43.46
N LYS C 596 0.45 14.50 42.23
CA LYS C 596 0.68 13.21 41.58
C LYS C 596 1.67 12.35 42.36
N PHE C 597 2.54 12.98 43.14
CA PHE C 597 3.55 12.26 43.91
C PHE C 597 2.93 11.25 44.86
N VAL C 598 1.95 11.69 45.65
CA VAL C 598 1.29 10.83 46.62
C VAL C 598 0.56 9.69 45.93
N LEU C 599 -0.21 10.01 44.88
CA LEU C 599 -1.03 9.00 44.23
C LEU C 599 -0.17 7.94 43.55
N TYR C 600 0.92 8.35 42.90
CA TYR C 600 1.78 7.39 42.24
C TYR C 600 2.54 6.54 43.26
N PHE C 601 2.96 7.15 44.37
CA PHE C 601 3.50 6.39 45.50
C PHE C 601 2.58 5.23 45.86
N ILE C 602 1.33 5.55 46.18
CA ILE C 602 0.39 4.54 46.64
C ILE C 602 0.14 3.49 45.56
N SER C 603 0.03 3.92 44.31
CA SER C 603 -0.27 2.97 43.23
C SER C 603 0.86 1.98 43.03
N ILE C 604 2.11 2.45 43.06
CA ILE C 604 3.24 1.55 42.88
C ILE C 604 3.32 0.54 44.03
N ILE C 605 3.18 1.01 45.28
CA ILE C 605 3.24 0.08 46.40
C ILE C 605 2.12 -0.95 46.30
N SER C 606 0.93 -0.52 45.86
CA SER C 606 -0.20 -1.44 45.76
C SER C 606 0.06 -2.52 44.71
N VAL C 607 0.61 -2.14 43.55
CA VAL C 607 0.91 -3.14 42.53
C VAL C 607 1.92 -4.15 43.06
N LEU C 608 2.94 -3.66 43.78
CA LEU C 608 3.93 -4.57 44.34
C LEU C 608 3.29 -5.55 45.33
N TYR C 609 2.36 -5.08 46.16
CA TYR C 609 1.72 -5.99 47.10
C TYR C 609 0.80 -6.99 46.40
N ILE C 610 0.15 -6.56 45.32
CA ILE C 610 -0.85 -7.42 44.69
C ILE C 610 -0.15 -8.53 43.93
N ASN C 611 1.07 -8.29 43.43
CA ASN C 611 1.87 -9.36 42.84
C ASN C 611 2.03 -10.53 43.80
N GLU C 612 2.52 -10.26 45.00
CA GLU C 612 2.79 -11.31 45.97
C GLU C 612 1.54 -11.83 46.64
N TYR C 613 0.42 -11.12 46.53
CA TYR C 613 -0.86 -11.73 46.91
C TYR C 613 -1.24 -12.82 45.91
N TYR C 614 -1.32 -12.47 44.62
CA TYR C 614 -1.78 -13.43 43.62
C TYR C 614 -0.83 -14.59 43.46
N TYR C 615 0.49 -14.36 43.59
CA TYR C 615 1.45 -15.43 43.40
C TYR C 615 1.20 -16.58 44.36
N GLU C 616 1.11 -16.27 45.66
CA GLU C 616 0.90 -17.33 46.64
C GLU C 616 -0.55 -17.77 46.75
N GLN C 617 -1.51 -16.99 46.24
CA GLN C 617 -2.87 -17.50 46.20
C GLN C 617 -3.09 -18.46 45.05
N LEU C 618 -2.31 -18.35 43.98
CA LEU C 618 -2.39 -19.32 42.89
C LEU C 618 -1.47 -20.51 43.07
N SER C 619 -0.29 -20.30 43.67
CA SER C 619 0.66 -21.40 43.82
C SER C 619 0.14 -22.47 44.77
N CYS C 620 -0.75 -22.09 45.69
CA CYS C 620 -1.17 -22.99 46.76
C CYS C 620 -2.47 -23.72 46.48
N PHE C 621 -3.29 -23.25 45.54
CA PHE C 621 -4.60 -23.84 45.32
C PHE C 621 -4.96 -24.11 43.87
N TYR C 622 -4.27 -23.50 42.90
CA TYR C 622 -4.53 -23.73 41.48
C TYR C 622 -3.22 -24.05 40.80
N PRO C 623 -2.72 -25.28 40.97
CA PRO C 623 -1.40 -25.61 40.43
C PRO C 623 -1.30 -25.58 38.91
N LYS C 624 -2.40 -25.82 38.20
CA LYS C 624 -2.40 -25.78 36.75
C LYS C 624 -2.38 -24.35 36.24
N GLU C 625 -3.34 -23.54 36.70
CA GLU C 625 -3.31 -22.11 36.42
C GLU C 625 -1.97 -21.52 36.79
N PHE C 626 -1.39 -21.98 37.91
CA PHE C 626 -0.10 -21.45 38.33
C PHE C 626 1.00 -21.85 37.38
N GLU C 627 1.04 -23.11 36.93
CA GLU C 627 2.11 -23.50 36.02
C GLU C 627 1.93 -22.82 34.66
N LEU C 628 0.74 -22.28 34.38
CA LEU C 628 0.59 -21.43 33.19
C LEU C 628 1.00 -19.97 33.43
N ILE C 629 0.71 -19.40 34.59
CA ILE C 629 0.86 -17.96 34.83
C ILE C 629 2.06 -17.64 35.71
N LYS C 630 2.93 -18.62 35.96
CA LYS C 630 4.06 -18.40 36.85
C LYS C 630 5.03 -17.34 36.31
N SER C 631 5.08 -17.17 34.99
CA SER C 631 6.06 -16.26 34.39
C SER C 631 5.52 -14.85 34.18
N ARG C 632 4.38 -14.51 34.76
CA ARG C 632 3.82 -13.16 34.66
C ARG C 632 3.82 -12.43 35.99
N MET C 633 4.45 -13.00 37.02
CA MET C 633 4.49 -12.43 38.36
C MET C 633 5.94 -12.43 38.82
N ILE C 634 6.22 -11.83 39.98
CA ILE C 634 7.62 -11.67 40.32
C ILE C 634 8.11 -12.77 41.26
N HIS C 635 7.75 -12.67 42.55
CA HIS C 635 7.94 -13.68 43.58
C HIS C 635 7.54 -13.03 44.89
N PRO C 636 7.11 -13.79 45.90
CA PRO C 636 6.94 -13.18 47.22
C PRO C 636 8.24 -12.85 47.92
N ASN C 637 9.38 -13.35 47.44
CA ASN C 637 10.65 -13.10 48.09
C ASN C 637 11.48 -12.00 47.44
N ILE C 638 11.17 -11.65 46.19
CA ILE C 638 11.82 -10.50 45.59
C ILE C 638 11.09 -9.21 45.98
N VAL C 639 9.77 -9.28 46.09
CA VAL C 639 8.98 -8.12 46.47
C VAL C 639 9.34 -7.67 47.88
N ASP C 640 9.60 -8.62 48.78
CA ASP C 640 9.97 -8.27 50.14
C ASP C 640 11.27 -7.46 50.16
N ARG C 641 12.26 -7.91 49.39
CA ARG C 641 13.53 -7.20 49.34
C ARG C 641 13.38 -5.84 48.69
N ILE C 642 12.54 -5.73 47.66
CA ILE C 642 12.31 -4.44 47.01
C ILE C 642 11.68 -3.46 47.99
N LEU C 643 10.68 -3.92 48.74
CA LEU C 643 10.00 -3.02 49.68
C LEU C 643 10.92 -2.61 50.82
N LYS C 644 11.74 -3.55 51.32
CA LYS C 644 12.73 -3.19 52.34
C LYS C 644 13.71 -2.17 51.80
N GLY C 645 14.19 -2.34 50.57
CA GLY C 645 15.09 -1.37 49.98
C GLY C 645 14.45 0.00 49.87
N ILE C 646 13.19 0.06 49.44
CA ILE C 646 12.51 1.34 49.31
C ILE C 646 12.44 2.04 50.65
N ASP C 647 11.93 1.35 51.68
CA ASP C 647 11.76 2.02 52.97
C ASP C 647 13.09 2.38 53.59
N ASN C 648 14.15 1.58 53.37
CA ASN C 648 15.46 1.96 53.87
C ASN C 648 15.98 3.19 53.15
N LEU C 649 15.74 3.29 51.85
CA LEU C 649 16.27 4.40 51.07
C LEU C 649 15.56 5.71 51.38
N MET C 650 14.27 5.65 51.73
CA MET C 650 13.55 6.88 52.03
C MET C 650 14.11 7.57 53.27
N LYS C 651 14.55 6.82 54.27
CA LYS C 651 15.00 7.39 55.54
C LYS C 651 16.52 7.55 55.61
N SER C 652 17.16 8.23 54.65
CA SER C 652 18.61 8.35 54.74
C SER C 652 19.06 9.67 54.12
N THR C 653 19.16 10.71 54.96
CA THR C 653 19.93 11.94 54.76
C THR C 653 19.57 12.65 53.46
N ARG C 654 18.69 12.03 52.69
CA ARG C 654 18.13 12.55 51.46
C ARG C 654 16.81 11.84 51.29
N TYR C 655 15.96 12.34 50.40
CA TYR C 655 14.65 11.74 50.21
C TYR C 655 13.86 11.75 51.52
N ASP C 656 14.36 12.49 52.52
CA ASP C 656 13.75 12.52 53.84
C ASP C 656 12.60 13.53 53.89
N LYS C 657 12.80 14.69 53.26
CA LYS C 657 11.71 15.63 53.08
C LYS C 657 10.53 14.97 52.39
N MET C 658 10.82 14.08 51.43
CA MET C 658 9.75 13.34 50.76
C MET C 658 8.93 12.55 51.77
N ARG C 659 9.59 11.81 52.65
CA ARG C 659 8.86 10.97 53.59
C ARG C 659 8.09 11.81 54.60
N THR C 660 8.68 12.90 55.07
CA THR C 660 7.96 13.77 56.00
C THR C 660 6.73 14.38 55.34
N MET C 661 6.86 14.83 54.10
CA MET C 661 5.72 15.41 53.39
C MET C 661 4.62 14.37 53.18
N TYR C 662 5.00 13.16 52.76
CA TYR C 662 3.99 12.13 52.57
C TYR C 662 3.26 11.83 53.87
N LEU C 663 4.01 11.62 54.95
CA LEU C 663 3.38 11.38 56.24
C LEU C 663 2.55 12.56 56.71
N ASP C 664 2.83 13.76 56.21
CA ASP C 664 2.01 14.92 56.52
C ASP C 664 0.72 14.92 55.73
N PHE C 665 0.71 14.35 54.52
CA PHE C 665 -0.49 14.40 53.69
C PHE C 665 -1.31 13.12 53.67
N GLU C 666 -0.72 11.97 54.03
CA GLU C 666 -1.44 10.70 53.92
C GLU C 666 -1.05 9.82 55.10
N SER C 667 -1.76 8.71 55.23
CA SER C 667 -1.57 7.80 56.35
C SER C 667 -0.40 6.86 56.07
N SER C 668 0.23 6.43 57.16
CA SER C 668 1.30 5.42 57.08
C SER C 668 0.76 4.01 57.33
N ASP C 669 -0.28 3.63 56.60
CA ASP C 669 -0.76 2.26 56.68
C ASP C 669 -0.19 1.37 55.58
N ILE C 670 0.32 1.97 54.50
CA ILE C 670 1.23 1.24 53.63
C ILE C 670 2.54 1.14 54.39
N PHE C 671 3.46 0.31 53.90
CA PHE C 671 4.68 -0.14 54.58
C PHE C 671 4.34 -1.21 55.61
N SER C 672 3.07 -1.53 55.81
CA SER C 672 2.65 -2.54 56.77
C SER C 672 1.96 -3.66 55.99
N ARG C 673 2.65 -4.79 55.83
CA ARG C 673 2.10 -5.89 55.05
C ARG C 673 0.83 -6.44 55.68
N GLU C 674 0.82 -6.57 57.01
CA GLU C 674 -0.31 -7.22 57.67
C GLU C 674 -1.53 -6.31 57.70
N LYS C 675 -1.33 -4.99 57.65
CA LYS C 675 -2.47 -4.08 57.54
C LYS C 675 -2.97 -3.97 56.11
N VAL C 676 -2.16 -4.32 55.12
CA VAL C 676 -2.59 -4.29 53.73
C VAL C 676 -3.25 -5.59 53.31
N PHE C 677 -2.89 -6.72 53.94
CA PHE C 677 -3.49 -7.98 53.56
C PHE C 677 -4.84 -8.23 54.22
N THR C 678 -5.10 -7.63 55.38
CA THR C 678 -6.42 -7.74 55.96
C THR C 678 -7.47 -7.07 55.10
N ALA C 679 -7.10 -6.01 54.38
CA ALA C 679 -8.05 -5.37 53.47
C ALA C 679 -8.40 -6.28 52.31
N LEU C 680 -7.40 -7.00 51.78
CA LEU C 680 -7.67 -7.93 50.69
C LEU C 680 -8.54 -9.09 51.16
N TYR C 681 -8.23 -9.64 52.34
CA TYR C 681 -9.06 -10.72 52.86
C TYR C 681 -10.47 -10.24 53.18
N ASN C 682 -10.61 -9.01 53.64
CA ASN C 682 -11.94 -8.46 53.91
C ASN C 682 -12.74 -8.30 52.62
N PHE C 683 -12.10 -7.82 51.55
CA PHE C 683 -12.81 -7.69 50.29
C PHE C 683 -13.23 -9.04 49.74
N ASP C 684 -12.36 -10.05 49.88
CA ASP C 684 -12.73 -11.39 49.42
C ASP C 684 -13.90 -11.94 50.22
N SER C 685 -13.89 -11.74 51.54
CA SER C 685 -15.01 -12.20 52.36
C SER C 685 -16.29 -11.49 51.98
N PHE C 686 -16.21 -10.18 51.71
CA PHE C 686 -17.38 -9.43 51.29
C PHE C 686 -17.96 -9.98 49.99
N ILE C 687 -17.08 -10.29 49.03
CA ILE C 687 -17.55 -10.89 47.78
C ILE C 687 -18.29 -12.19 48.05
N LYS C 688 -17.65 -13.08 48.82
CA LYS C 688 -18.28 -14.37 49.10
C LYS C 688 -19.63 -14.22 49.77
N THR C 689 -19.74 -13.33 50.75
CA THR C 689 -21.02 -13.15 51.42
C THR C 689 -22.05 -12.55 50.46
N ASN C 690 -21.80 -11.36 49.96
CA ASN C 690 -22.78 -10.66 49.12
C ASN C 690 -22.54 -10.92 47.63
N GLU C 691 -22.37 -12.20 47.25
CA GLU C 691 -22.45 -12.59 45.86
C GLU C 691 -23.76 -13.27 45.50
N GLN C 692 -24.41 -13.92 46.46
CA GLN C 692 -25.71 -14.53 46.26
C GLN C 692 -26.83 -13.50 46.23
N LEU C 693 -26.50 -12.21 46.37
CA LEU C 693 -27.49 -11.14 46.29
C LEU C 693 -27.23 -10.20 45.13
N LYS C 694 -26.23 -10.49 44.30
CA LYS C 694 -25.77 -9.56 43.27
C LYS C 694 -26.35 -9.98 41.93
N LYS C 695 -27.48 -9.36 41.56
CA LYS C 695 -28.01 -9.46 40.21
C LYS C 695 -28.34 -8.09 39.63
N LYS C 696 -27.67 -7.03 40.05
CA LYS C 696 -27.90 -5.68 39.54
C LYS C 696 -27.53 -5.60 38.07
N ASN C 697 -27.72 -4.43 37.46
CA ASN C 697 -27.68 -4.36 36.00
C ASN C 697 -26.69 -3.32 35.51
N LEU C 698 -25.67 -3.00 36.32
CA LEU C 698 -24.47 -2.36 35.79
C LEU C 698 -24.73 -1.04 35.06
N GLU C 699 -25.07 0.01 35.82
CA GLU C 699 -25.31 1.34 35.27
C GLU C 699 -24.37 1.65 34.10
N GLU C 700 -24.94 2.16 33.02
CA GLU C 700 -24.22 2.31 31.77
C GLU C 700 -23.38 3.58 31.75
N ILE C 701 -22.18 3.48 31.17
CA ILE C 701 -21.22 4.57 31.17
C ILE C 701 -20.95 5.13 29.78
N SER C 702 -21.50 4.55 28.72
CA SER C 702 -21.16 4.95 27.37
C SER C 702 -21.54 6.40 27.10
N GLU C 703 -21.05 6.92 25.97
CA GLU C 703 -21.30 8.30 25.59
C GLU C 703 -22.04 8.41 24.27
N ILE C 704 -22.58 7.30 23.77
CA ILE C 704 -23.32 7.27 22.51
C ILE C 704 -24.81 7.21 22.84
N PRO C 705 -25.63 8.08 22.24
CA PRO C 705 -27.04 8.13 22.64
C PRO C 705 -27.82 6.91 22.15
N VAL C 706 -28.78 6.49 22.96
CA VAL C 706 -29.68 5.40 22.64
C VAL C 706 -30.87 6.01 21.92
N GLN C 707 -31.04 5.68 20.64
CA GLN C 707 -32.01 6.36 19.81
C GLN C 707 -33.40 5.76 19.96
N LEU C 708 -34.41 6.58 19.61
CA LEU C 708 -35.80 6.15 19.53
C LEU C 708 -36.20 6.05 18.07
N GLU C 709 -37.28 5.32 17.81
CA GLU C 709 -37.65 4.89 16.47
C GLU C 709 -37.77 6.05 15.49
N THR C 710 -38.75 6.94 15.71
CA THR C 710 -38.95 8.16 14.93
C THR C 710 -38.97 7.86 13.42
N SER C 711 -40.01 7.12 13.02
CA SER C 711 -40.19 6.70 11.64
C SER C 711 -40.82 7.79 10.78
N ASN C 712 -40.69 9.05 11.20
CA ASN C 712 -41.38 10.17 10.57
C ASN C 712 -40.97 10.32 9.10
N ASP C 713 -41.66 11.24 8.43
CA ASP C 713 -41.58 11.41 6.98
C ASP C 713 -40.16 11.60 6.47
N GLY C 714 -39.65 10.61 5.75
CA GLY C 714 -38.34 10.71 5.12
C GLY C 714 -38.38 10.25 3.68
N ILE C 715 -39.56 9.89 3.21
CA ILE C 715 -39.77 9.38 1.86
C ILE C 715 -39.46 10.45 0.82
#